data_1OTR
#
_entry.id   1OTR
#
loop_
_entity.id
_entity.type
_entity.pdbx_description
1 polymer 'protein Cue2'
2 polymer Ubiquitin
#
loop_
_entity_poly.entity_id
_entity_poly.type
_entity_poly.pdbx_seq_one_letter_code
_entity_poly.pdbx_strand_id
1 'polypeptide(L)' NDDHESKLSILMDMFPAISKSKLQVHLLENNNDLDLTIGLLLKENDDKS A
2 'polypeptide(L)' MQIFVKTLTGKTITLEVESSDTIDNVKSKIQDKEGIPPDQQRLIFAGKQLEDGRTLSDYNIQKESTLHLVLRLRGG B
#
# COMPACT_ATOMS: atom_id res chain seq x y z
N ASN A 1 -4.59 -18.50 -14.85
CA ASN A 1 -4.57 -18.36 -13.40
C ASN A 1 -3.82 -19.53 -12.76
N ASP A 2 -3.03 -19.24 -11.73
CA ASP A 2 -2.26 -20.28 -11.05
C ASP A 2 -2.01 -19.92 -9.59
N ASP A 3 -1.75 -18.64 -9.33
CA ASP A 3 -1.50 -18.19 -7.96
C ASP A 3 -1.92 -16.73 -7.77
N HIS A 4 -3.05 -16.35 -8.37
CA HIS A 4 -3.53 -14.99 -8.24
C HIS A 4 -4.19 -14.79 -6.88
N GLU A 5 -4.66 -15.88 -6.28
CA GLU A 5 -5.32 -15.83 -4.98
C GLU A 5 -4.47 -15.07 -3.97
N SER A 6 -3.16 -15.29 -4.00
CA SER A 6 -2.25 -14.61 -3.08
C SER A 6 -2.36 -13.10 -3.30
N LYS A 7 -2.35 -12.70 -4.56
CA LYS A 7 -2.47 -11.30 -4.92
C LYS A 7 -3.83 -10.76 -4.47
N LEU A 8 -4.86 -11.58 -4.65
CA LEU A 8 -6.20 -11.22 -4.25
C LEU A 8 -6.23 -10.96 -2.76
N SER A 9 -5.49 -11.79 -2.02
CA SER A 9 -5.40 -11.63 -0.57
C SER A 9 -4.82 -10.27 -0.25
N ILE A 10 -3.76 -9.90 -0.98
CA ILE A 10 -3.14 -8.60 -0.79
C ILE A 10 -4.18 -7.51 -0.96
N LEU A 11 -5.04 -7.70 -1.96
CA LEU A 11 -6.10 -6.74 -2.25
C LEU A 11 -7.07 -6.63 -1.08
N MET A 12 -7.45 -7.77 -0.52
CA MET A 12 -8.37 -7.78 0.61
C MET A 12 -7.85 -6.89 1.73
N ASP A 13 -6.59 -7.10 2.08
CA ASP A 13 -5.95 -6.32 3.12
C ASP A 13 -5.62 -4.91 2.63
N MET A 14 -5.34 -4.81 1.33
CA MET A 14 -5.01 -3.53 0.70
C MET A 14 -6.17 -2.55 0.80
N PHE A 15 -7.38 -3.08 0.64
CA PHE A 15 -8.58 -2.24 0.70
C PHE A 15 -9.59 -2.81 1.69
N PRO A 16 -9.62 -2.27 2.93
CA PRO A 16 -10.56 -2.73 3.97
C PRO A 16 -11.96 -2.18 3.77
N ALA A 17 -12.49 -2.33 2.57
CA ALA A 17 -13.84 -1.84 2.26
C ALA A 17 -14.38 -2.45 0.98
N ILE A 18 -13.52 -2.57 -0.03
CA ILE A 18 -13.94 -3.14 -1.31
C ILE A 18 -14.40 -4.60 -1.14
N SER A 19 -15.55 -4.90 -1.72
CA SER A 19 -16.10 -6.25 -1.64
C SER A 19 -15.22 -7.24 -2.39
N LYS A 20 -15.09 -8.45 -1.85
CA LYS A 20 -14.27 -9.48 -2.48
C LYS A 20 -14.69 -9.69 -3.93
N SER A 21 -15.99 -9.56 -4.19
CA SER A 21 -16.52 -9.74 -5.54
C SER A 21 -15.85 -8.79 -6.52
N LYS A 22 -15.79 -7.50 -6.17
CA LYS A 22 -15.18 -6.50 -7.02
C LYS A 22 -13.70 -6.77 -7.22
N LEU A 23 -13.00 -7.11 -6.13
CA LEU A 23 -11.58 -7.40 -6.20
C LEU A 23 -11.28 -8.51 -7.19
N GLN A 24 -12.09 -9.57 -7.15
CA GLN A 24 -11.91 -10.70 -8.05
C GLN A 24 -12.17 -10.30 -9.50
N VAL A 25 -13.24 -9.52 -9.72
CA VAL A 25 -13.60 -9.09 -11.06
C VAL A 25 -12.50 -8.26 -11.73
N HIS A 26 -12.10 -7.17 -11.08
CA HIS A 26 -11.07 -6.31 -11.64
C HIS A 26 -9.75 -7.07 -11.82
N LEU A 27 -9.41 -7.86 -10.82
CA LEU A 27 -8.17 -8.64 -10.86
C LEU A 27 -8.13 -9.55 -12.08
N LEU A 28 -9.21 -10.28 -12.32
CA LEU A 28 -9.30 -11.19 -13.46
C LEU A 28 -9.14 -10.46 -14.78
N GLU A 29 -9.90 -9.37 -14.95
CA GLU A 29 -9.86 -8.59 -16.19
C GLU A 29 -8.48 -7.98 -16.43
N ASN A 30 -7.89 -7.38 -15.41
CA ASN A 30 -6.58 -6.73 -15.54
C ASN A 30 -5.43 -7.74 -15.54
N ASN A 31 -5.67 -8.92 -16.12
CA ASN A 31 -4.65 -9.96 -16.21
C ASN A 31 -3.94 -10.16 -14.87
N ASN A 32 -4.70 -10.17 -13.79
CA ASN A 32 -4.15 -10.36 -12.44
C ASN A 32 -3.05 -9.35 -12.14
N ASP A 33 -3.24 -8.11 -12.57
CA ASP A 33 -2.25 -7.05 -12.32
C ASP A 33 -2.60 -6.28 -11.05
N LEU A 34 -1.60 -6.10 -10.18
CA LEU A 34 -1.80 -5.38 -8.93
C LEU A 34 -1.39 -3.91 -9.04
N ASP A 35 -0.25 -3.65 -9.68
CA ASP A 35 0.25 -2.29 -9.83
C ASP A 35 -0.74 -1.38 -10.54
N LEU A 36 -1.23 -1.81 -11.69
CA LEU A 36 -2.17 -1.01 -12.48
C LEU A 36 -3.53 -0.93 -11.80
N THR A 37 -4.12 -2.08 -11.50
CA THR A 37 -5.43 -2.13 -10.86
C THR A 37 -5.46 -1.31 -9.58
N ILE A 38 -4.55 -1.62 -8.66
CA ILE A 38 -4.48 -0.90 -7.39
C ILE A 38 -4.20 0.57 -7.63
N GLY A 39 -3.31 0.87 -8.57
CA GLY A 39 -2.98 2.25 -8.87
C GLY A 39 -4.22 3.09 -9.11
N LEU A 40 -5.15 2.57 -9.91
CA LEU A 40 -6.39 3.27 -10.20
C LEU A 40 -7.29 3.30 -8.98
N LEU A 41 -7.31 2.20 -8.23
CA LEU A 41 -8.13 2.10 -7.03
C LEU A 41 -7.74 3.14 -5.99
N LEU A 42 -6.44 3.44 -5.91
CA LEU A 42 -5.94 4.42 -4.94
C LEU A 42 -6.62 5.77 -5.11
N LYS A 43 -6.65 6.27 -6.34
CA LYS A 43 -7.26 7.57 -6.63
C LYS A 43 -8.77 7.54 -6.39
N GLU A 44 -9.39 6.40 -6.69
CA GLU A 44 -10.84 6.25 -6.52
C GLU A 44 -11.29 6.72 -5.15
N ASN A 45 -10.52 6.38 -4.11
CA ASN A 45 -10.85 6.77 -2.74
C ASN A 45 -10.41 8.21 -2.50
N ASP A 46 -10.73 9.10 -3.44
CA ASP A 46 -10.36 10.50 -3.33
C ASP A 46 -11.23 11.21 -2.28
N ASP A 47 -12.55 11.07 -2.41
CA ASP A 47 -13.49 11.70 -1.49
C ASP A 47 -14.93 11.30 -1.83
N LYS A 48 -15.70 10.95 -0.80
CA LYS A 48 -17.09 10.54 -0.99
C LYS A 48 -17.93 11.70 -1.50
N SER A 49 -17.83 12.84 -0.84
CA SER A 49 -18.58 14.04 -1.23
C SER A 49 -18.17 15.24 -0.39
N MET B 1 6.46 3.68 19.57
CA MET B 1 5.48 3.44 18.48
C MET B 1 6.18 2.92 17.22
N GLN B 2 5.53 1.99 16.54
CA GLN B 2 6.07 1.41 15.31
C GLN B 2 4.96 0.93 14.39
N ILE B 3 5.16 1.10 13.09
CA ILE B 3 4.18 0.70 12.10
C ILE B 3 4.74 -0.36 11.16
N PHE B 4 3.91 -1.35 10.84
CA PHE B 4 4.32 -2.43 9.95
C PHE B 4 4.26 -2.00 8.50
N VAL B 5 5.18 -2.51 7.69
CA VAL B 5 5.23 -2.17 6.27
C VAL B 5 5.22 -3.44 5.42
N LYS B 6 4.02 -3.94 5.14
CA LYS B 6 3.86 -5.14 4.34
C LYS B 6 4.03 -4.85 2.85
N THR B 7 4.82 -5.68 2.18
CA THR B 7 5.07 -5.52 0.75
C THR B 7 4.07 -6.33 -0.07
N LEU B 8 3.80 -5.85 -1.28
CA LEU B 8 2.87 -6.52 -2.18
C LEU B 8 3.25 -7.99 -2.34
N THR B 9 4.56 -8.26 -2.36
CA THR B 9 5.06 -9.62 -2.50
C THR B 9 4.79 -10.47 -1.26
N GLY B 10 5.35 -10.05 -0.12
CA GLY B 10 5.16 -10.79 1.11
C GLY B 10 6.25 -10.55 2.14
N LYS B 11 6.38 -9.31 2.60
CA LYS B 11 7.39 -8.98 3.61
C LYS B 11 7.01 -7.72 4.38
N THR B 12 6.94 -7.85 5.70
CA THR B 12 6.58 -6.72 6.56
C THR B 12 7.79 -6.17 7.29
N ILE B 13 7.89 -4.84 7.34
CA ILE B 13 9.00 -4.18 8.03
C ILE B 13 8.49 -3.26 9.13
N THR B 14 9.05 -3.41 10.33
CA THR B 14 8.66 -2.58 11.46
C THR B 14 9.49 -1.31 11.51
N LEU B 15 8.82 -0.16 11.49
CA LEU B 15 9.51 1.13 11.53
C LEU B 15 8.99 1.97 12.70
N GLU B 16 9.90 2.40 13.57
CA GLU B 16 9.52 3.22 14.70
C GLU B 16 9.22 4.65 14.26
N VAL B 17 8.06 5.16 14.64
CA VAL B 17 7.66 6.51 14.25
C VAL B 17 6.81 7.18 15.32
N GLU B 18 7.07 8.46 15.56
CA GLU B 18 6.33 9.24 16.55
C GLU B 18 4.90 9.51 16.08
N SER B 19 3.98 9.59 17.03
CA SER B 19 2.58 9.84 16.71
C SER B 19 2.45 11.12 15.90
N SER B 20 3.31 12.11 16.21
CA SER B 20 3.29 13.38 15.50
C SER B 20 4.47 13.48 14.54
N ASP B 21 4.83 12.36 13.92
CA ASP B 21 5.94 12.32 12.97
C ASP B 21 5.48 12.77 11.58
N THR B 22 5.74 11.95 10.56
CA THR B 22 5.35 12.27 9.21
C THR B 22 5.53 11.07 8.29
N ILE B 23 4.58 10.86 7.37
CA ILE B 23 4.64 9.74 6.44
C ILE B 23 5.94 9.75 5.65
N ASP B 24 6.36 10.94 5.22
CA ASP B 24 7.59 11.08 4.45
C ASP B 24 8.77 10.44 5.17
N ASN B 25 8.83 10.66 6.49
CA ASN B 25 9.89 10.09 7.31
C ASN B 25 9.89 8.58 7.18
N VAL B 26 8.69 7.99 7.22
CA VAL B 26 8.54 6.55 7.11
C VAL B 26 9.13 6.05 5.80
N LYS B 27 8.82 6.74 4.71
CA LYS B 27 9.33 6.38 3.39
C LYS B 27 10.85 6.38 3.38
N SER B 28 11.44 7.40 4.01
CA SER B 28 12.89 7.53 4.06
C SER B 28 13.54 6.34 4.77
N LYS B 29 13.00 5.99 5.94
CA LYS B 29 13.54 4.86 6.71
C LYS B 29 13.42 3.55 5.94
N ILE B 30 12.25 3.32 5.35
CA ILE B 30 12.03 2.11 4.56
C ILE B 30 13.06 2.03 3.44
N GLN B 31 13.32 3.17 2.82
CA GLN B 31 14.29 3.27 1.74
C GLN B 31 15.68 2.91 2.24
N ASP B 32 16.00 3.35 3.45
CA ASP B 32 17.30 3.07 4.05
C ASP B 32 17.52 1.57 4.24
N LYS B 33 16.49 0.88 4.73
CA LYS B 33 16.59 -0.55 4.98
C LYS B 33 16.66 -1.36 3.68
N GLU B 34 15.60 -1.31 2.88
CA GLU B 34 15.54 -2.07 1.63
C GLU B 34 16.43 -1.46 0.55
N GLY B 35 16.36 -0.15 0.40
CA GLY B 35 17.15 0.52 -0.62
C GLY B 35 16.36 0.70 -1.90
N ILE B 36 15.05 0.84 -1.76
CA ILE B 36 14.16 1.02 -2.90
C ILE B 36 13.76 2.49 -3.05
N PRO B 37 13.80 3.03 -4.29
CA PRO B 37 13.43 4.42 -4.55
C PRO B 37 12.02 4.74 -4.05
N PRO B 38 11.84 5.90 -3.39
CA PRO B 38 10.54 6.31 -2.87
C PRO B 38 9.47 6.40 -3.96
N ASP B 39 9.86 6.95 -5.10
CA ASP B 39 8.94 7.10 -6.22
C ASP B 39 8.41 5.75 -6.69
N GLN B 40 9.30 4.76 -6.79
CA GLN B 40 8.92 3.42 -7.23
C GLN B 40 7.97 2.76 -6.24
N GLN B 41 8.37 2.72 -4.98
CA GLN B 41 7.54 2.10 -3.93
C GLN B 41 6.28 2.91 -3.67
N ARG B 42 5.15 2.22 -3.55
CA ARG B 42 3.87 2.88 -3.29
C ARG B 42 3.39 2.55 -1.88
N LEU B 43 3.42 3.55 -0.99
CA LEU B 43 2.99 3.36 0.38
C LEU B 43 1.47 3.46 0.49
N ILE B 44 0.79 2.35 0.20
CA ILE B 44 -0.67 2.32 0.26
C ILE B 44 -1.17 2.03 1.66
N PHE B 45 -2.29 2.66 2.02
CA PHE B 45 -2.90 2.48 3.33
C PHE B 45 -4.32 3.05 3.30
N ALA B 46 -5.23 2.37 3.98
CA ALA B 46 -6.63 2.82 4.02
C ALA B 46 -7.17 2.92 2.60
N GLY B 47 -6.71 2.03 1.73
CA GLY B 47 -7.14 2.01 0.34
C GLY B 47 -6.63 3.18 -0.47
N LYS B 48 -5.47 3.73 -0.09
CA LYS B 48 -4.89 4.85 -0.82
C LYS B 48 -3.49 5.20 -0.31
N GLN B 49 -2.58 5.49 -1.23
CA GLN B 49 -1.21 5.85 -0.86
C GLN B 49 -1.19 7.08 0.03
N LEU B 50 -0.48 6.99 1.15
CA LEU B 50 -0.39 8.11 2.09
C LEU B 50 0.47 9.23 1.52
N GLU B 51 -0.03 10.46 1.64
CA GLU B 51 0.68 11.63 1.14
C GLU B 51 1.97 11.87 1.91
N ASP B 52 3.04 12.15 1.19
CA ASP B 52 4.34 12.41 1.80
C ASP B 52 4.31 13.71 2.60
N GLY B 53 4.93 13.69 3.77
CA GLY B 53 4.96 14.87 4.62
C GLY B 53 3.64 15.15 5.30
N ARG B 54 3.02 14.11 5.85
CA ARG B 54 1.74 14.26 6.54
C ARG B 54 1.76 13.57 7.91
N THR B 55 1.33 14.29 8.93
CA THR B 55 1.31 13.75 10.28
C THR B 55 0.28 12.63 10.44
N LEU B 56 0.62 11.64 11.25
CA LEU B 56 -0.25 10.50 11.50
C LEU B 56 -1.63 10.95 11.98
N SER B 57 -1.66 12.05 12.72
CA SER B 57 -2.90 12.58 13.27
C SER B 57 -3.99 12.75 12.19
N ASP B 58 -3.61 13.28 11.03
CA ASP B 58 -4.56 13.50 9.95
C ASP B 58 -5.22 12.19 9.52
N TYR B 59 -4.41 11.19 9.18
CA TYR B 59 -4.93 9.90 8.76
C TYR B 59 -5.43 9.07 9.95
N ASN B 60 -5.13 9.56 11.15
CA ASN B 60 -5.54 8.86 12.37
C ASN B 60 -4.96 7.45 12.42
N ILE B 61 -3.73 7.31 11.95
CA ILE B 61 -3.06 6.01 11.93
C ILE B 61 -2.77 5.53 13.36
N GLN B 62 -3.22 4.32 13.66
CA GLN B 62 -3.03 3.74 14.99
C GLN B 62 -1.60 3.23 15.15
N LYS B 63 -1.42 2.25 16.04
CA LYS B 63 -0.11 1.67 16.28
C LYS B 63 0.03 0.32 15.59
N GLU B 64 1.22 0.02 15.09
CA GLU B 64 1.48 -1.24 14.40
C GLU B 64 0.58 -1.38 13.18
N SER B 65 0.33 -0.26 12.50
CA SER B 65 -0.50 -0.24 11.31
C SER B 65 0.20 -0.98 10.16
N THR B 66 -0.56 -1.82 9.47
CA THR B 66 -0.02 -2.60 8.36
C THR B 66 -0.12 -1.82 7.05
N LEU B 67 0.92 -1.05 6.75
CA LEU B 67 0.96 -0.27 5.51
C LEU B 67 1.52 -1.11 4.38
N HIS B 68 0.80 -1.14 3.26
CA HIS B 68 1.22 -1.92 2.10
C HIS B 68 2.14 -1.12 1.20
N LEU B 69 3.12 -1.82 0.61
CA LEU B 69 4.08 -1.20 -0.29
C LEU B 69 4.11 -1.96 -1.61
N VAL B 70 3.80 -1.27 -2.70
CA VAL B 70 3.80 -1.89 -4.02
C VAL B 70 4.86 -1.25 -4.93
N LEU B 71 5.78 -2.07 -5.43
CA LEU B 71 6.84 -1.58 -6.31
C LEU B 71 6.32 -1.25 -7.69
N ARG B 72 6.72 -0.08 -8.19
CA ARG B 72 6.30 0.37 -9.51
C ARG B 72 7.05 -0.39 -10.60
N LEU B 73 8.34 -0.61 -10.39
CA LEU B 73 9.18 -1.32 -11.35
C LEU B 73 8.61 -2.72 -11.64
N ARG B 74 8.71 -3.13 -12.90
CA ARG B 74 8.22 -4.44 -13.32
C ARG B 74 6.73 -4.60 -13.04
N GLY B 75 6.32 -5.79 -12.60
CA GLY B 75 4.92 -6.04 -12.31
C GLY B 75 4.05 -5.91 -13.54
N GLY B 76 2.92 -5.22 -13.40
CA GLY B 76 2.02 -5.04 -14.52
C GLY B 76 2.67 -4.27 -15.67
N ASN A 1 -2.66 -18.04 -15.20
CA ASN A 1 -2.55 -17.56 -13.82
C ASN A 1 -1.73 -18.52 -12.98
N ASP A 2 -0.67 -18.00 -12.36
CA ASP A 2 0.20 -18.81 -11.51
C ASP A 2 -0.37 -18.94 -10.11
N ASP A 3 -0.77 -17.82 -9.53
CA ASP A 3 -1.34 -17.80 -8.18
C ASP A 3 -1.84 -16.39 -7.83
N HIS A 4 -2.69 -15.84 -8.67
CA HIS A 4 -3.22 -14.50 -8.44
C HIS A 4 -4.02 -14.44 -7.14
N GLU A 5 -4.52 -15.59 -6.70
CA GLU A 5 -5.32 -15.68 -5.49
C GLU A 5 -4.59 -15.00 -4.33
N SER A 6 -3.28 -15.22 -4.24
CA SER A 6 -2.49 -14.61 -3.18
C SER A 6 -2.60 -13.09 -3.28
N LYS A 7 -2.47 -12.60 -4.51
CA LYS A 7 -2.58 -11.17 -4.77
C LYS A 7 -3.96 -10.68 -4.38
N LEU A 8 -4.96 -11.52 -4.66
CA LEU A 8 -6.34 -11.20 -4.33
C LEU A 8 -6.46 -10.98 -2.83
N SER A 9 -5.79 -11.83 -2.07
CA SER A 9 -5.77 -11.72 -0.63
C SER A 9 -5.23 -10.36 -0.23
N ILE A 10 -4.15 -9.95 -0.90
CA ILE A 10 -3.55 -8.65 -0.64
C ILE A 10 -4.57 -7.55 -0.86
N LEU A 11 -5.40 -7.71 -1.90
CA LEU A 11 -6.42 -6.72 -2.24
C LEU A 11 -7.40 -6.55 -1.10
N MET A 12 -7.94 -7.65 -0.59
CA MET A 12 -8.90 -7.59 0.51
C MET A 12 -8.29 -6.85 1.71
N ASP A 13 -7.06 -7.20 2.04
CA ASP A 13 -6.37 -6.54 3.15
C ASP A 13 -6.04 -5.10 2.77
N MET A 14 -5.76 -4.90 1.49
CA MET A 14 -5.42 -3.58 0.97
C MET A 14 -6.60 -2.63 1.11
N PHE A 15 -7.81 -3.16 0.93
CA PHE A 15 -9.03 -2.36 1.04
C PHE A 15 -10.03 -3.04 1.97
N PRO A 16 -10.23 -2.48 3.18
CA PRO A 16 -11.16 -3.03 4.17
C PRO A 16 -12.62 -2.66 3.90
N ALA A 17 -13.09 -2.97 2.69
CA ALA A 17 -14.47 -2.66 2.32
C ALA A 17 -14.88 -3.35 1.02
N ILE A 18 -14.02 -3.29 0.02
CA ILE A 18 -14.30 -3.90 -1.28
C ILE A 18 -14.51 -5.41 -1.16
N SER A 19 -15.56 -5.90 -1.80
CA SER A 19 -15.88 -7.32 -1.79
C SER A 19 -14.86 -8.12 -2.59
N LYS A 20 -14.60 -9.35 -2.16
CA LYS A 20 -13.64 -10.22 -2.83
C LYS A 20 -13.98 -10.37 -4.31
N SER A 21 -15.27 -10.49 -4.60
CA SER A 21 -15.74 -10.65 -5.98
C SER A 21 -15.30 -9.47 -6.85
N LYS A 22 -15.54 -8.26 -6.37
CA LYS A 22 -15.17 -7.06 -7.11
C LYS A 22 -13.66 -7.02 -7.35
N LEU A 23 -12.89 -7.28 -6.29
CA LEU A 23 -11.44 -7.29 -6.40
C LEU A 23 -10.97 -8.31 -7.44
N GLN A 24 -11.61 -9.48 -7.44
CA GLN A 24 -11.29 -10.53 -8.39
C GLN A 24 -11.47 -10.05 -9.81
N VAL A 25 -12.58 -9.35 -10.06
CA VAL A 25 -12.87 -8.83 -11.38
C VAL A 25 -11.79 -7.85 -11.85
N HIS A 26 -11.40 -6.93 -10.97
CA HIS A 26 -10.37 -5.94 -11.30
C HIS A 26 -9.05 -6.62 -11.62
N LEU A 27 -8.68 -7.61 -10.82
CA LEU A 27 -7.44 -8.33 -11.00
C LEU A 27 -7.42 -9.06 -12.36
N LEU A 28 -8.54 -9.71 -12.68
CA LEU A 28 -8.64 -10.44 -13.94
C LEU A 28 -8.49 -9.51 -15.13
N GLU A 29 -9.16 -8.37 -15.09
CA GLU A 29 -9.10 -7.39 -16.17
C GLU A 29 -7.68 -6.88 -16.36
N ASN A 30 -7.03 -6.47 -15.27
CA ASN A 30 -5.67 -5.96 -15.33
C ASN A 30 -4.66 -7.10 -15.32
N ASN A 31 -5.09 -8.26 -15.81
CA ASN A 31 -4.24 -9.45 -15.87
C ASN A 31 -3.86 -9.95 -14.48
N ASN A 32 -2.95 -9.23 -13.83
CA ASN A 32 -2.48 -9.61 -12.49
C ASN A 32 -1.82 -8.44 -11.78
N ASP A 33 -1.20 -7.54 -12.55
CA ASP A 33 -0.51 -6.38 -11.99
C ASP A 33 -1.26 -5.78 -10.80
N LEU A 34 -0.58 -5.71 -9.67
CA LEU A 34 -1.16 -5.16 -8.46
C LEU A 34 -1.02 -3.64 -8.40
N ASP A 35 0.15 -3.14 -8.79
CA ASP A 35 0.40 -1.70 -8.79
C ASP A 35 -0.59 -0.96 -9.69
N LEU A 36 -0.88 -1.54 -10.85
CA LEU A 36 -1.80 -0.93 -11.80
C LEU A 36 -3.23 -0.96 -11.25
N THR A 37 -3.71 -2.15 -10.92
CA THR A 37 -5.06 -2.32 -10.37
C THR A 37 -5.24 -1.49 -9.11
N ILE A 38 -4.49 -1.83 -8.08
CA ILE A 38 -4.55 -1.10 -6.81
C ILE A 38 -4.30 0.39 -7.02
N GLY A 39 -3.37 0.69 -7.92
CA GLY A 39 -3.07 2.09 -8.20
C GLY A 39 -4.32 2.89 -8.53
N LEU A 40 -5.14 2.33 -9.41
CA LEU A 40 -6.39 2.98 -9.79
C LEU A 40 -7.35 3.01 -8.61
N LEU A 41 -7.36 1.93 -7.84
CA LEU A 41 -8.22 1.83 -6.66
C LEU A 41 -7.98 2.99 -5.70
N LEU A 42 -6.71 3.30 -5.45
CA LEU A 42 -6.35 4.40 -4.56
C LEU A 42 -7.04 5.68 -5.01
N LYS A 43 -6.89 5.98 -6.30
CA LYS A 43 -7.47 7.17 -6.90
C LYS A 43 -8.95 6.92 -7.24
N GLU A 44 -9.67 6.29 -6.31
CA GLU A 44 -11.09 6.00 -6.51
C GLU A 44 -11.89 7.28 -6.66
N ASN A 45 -11.64 8.24 -5.77
CA ASN A 45 -12.35 9.52 -5.80
C ASN A 45 -11.72 10.45 -6.84
N ASP A 46 -11.33 9.90 -7.98
CA ASP A 46 -10.73 10.70 -9.05
C ASP A 46 -11.74 11.69 -9.61
N ASP A 47 -12.95 11.20 -9.87
CA ASP A 47 -14.03 12.03 -10.41
C ASP A 47 -13.68 12.54 -11.81
N LYS A 48 -14.61 12.35 -12.74
CA LYS A 48 -14.41 12.79 -14.12
C LYS A 48 -14.35 14.32 -14.21
N SER A 49 -13.29 14.81 -14.85
CA SER A 49 -13.09 16.25 -15.02
C SER A 49 -13.28 16.98 -13.69
N MET B 1 7.09 4.39 18.85
CA MET B 1 5.95 3.89 18.03
C MET B 1 6.45 3.07 16.84
N GLN B 2 5.89 1.87 16.68
CA GLN B 2 6.27 0.99 15.58
C GLN B 2 5.19 0.97 14.50
N ILE B 3 5.61 0.74 13.26
CA ILE B 3 4.69 0.68 12.14
C ILE B 3 5.05 -0.47 11.21
N PHE B 4 4.03 -1.24 10.82
CA PHE B 4 4.24 -2.39 9.94
C PHE B 4 4.08 -2.00 8.47
N VAL B 5 4.82 -2.69 7.61
CA VAL B 5 4.76 -2.43 6.17
C VAL B 5 4.62 -3.74 5.40
N LYS B 6 3.40 -4.27 5.37
CA LYS B 6 3.11 -5.53 4.69
C LYS B 6 3.31 -5.39 3.18
N THR B 7 4.15 -6.25 2.62
CA THR B 7 4.43 -6.24 1.19
C THR B 7 3.44 -7.12 0.43
N LEU B 8 3.20 -6.80 -0.84
CA LEU B 8 2.28 -7.57 -1.66
C LEU B 8 2.62 -9.05 -1.60
N THR B 9 3.90 -9.35 -1.52
CA THR B 9 4.37 -10.74 -1.47
C THR B 9 3.86 -11.45 -0.21
N GLY B 10 4.22 -10.93 0.96
CA GLY B 10 3.77 -11.55 2.20
C GLY B 10 4.75 -11.35 3.35
N LYS B 11 5.07 -10.10 3.67
CA LYS B 11 6.00 -9.81 4.75
C LYS B 11 5.85 -8.36 5.23
N THR B 12 5.58 -8.20 6.52
CA THR B 12 5.42 -6.87 7.11
C THR B 12 6.75 -6.31 7.59
N ILE B 13 7.03 -5.06 7.23
CA ILE B 13 8.27 -4.41 7.65
C ILE B 13 8.04 -3.52 8.87
N THR B 14 8.79 -3.77 9.93
CA THR B 14 8.67 -2.99 11.15
C THR B 14 9.61 -1.79 11.13
N LEU B 15 9.09 -0.62 11.52
CA LEU B 15 9.88 0.60 11.54
C LEU B 15 9.39 1.55 12.63
N GLU B 16 10.33 2.21 13.30
CA GLU B 16 10.00 3.14 14.37
C GLU B 16 9.92 4.58 13.85
N VAL B 17 8.81 5.24 14.14
CA VAL B 17 8.60 6.63 13.72
C VAL B 17 7.63 7.34 14.66
N GLU B 18 7.89 8.60 14.92
CA GLU B 18 7.04 9.40 15.80
C GLU B 18 5.66 9.59 15.20
N SER B 19 4.65 9.64 16.05
CA SER B 19 3.28 9.85 15.60
C SER B 19 3.16 11.21 14.92
N SER B 20 3.91 12.19 15.42
CA SER B 20 3.89 13.53 14.85
C SER B 20 5.03 13.71 13.84
N ASP B 21 5.41 12.62 13.20
CA ASP B 21 6.49 12.66 12.20
C ASP B 21 5.95 13.08 10.84
N THR B 22 6.17 12.25 9.81
CA THR B 22 5.70 12.56 8.47
C THR B 22 5.89 11.37 7.54
N ILE B 23 4.91 11.15 6.66
CA ILE B 23 4.98 10.03 5.72
C ILE B 23 6.29 10.06 4.92
N ASP B 24 6.70 11.26 4.52
CA ASP B 24 7.94 11.41 3.75
C ASP B 24 9.11 10.75 4.47
N ASN B 25 9.22 11.01 5.77
CA ASN B 25 10.29 10.43 6.57
C ASN B 25 10.22 8.90 6.54
N VAL B 26 9.00 8.37 6.65
CA VAL B 26 8.78 6.93 6.62
C VAL B 26 9.33 6.31 5.34
N LYS B 27 8.96 6.90 4.20
CA LYS B 27 9.43 6.41 2.91
C LYS B 27 10.95 6.45 2.84
N SER B 28 11.54 7.51 3.38
CA SER B 28 12.98 7.66 3.39
C SER B 28 13.63 6.50 4.14
N LYS B 29 13.07 6.15 5.29
CA LYS B 29 13.58 5.05 6.09
C LYS B 29 13.42 3.73 5.34
N ILE B 30 12.29 3.57 4.67
CA ILE B 30 12.01 2.37 3.89
C ILE B 30 13.03 2.21 2.76
N GLN B 31 13.38 3.34 2.15
CA GLN B 31 14.35 3.34 1.04
C GLN B 31 15.72 2.91 1.51
N ASP B 32 16.17 3.48 2.63
CA ASP B 32 17.49 3.16 3.17
C ASP B 32 17.57 1.72 3.67
N LYS B 33 16.57 1.30 4.42
CA LYS B 33 16.53 -0.05 4.98
C LYS B 33 16.38 -1.11 3.90
N GLU B 34 15.26 -1.06 3.18
CA GLU B 34 14.98 -2.05 2.13
C GLU B 34 15.91 -1.87 0.93
N GLY B 35 16.23 -0.62 0.60
CA GLY B 35 17.10 -0.35 -0.53
C GLY B 35 16.34 -0.32 -1.83
N ILE B 36 15.23 0.42 -1.85
CA ILE B 36 14.40 0.54 -3.04
C ILE B 36 13.98 1.99 -3.26
N PRO B 37 14.09 2.50 -4.50
CA PRO B 37 13.72 3.88 -4.83
C PRO B 37 12.27 4.19 -4.46
N PRO B 38 12.04 5.38 -3.87
CA PRO B 38 10.69 5.81 -3.45
C PRO B 38 9.71 5.86 -4.62
N ASP B 39 10.23 6.21 -5.80
CA ASP B 39 9.39 6.31 -6.99
C ASP B 39 8.68 4.99 -7.29
N GLN B 40 9.43 3.89 -7.22
CA GLN B 40 8.87 2.57 -7.48
C GLN B 40 7.93 2.13 -6.36
N GLN B 41 8.44 2.10 -5.13
CA GLN B 41 7.65 1.70 -3.98
C GLN B 41 6.54 2.70 -3.70
N ARG B 42 5.36 2.19 -3.31
CA ARG B 42 4.23 3.04 -3.00
C ARG B 42 3.48 2.55 -1.77
N LEU B 43 3.40 3.41 -0.75
CA LEU B 43 2.71 3.06 0.49
C LEU B 43 1.21 3.27 0.35
N ILE B 44 0.44 2.33 0.86
CA ILE B 44 -1.02 2.40 0.78
C ILE B 44 -1.66 2.16 2.15
N PHE B 45 -2.73 2.89 2.41
CA PHE B 45 -3.45 2.79 3.66
C PHE B 45 -4.85 3.39 3.49
N ALA B 46 -5.85 2.75 4.09
CA ALA B 46 -7.23 3.20 3.98
C ALA B 46 -7.65 3.28 2.51
N GLY B 47 -7.11 2.37 1.71
CA GLY B 47 -7.43 2.31 0.30
C GLY B 47 -6.88 3.49 -0.49
N LYS B 48 -5.79 4.09 -0.01
CA LYS B 48 -5.17 5.23 -0.70
C LYS B 48 -3.70 5.38 -0.32
N GLN B 49 -2.88 5.74 -1.30
CA GLN B 49 -1.45 5.93 -1.06
C GLN B 49 -1.22 7.05 -0.06
N LEU B 50 -0.30 6.82 0.88
CA LEU B 50 0.01 7.82 1.89
C LEU B 50 0.61 9.07 1.26
N GLU B 51 0.06 10.23 1.60
CA GLU B 51 0.54 11.50 1.06
C GLU B 51 1.86 11.90 1.69
N ASP B 52 2.82 12.28 0.85
CA ASP B 52 4.13 12.69 1.32
C ASP B 52 4.04 13.98 2.14
N GLY B 53 4.76 14.03 3.25
CA GLY B 53 4.74 15.20 4.10
C GLY B 53 3.45 15.34 4.88
N ARG B 54 3.00 14.24 5.48
CA ARG B 54 1.76 14.24 6.25
C ARG B 54 1.94 13.43 7.55
N THR B 55 1.48 14.00 8.65
CA THR B 55 1.58 13.34 9.95
C THR B 55 0.76 12.05 9.98
N LEU B 56 1.23 11.08 10.76
CA LEU B 56 0.56 9.80 10.88
C LEU B 56 -0.90 9.98 11.29
N SER B 57 -1.15 10.96 12.14
CA SER B 57 -2.51 11.25 12.63
C SER B 57 -3.46 11.48 11.47
N ASP B 58 -2.94 11.94 10.34
CA ASP B 58 -3.77 12.22 9.16
C ASP B 58 -4.67 11.03 8.82
N TYR B 59 -4.07 9.87 8.61
CA TYR B 59 -4.86 8.67 8.29
C TYR B 59 -5.34 7.98 9.55
N ASN B 60 -5.59 8.75 10.59
CA ASN B 60 -6.07 8.23 11.87
C ASN B 60 -5.19 7.07 12.36
N ILE B 61 -3.88 7.18 12.09
CA ILE B 61 -2.94 6.14 12.50
C ILE B 61 -2.72 6.17 14.02
N GLN B 62 -3.02 5.07 14.68
CA GLN B 62 -2.86 4.97 16.12
C GLN B 62 -1.47 4.49 16.50
N LYS B 63 -1.19 3.25 16.12
CA LYS B 63 0.10 2.62 16.40
C LYS B 63 0.15 1.20 15.85
N GLU B 64 1.29 0.83 15.30
CA GLU B 64 1.47 -0.51 14.73
C GLU B 64 0.50 -0.75 13.59
N SER B 65 0.31 0.27 12.75
CA SER B 65 -0.59 0.18 11.61
C SER B 65 0.02 -0.68 10.49
N THR B 66 -0.81 -1.50 9.87
CA THR B 66 -0.36 -2.38 8.79
C THR B 66 -0.41 -1.65 7.45
N LEU B 67 0.69 -0.98 7.11
CA LEU B 67 0.78 -0.25 5.86
C LEU B 67 1.24 -1.18 4.73
N HIS B 68 0.57 -1.10 3.59
CA HIS B 68 0.91 -1.94 2.45
C HIS B 68 1.87 -1.26 1.48
N LEU B 69 2.92 -1.98 1.08
CA LEU B 69 3.90 -1.47 0.14
C LEU B 69 3.72 -2.15 -1.22
N VAL B 70 3.76 -1.36 -2.28
CA VAL B 70 3.60 -1.90 -3.64
C VAL B 70 4.63 -1.31 -4.60
N LEU B 71 5.37 -2.20 -5.27
CA LEU B 71 6.39 -1.79 -6.23
C LEU B 71 5.78 -1.41 -7.57
N ARG B 72 6.32 -0.37 -8.19
CA ARG B 72 5.82 0.09 -9.49
C ARG B 72 6.06 -0.96 -10.56
N LEU B 73 5.38 -0.79 -11.69
CA LEU B 73 5.52 -1.73 -12.80
C LEU B 73 6.96 -1.78 -13.32
N ARG B 74 7.44 -3.00 -13.55
CA ARG B 74 8.81 -3.21 -14.04
C ARG B 74 9.85 -2.74 -13.02
N GLY B 75 10.85 -3.58 -12.79
CA GLY B 75 11.90 -3.25 -11.84
C GLY B 75 12.90 -4.36 -11.67
N GLY B 76 13.24 -4.66 -10.42
CA GLY B 76 14.20 -5.72 -10.14
C GLY B 76 14.43 -5.91 -8.65
N ASN A 1 -0.42 -21.57 -12.38
CA ASN A 1 -1.85 -21.58 -12.65
C ASN A 1 -2.48 -20.24 -12.23
N ASP A 2 -1.91 -19.15 -12.75
CA ASP A 2 -2.38 -17.80 -12.45
C ASP A 2 -1.97 -17.34 -11.05
N ASP A 3 -2.17 -18.21 -10.06
CA ASP A 3 -1.82 -17.92 -8.67
C ASP A 3 -2.22 -16.48 -8.30
N HIS A 4 -3.33 -16.01 -8.86
CA HIS A 4 -3.81 -14.67 -8.57
C HIS A 4 -4.40 -14.58 -7.18
N GLU A 5 -4.83 -15.72 -6.65
CA GLU A 5 -5.43 -15.77 -5.32
C GLU A 5 -4.56 -15.05 -4.31
N SER A 6 -3.25 -15.21 -4.43
CA SER A 6 -2.32 -14.55 -3.53
C SER A 6 -2.48 -13.04 -3.66
N LYS A 7 -2.47 -12.57 -4.91
CA LYS A 7 -2.65 -11.15 -5.19
C LYS A 7 -3.99 -10.69 -4.63
N LEU A 8 -4.98 -11.57 -4.74
CA LEU A 8 -6.33 -11.30 -4.26
C LEU A 8 -6.29 -11.06 -2.75
N SER A 9 -5.49 -11.86 -2.06
CA SER A 9 -5.35 -11.74 -0.61
C SER A 9 -4.84 -10.35 -0.26
N ILE A 10 -3.76 -9.95 -0.95
CA ILE A 10 -3.20 -8.62 -0.72
C ILE A 10 -4.25 -7.55 -1.01
N LEU A 11 -5.07 -7.79 -2.04
CA LEU A 11 -6.13 -6.85 -2.41
C LEU A 11 -7.12 -6.69 -1.27
N MET A 12 -7.51 -7.79 -0.66
CA MET A 12 -8.46 -7.76 0.46
C MET A 12 -7.92 -6.89 1.58
N ASP A 13 -6.68 -7.15 1.98
CA ASP A 13 -6.04 -6.40 3.03
C ASP A 13 -5.71 -4.99 2.56
N MET A 14 -5.47 -4.86 1.26
CA MET A 14 -5.12 -3.57 0.65
C MET A 14 -6.28 -2.58 0.78
N PHE A 15 -7.50 -3.07 0.58
CA PHE A 15 -8.69 -2.22 0.66
C PHE A 15 -9.68 -2.76 1.69
N PRO A 16 -9.65 -2.22 2.93
CA PRO A 16 -10.55 -2.65 4.00
C PRO A 16 -11.97 -2.10 3.84
N ALA A 17 -12.54 -2.29 2.65
CA ALA A 17 -13.89 -1.81 2.37
C ALA A 17 -14.45 -2.43 1.11
N ILE A 18 -13.62 -2.58 0.09
CA ILE A 18 -14.05 -3.17 -1.18
C ILE A 18 -14.52 -4.60 -0.98
N SER A 19 -15.67 -4.92 -1.55
CA SER A 19 -16.23 -6.26 -1.45
C SER A 19 -15.33 -7.27 -2.15
N LYS A 20 -15.19 -8.45 -1.55
CA LYS A 20 -14.35 -9.49 -2.12
C LYS A 20 -14.71 -9.74 -3.59
N SER A 21 -16.00 -9.66 -3.90
CA SER A 21 -16.47 -9.86 -5.25
C SER A 21 -15.84 -8.87 -6.22
N LYS A 22 -15.87 -7.59 -5.87
CA LYS A 22 -15.30 -6.55 -6.72
C LYS A 22 -13.81 -6.80 -6.94
N LEU A 23 -13.11 -7.17 -5.89
CA LEU A 23 -11.67 -7.42 -5.98
C LEU A 23 -11.38 -8.51 -7.02
N GLN A 24 -12.12 -9.61 -6.95
CA GLN A 24 -11.92 -10.72 -7.87
C GLN A 24 -12.25 -10.29 -9.31
N VAL A 25 -13.31 -9.51 -9.46
CA VAL A 25 -13.74 -9.04 -10.78
C VAL A 25 -12.67 -8.19 -11.46
N HIS A 26 -12.28 -7.09 -10.82
CA HIS A 26 -11.27 -6.20 -11.40
C HIS A 26 -9.97 -6.94 -11.65
N LEU A 27 -9.57 -7.77 -10.69
CA LEU A 27 -8.33 -8.51 -10.80
C LEU A 27 -8.32 -9.40 -12.05
N LEU A 28 -9.42 -10.12 -12.27
CA LEU A 28 -9.53 -11.00 -13.43
C LEU A 28 -9.43 -10.23 -14.74
N GLU A 29 -10.17 -9.12 -14.81
CA GLU A 29 -10.20 -8.28 -16.01
C GLU A 29 -8.84 -7.64 -16.30
N ASN A 30 -8.20 -7.12 -15.26
CA ASN A 30 -6.90 -6.45 -15.41
C ASN A 30 -5.74 -7.43 -15.48
N ASN A 31 -5.95 -8.55 -16.16
CA ASN A 31 -4.90 -9.57 -16.33
C ASN A 31 -4.16 -9.84 -15.01
N ASN A 32 -4.90 -9.82 -13.91
CA ASN A 32 -4.32 -10.09 -12.59
C ASN A 32 -3.13 -9.18 -12.29
N ASP A 33 -3.26 -7.90 -12.58
CA ASP A 33 -2.18 -6.93 -12.31
C ASP A 33 -2.46 -6.16 -11.02
N LEU A 34 -1.46 -6.11 -10.14
CA LEU A 34 -1.59 -5.41 -8.86
C LEU A 34 -1.31 -3.91 -9.02
N ASP A 35 -0.16 -3.57 -9.57
CA ASP A 35 0.21 -2.17 -9.74
C ASP A 35 -0.82 -1.41 -10.56
N LEU A 36 -1.22 -1.99 -11.69
CA LEU A 36 -2.20 -1.36 -12.56
C LEU A 36 -3.56 -1.23 -11.88
N THR A 37 -4.17 -2.36 -11.56
CA THR A 37 -5.48 -2.38 -10.91
C THR A 37 -5.48 -1.50 -9.67
N ILE A 38 -4.69 -1.88 -8.68
CA ILE A 38 -4.60 -1.12 -7.44
C ILE A 38 -4.34 0.34 -7.73
N GLY A 39 -3.51 0.60 -8.76
CA GLY A 39 -3.21 1.97 -9.12
C GLY A 39 -4.47 2.77 -9.34
N LEU A 40 -5.41 2.20 -10.08
CA LEU A 40 -6.69 2.85 -10.34
C LEU A 40 -7.50 2.96 -9.05
N LEU A 41 -7.47 1.91 -8.24
CA LEU A 41 -8.21 1.91 -6.96
C LEU A 41 -7.81 3.09 -6.10
N LEU A 42 -6.51 3.39 -6.05
CA LEU A 42 -6.01 4.51 -5.25
C LEU A 42 -6.72 5.80 -5.66
N LYS A 43 -6.95 5.94 -6.96
CA LYS A 43 -7.62 7.13 -7.49
C LYS A 43 -9.13 7.04 -7.30
N GLU A 44 -9.55 6.53 -6.13
CA GLU A 44 -10.97 6.40 -5.84
C GLU A 44 -11.57 7.77 -5.52
N ASN A 45 -10.95 8.47 -4.57
CA ASN A 45 -11.42 9.80 -4.17
C ASN A 45 -10.75 10.88 -5.01
N ASP A 46 -10.61 10.62 -6.31
CA ASP A 46 -9.99 11.57 -7.23
C ASP A 46 -10.05 11.07 -8.67
N ASP A 47 -10.44 11.95 -9.58
CA ASP A 47 -10.54 11.60 -10.99
C ASP A 47 -10.78 12.83 -11.85
N LYS A 48 -10.02 12.94 -12.94
CA LYS A 48 -10.15 14.08 -13.85
C LYS A 48 -11.48 14.03 -14.58
N SER A 49 -11.83 12.83 -15.08
CA SER A 49 -13.07 12.64 -15.82
C SER A 49 -13.32 11.16 -16.09
N MET B 1 5.53 5.07 17.97
CA MET B 1 4.89 3.75 17.84
C MET B 1 5.38 3.02 16.58
N GLN B 2 5.56 1.71 16.72
CA GLN B 2 6.03 0.88 15.61
C GLN B 2 4.96 0.77 14.53
N ILE B 3 5.39 0.65 13.28
CA ILE B 3 4.47 0.53 12.15
C ILE B 3 4.91 -0.57 11.20
N PHE B 4 3.96 -1.43 10.82
CA PHE B 4 4.26 -2.52 9.89
C PHE B 4 4.30 -2.02 8.46
N VAL B 5 5.21 -2.59 7.67
CA VAL B 5 5.37 -2.22 6.27
C VAL B 5 5.39 -3.45 5.37
N LYS B 6 4.21 -4.00 5.12
CA LYS B 6 4.07 -5.17 4.27
C LYS B 6 4.25 -4.81 2.80
N THR B 7 5.14 -5.52 2.12
CA THR B 7 5.39 -5.28 0.70
C THR B 7 4.44 -6.06 -0.18
N LEU B 8 4.05 -5.47 -1.30
CA LEU B 8 3.12 -6.11 -2.23
C LEU B 8 3.63 -7.51 -2.60
N THR B 9 4.95 -7.64 -2.74
CA THR B 9 5.56 -8.91 -3.10
C THR B 9 5.38 -9.95 -2.00
N GLY B 10 5.92 -9.66 -0.80
CA GLY B 10 5.80 -10.61 0.30
C GLY B 10 6.85 -10.42 1.37
N LYS B 11 6.85 -9.26 2.02
CA LYS B 11 7.82 -8.98 3.07
C LYS B 11 7.39 -7.77 3.91
N THR B 12 7.13 -8.02 5.19
CA THR B 12 6.71 -6.96 6.11
C THR B 12 7.88 -6.47 6.95
N ILE B 13 7.96 -5.15 7.16
CA ILE B 13 9.03 -4.56 7.95
C ILE B 13 8.47 -3.55 8.95
N THR B 14 8.82 -3.73 10.22
CA THR B 14 8.35 -2.84 11.27
C THR B 14 9.39 -1.79 11.64
N LEU B 15 8.98 -0.52 11.67
CA LEU B 15 9.87 0.57 12.02
C LEU B 15 9.20 1.50 13.03
N GLU B 16 9.98 1.97 14.01
CA GLU B 16 9.46 2.88 15.03
C GLU B 16 9.33 4.29 14.48
N VAL B 17 8.19 4.93 14.76
CA VAL B 17 7.95 6.29 14.28
C VAL B 17 7.08 7.07 15.27
N GLU B 18 7.45 8.33 15.49
CA GLU B 18 6.71 9.20 16.40
C GLU B 18 5.32 9.49 15.86
N SER B 19 4.35 9.64 16.76
CA SER B 19 2.98 9.93 16.36
C SER B 19 2.91 11.17 15.49
N SER B 20 3.71 12.18 15.85
CA SER B 20 3.73 13.43 15.09
C SER B 20 4.83 13.42 14.02
N ASP B 21 5.03 12.24 13.41
CA ASP B 21 6.04 12.11 12.37
C ASP B 21 5.51 12.62 11.03
N THR B 22 5.73 11.84 9.97
CA THR B 22 5.28 12.20 8.63
C THR B 22 5.59 11.08 7.65
N ILE B 23 4.68 10.87 6.69
CA ILE B 23 4.85 9.82 5.69
C ILE B 23 6.23 9.88 5.05
N ASP B 24 6.67 11.09 4.72
CA ASP B 24 7.98 11.29 4.10
C ASP B 24 9.08 10.69 4.98
N ASN B 25 8.97 10.93 6.28
CA ASN B 25 9.94 10.39 7.24
C ASN B 25 9.98 8.88 7.15
N VAL B 26 8.80 8.28 7.10
CA VAL B 26 8.68 6.83 7.00
C VAL B 26 9.42 6.34 5.76
N LYS B 27 9.31 7.10 4.69
CA LYS B 27 9.98 6.76 3.44
C LYS B 27 11.48 6.70 3.66
N SER B 28 12.02 7.73 4.33
CA SER B 28 13.44 7.79 4.63
C SER B 28 13.91 6.55 5.38
N LYS B 29 13.12 6.14 6.36
CA LYS B 29 13.45 4.96 7.16
C LYS B 29 13.52 3.72 6.26
N ILE B 30 12.56 3.59 5.36
CA ILE B 30 12.53 2.46 4.44
C ILE B 30 13.81 2.41 3.62
N GLN B 31 14.28 3.58 3.18
CA GLN B 31 15.49 3.68 2.40
C GLN B 31 16.67 3.13 3.20
N ASP B 32 16.79 3.60 4.43
CA ASP B 32 17.86 3.16 5.31
C ASP B 32 17.77 1.65 5.52
N LYS B 33 16.55 1.13 5.45
CA LYS B 33 16.31 -0.29 5.63
C LYS B 33 16.64 -1.12 4.38
N GLU B 34 16.30 -0.59 3.21
CA GLU B 34 16.54 -1.33 1.96
C GLU B 34 17.02 -0.40 0.83
N GLY B 35 16.57 0.84 0.83
CA GLY B 35 16.97 1.79 -0.19
C GLY B 35 16.20 1.60 -1.48
N ILE B 36 14.88 1.56 -1.37
CA ILE B 36 14.02 1.38 -2.53
C ILE B 36 13.67 2.72 -3.18
N PRO B 37 13.75 2.81 -4.52
CA PRO B 37 13.43 4.05 -5.24
C PRO B 37 12.06 4.60 -4.85
N PRO B 38 11.93 5.92 -4.68
CA PRO B 38 10.67 6.55 -4.30
C PRO B 38 9.54 6.25 -5.29
N ASP B 39 9.83 6.42 -6.58
CA ASP B 39 8.84 6.16 -7.62
C ASP B 39 8.46 4.68 -7.66
N GLN B 40 9.47 3.83 -7.48
CA GLN B 40 9.26 2.38 -7.50
C GLN B 40 8.27 1.95 -6.42
N GLN B 41 8.65 2.15 -5.17
CA GLN B 41 7.80 1.77 -4.04
C GLN B 41 6.64 2.75 -3.86
N ARG B 42 5.50 2.23 -3.42
CA ARG B 42 4.32 3.06 -3.20
C ARG B 42 3.53 2.56 -1.99
N LEU B 43 3.37 3.42 -0.98
CA LEU B 43 2.65 3.04 0.24
C LEU B 43 1.14 3.27 0.10
N ILE B 44 0.39 2.18 0.24
CA ILE B 44 -1.07 2.21 0.16
C ILE B 44 -1.68 1.82 1.49
N PHE B 45 -2.79 2.46 1.84
CA PHE B 45 -3.48 2.17 3.10
C PHE B 45 -4.88 2.76 3.10
N ALA B 46 -5.80 2.06 3.75
CA ALA B 46 -7.21 2.48 3.85
C ALA B 46 -7.93 2.39 2.52
N GLY B 47 -7.21 2.66 1.43
CA GLY B 47 -7.80 2.61 0.11
C GLY B 47 -6.94 3.27 -0.94
N LYS B 48 -5.96 4.06 -0.51
CA LYS B 48 -5.08 4.75 -1.45
C LYS B 48 -3.77 5.16 -0.83
N GLN B 49 -2.85 5.62 -1.67
CA GLN B 49 -1.52 6.05 -1.23
C GLN B 49 -1.63 7.08 -0.09
N LEU B 50 -0.80 6.90 0.93
CA LEU B 50 -0.81 7.82 2.07
C LEU B 50 0.02 9.07 1.79
N GLU B 51 -0.01 9.52 0.54
CA GLU B 51 0.73 10.71 0.14
C GLU B 51 2.20 10.62 0.56
N ASP B 52 2.90 11.74 0.47
CA ASP B 52 4.32 11.79 0.83
C ASP B 52 4.64 13.04 1.65
N GLY B 53 3.77 13.38 2.59
CA GLY B 53 4.00 14.56 3.41
C GLY B 53 2.84 14.90 4.33
N ARG B 54 2.41 13.94 5.14
CA ARG B 54 1.31 14.15 6.06
C ARG B 54 1.47 13.33 7.33
N THR B 55 1.23 13.97 8.48
CA THR B 55 1.34 13.32 9.79
C THR B 55 0.29 12.22 9.95
N LEU B 56 0.69 11.12 10.59
CA LEU B 56 -0.20 10.00 10.83
C LEU B 56 -1.53 10.45 11.45
N SER B 57 -1.50 11.61 12.11
CA SER B 57 -2.68 12.16 12.77
C SER B 57 -3.86 12.35 11.81
N ASP B 58 -3.61 12.94 10.64
CA ASP B 58 -4.69 13.20 9.69
C ASP B 58 -5.38 11.90 9.27
N TYR B 59 -4.59 10.90 8.86
CA TYR B 59 -5.16 9.62 8.45
C TYR B 59 -5.70 8.86 9.65
N ASN B 60 -5.28 9.29 10.84
CA ASN B 60 -5.71 8.65 12.08
C ASN B 60 -5.24 7.19 12.10
N ILE B 61 -4.01 6.99 11.63
CA ILE B 61 -3.43 5.65 11.57
C ILE B 61 -3.17 5.09 12.96
N GLN B 62 -3.71 3.91 13.22
CA GLN B 62 -3.54 3.26 14.51
C GLN B 62 -2.15 2.66 14.63
N LYS B 63 -1.69 2.49 15.86
CA LYS B 63 -0.38 1.91 16.13
C LYS B 63 -0.29 0.49 15.61
N GLU B 64 0.89 0.08 15.16
CA GLU B 64 1.11 -1.27 14.64
C GLU B 64 0.25 -1.50 13.39
N SER B 65 0.08 -0.45 12.60
CA SER B 65 -0.72 -0.53 11.37
C SER B 65 0.07 -1.19 10.25
N THR B 66 -0.61 -2.03 9.48
CA THR B 66 0.02 -2.74 8.37
C THR B 66 -0.10 -1.96 7.06
N LEU B 67 0.96 -1.21 6.73
CA LEU B 67 0.98 -0.43 5.50
C LEU B 67 1.49 -1.28 4.34
N HIS B 68 0.81 -1.20 3.20
CA HIS B 68 1.23 -1.95 2.03
C HIS B 68 2.17 -1.14 1.17
N LEU B 69 3.19 -1.80 0.62
CA LEU B 69 4.18 -1.13 -0.21
C LEU B 69 4.24 -1.76 -1.60
N VAL B 70 3.33 -1.35 -2.48
CA VAL B 70 3.28 -1.87 -3.83
C VAL B 70 4.45 -1.37 -4.67
N LEU B 71 5.08 -2.30 -5.39
CA LEU B 71 6.21 -1.96 -6.25
C LEU B 71 5.76 -1.75 -7.68
N ARG B 72 6.25 -0.69 -8.29
CA ARG B 72 5.91 -0.37 -9.67
C ARG B 72 6.47 -1.40 -10.64
N LEU B 73 5.64 -1.87 -11.57
CA LEU B 73 6.06 -2.86 -12.54
C LEU B 73 7.23 -2.35 -13.38
N ARG B 74 8.25 -3.18 -13.52
CA ARG B 74 9.43 -2.80 -14.29
C ARG B 74 10.38 -3.99 -14.42
N GLY B 75 9.83 -5.15 -14.77
CA GLY B 75 10.64 -6.35 -14.91
C GLY B 75 11.67 -6.22 -16.02
N GLY B 76 11.23 -5.69 -17.17
CA GLY B 76 12.13 -5.53 -18.30
C GLY B 76 12.72 -6.84 -18.77
N ASN A 1 -5.12 -23.58 -10.93
CA ASN A 1 -5.90 -22.46 -10.41
C ASN A 1 -5.03 -21.22 -10.21
N ASP A 2 -3.73 -21.45 -10.00
CA ASP A 2 -2.78 -20.36 -9.77
C ASP A 2 -3.03 -19.69 -8.42
N ASP A 3 -1.95 -19.39 -7.72
CA ASP A 3 -2.03 -18.76 -6.40
C ASP A 3 -2.38 -17.28 -6.50
N HIS A 4 -3.27 -16.91 -7.41
CA HIS A 4 -3.66 -15.52 -7.55
C HIS A 4 -4.43 -15.07 -6.32
N GLU A 5 -5.04 -16.05 -5.63
CA GLU A 5 -5.82 -15.78 -4.43
C GLU A 5 -5.03 -14.94 -3.45
N SER A 6 -3.71 -15.18 -3.37
CA SER A 6 -2.86 -14.42 -2.48
C SER A 6 -2.93 -12.94 -2.84
N LYS A 7 -2.87 -12.67 -4.14
CA LYS A 7 -2.97 -11.30 -4.64
C LYS A 7 -4.33 -10.72 -4.25
N LEU A 8 -5.36 -11.54 -4.44
CA LEU A 8 -6.72 -11.16 -4.10
C LEU A 8 -6.79 -10.78 -2.63
N SER A 9 -6.04 -11.52 -1.81
CA SER A 9 -5.99 -11.26 -0.38
C SER A 9 -5.42 -9.87 -0.15
N ILE A 10 -4.36 -9.54 -0.88
CA ILE A 10 -3.75 -8.23 -0.75
C ILE A 10 -4.79 -7.15 -1.01
N LEU A 11 -5.59 -7.35 -2.06
CA LEU A 11 -6.63 -6.40 -2.42
C LEU A 11 -7.63 -6.21 -1.29
N MET A 12 -8.06 -7.31 -0.68
CA MET A 12 -9.02 -7.25 0.41
C MET A 12 -8.51 -6.36 1.54
N ASP A 13 -7.31 -6.63 2.00
CA ASP A 13 -6.72 -5.85 3.09
C ASP A 13 -6.29 -4.47 2.58
N MET A 14 -5.92 -4.40 1.31
CA MET A 14 -5.48 -3.14 0.69
C MET A 14 -6.58 -2.10 0.77
N PHE A 15 -7.83 -2.53 0.60
CA PHE A 15 -8.97 -1.61 0.65
C PHE A 15 -10.04 -2.13 1.61
N PRO A 16 -10.17 -1.50 2.79
CA PRO A 16 -11.14 -1.90 3.81
C PRO A 16 -12.52 -1.27 3.57
N ALA A 17 -13.04 -1.42 2.35
CA ALA A 17 -14.34 -0.87 2.02
C ALA A 17 -14.88 -1.41 0.70
N ILE A 18 -14.01 -1.52 -0.30
CA ILE A 18 -14.41 -2.03 -1.60
C ILE A 18 -14.80 -3.50 -1.53
N SER A 19 -15.95 -3.84 -2.11
CA SER A 19 -16.44 -5.20 -2.11
C SER A 19 -15.43 -6.16 -2.73
N LYS A 20 -15.29 -7.33 -2.12
CA LYS A 20 -14.36 -8.34 -2.61
C LYS A 20 -14.66 -8.69 -4.07
N SER A 21 -15.93 -8.57 -4.45
CA SER A 21 -16.36 -8.87 -5.80
C SER A 21 -15.56 -8.08 -6.83
N LYS A 22 -15.41 -6.78 -6.60
CA LYS A 22 -14.67 -5.92 -7.52
C LYS A 22 -13.20 -6.31 -7.56
N LEU A 23 -12.59 -6.41 -6.38
CA LEU A 23 -11.18 -6.77 -6.29
C LEU A 23 -10.86 -8.00 -7.13
N GLN A 24 -11.75 -9.00 -7.08
CA GLN A 24 -11.58 -10.23 -7.84
C GLN A 24 -11.75 -9.96 -9.33
N VAL A 25 -12.78 -9.19 -9.68
CA VAL A 25 -13.06 -8.86 -11.08
C VAL A 25 -11.91 -8.08 -11.71
N HIS A 26 -11.53 -6.97 -11.07
CA HIS A 26 -10.45 -6.13 -11.56
C HIS A 26 -9.16 -6.91 -11.68
N LEU A 27 -8.87 -7.73 -10.67
CA LEU A 27 -7.66 -8.54 -10.67
C LEU A 27 -7.60 -9.46 -11.88
N LEU A 28 -8.67 -10.20 -12.11
CA LEU A 28 -8.75 -11.13 -13.24
C LEU A 28 -8.61 -10.42 -14.58
N GLU A 29 -9.31 -9.31 -14.73
CA GLU A 29 -9.29 -8.55 -15.97
C GLU A 29 -7.89 -7.98 -16.28
N ASN A 30 -7.28 -7.35 -15.28
CA ASN A 30 -5.97 -6.74 -15.46
C ASN A 30 -4.84 -7.79 -15.42
N ASN A 31 -5.10 -8.96 -15.98
CA ASN A 31 -4.10 -10.03 -16.02
C ASN A 31 -3.47 -10.24 -14.64
N ASN A 32 -4.32 -10.35 -13.63
CA ASN A 32 -3.88 -10.56 -12.24
C ASN A 32 -2.68 -9.69 -11.89
N ASP A 33 -2.69 -8.44 -12.35
CA ASP A 33 -1.61 -7.50 -12.05
C ASP A 33 -1.95 -6.65 -10.83
N LEU A 34 -1.04 -6.61 -9.87
CA LEU A 34 -1.25 -5.82 -8.65
C LEU A 34 -1.01 -4.33 -8.90
N ASP A 35 0.12 -4.02 -9.51
CA ASP A 35 0.48 -2.63 -9.79
C ASP A 35 -0.57 -1.95 -10.66
N LEU A 36 -1.02 -2.65 -11.70
CA LEU A 36 -2.01 -2.10 -12.62
C LEU A 36 -3.37 -1.94 -11.93
N THR A 37 -3.90 -3.05 -11.43
CA THR A 37 -5.20 -3.04 -10.77
C THR A 37 -5.21 -2.06 -9.60
N ILE A 38 -4.37 -2.34 -8.60
CA ILE A 38 -4.28 -1.48 -7.42
C ILE A 38 -3.98 -0.04 -7.82
N GLY A 39 -3.11 0.13 -8.81
CA GLY A 39 -2.76 1.47 -9.26
C GLY A 39 -3.97 2.29 -9.59
N LEU A 40 -4.89 1.71 -10.36
CA LEU A 40 -6.12 2.40 -10.75
C LEU A 40 -7.03 2.59 -9.55
N LEU A 41 -7.09 1.57 -8.69
CA LEU A 41 -7.94 1.61 -7.49
C LEU A 41 -7.64 2.83 -6.62
N LEU A 42 -6.35 3.11 -6.40
CA LEU A 42 -5.96 4.26 -5.57
C LEU A 42 -6.56 5.54 -6.15
N LYS A 43 -6.64 5.60 -7.48
CA LYS A 43 -7.17 6.77 -8.18
C LYS A 43 -8.67 6.94 -7.92
N GLU A 44 -9.38 5.83 -7.72
CA GLU A 44 -10.82 5.87 -7.48
C GLU A 44 -11.20 6.92 -6.45
N ASN A 45 -10.52 6.91 -5.31
CA ASN A 45 -10.80 7.87 -4.25
C ASN A 45 -10.33 9.27 -4.66
N ASP A 46 -9.63 9.96 -3.76
CA ASP A 46 -9.13 11.31 -4.03
C ASP A 46 -10.26 12.34 -4.03
N ASP A 47 -11.49 11.89 -4.30
CA ASP A 47 -12.64 12.78 -4.34
C ASP A 47 -13.18 13.06 -2.94
N LYS A 48 -13.48 14.33 -2.67
CA LYS A 48 -14.03 14.73 -1.37
C LYS A 48 -14.52 16.18 -1.43
N SER A 49 -13.73 17.05 -2.05
CA SER A 49 -14.08 18.46 -2.16
C SER A 49 -15.35 18.63 -2.97
N MET B 1 6.44 3.83 18.32
CA MET B 1 5.70 2.57 18.05
C MET B 1 6.09 1.98 16.69
N GLN B 2 6.26 0.66 16.65
CA GLN B 2 6.62 -0.02 15.42
C GLN B 2 5.45 -0.06 14.43
N ILE B 3 5.78 0.00 13.15
CA ILE B 3 4.75 -0.03 12.11
C ILE B 3 5.09 -1.05 11.03
N PHE B 4 4.09 -1.81 10.61
CA PHE B 4 4.27 -2.84 9.59
C PHE B 4 4.11 -2.28 8.19
N VAL B 5 4.87 -2.83 7.26
CA VAL B 5 4.83 -2.43 5.85
C VAL B 5 5.08 -3.63 4.96
N LYS B 6 4.05 -4.46 4.81
CA LYS B 6 4.17 -5.68 4.00
C LYS B 6 4.27 -5.40 2.51
N THR B 7 5.20 -6.10 1.88
CA THR B 7 5.40 -6.00 0.43
C THR B 7 4.38 -6.90 -0.24
N LEU B 8 3.83 -6.46 -1.38
CA LEU B 8 2.83 -7.26 -2.10
C LEU B 8 3.25 -8.73 -2.14
N THR B 9 2.62 -9.53 -1.27
CA THR B 9 2.91 -10.96 -1.19
C THR B 9 4.42 -11.20 -1.11
N GLY B 10 5.04 -10.77 -0.02
CA GLY B 10 6.48 -10.95 0.11
C GLY B 10 6.98 -11.02 1.53
N LYS B 11 6.91 -9.89 2.25
CA LYS B 11 7.40 -9.83 3.63
C LYS B 11 7.06 -8.51 4.30
N THR B 12 6.66 -8.58 5.58
CA THR B 12 6.30 -7.39 6.35
C THR B 12 7.52 -6.66 6.90
N ILE B 13 7.64 -5.38 6.57
CA ILE B 13 8.75 -4.55 7.05
C ILE B 13 8.35 -3.80 8.32
N THR B 14 9.23 -3.78 9.31
CA THR B 14 8.93 -3.11 10.57
C THR B 14 9.86 -1.91 10.80
N LEU B 15 9.27 -0.75 11.09
CA LEU B 15 10.04 0.46 11.35
C LEU B 15 9.57 1.13 12.63
N GLU B 16 10.52 1.66 13.40
CA GLU B 16 10.21 2.35 14.65
C GLU B 16 9.89 3.81 14.38
N VAL B 17 8.71 4.25 14.80
CA VAL B 17 8.30 5.64 14.61
C VAL B 17 7.36 6.11 15.71
N GLU B 18 7.62 7.31 16.22
CA GLU B 18 6.81 7.89 17.29
C GLU B 18 5.42 8.23 16.79
N SER B 19 4.44 8.22 17.69
CA SER B 19 3.07 8.55 17.35
C SER B 19 2.89 10.06 17.21
N SER B 20 3.86 10.69 16.54
CA SER B 20 3.85 12.13 16.33
C SER B 20 4.92 12.50 15.31
N ASP B 21 4.91 11.79 14.19
CA ASP B 21 5.88 11.99 13.12
C ASP B 21 5.18 11.89 11.77
N THR B 22 5.60 12.74 10.84
CA THR B 22 5.00 12.77 9.51
C THR B 22 5.34 11.52 8.69
N ILE B 23 4.39 11.11 7.87
CA ILE B 23 4.55 9.93 7.02
C ILE B 23 5.81 10.04 6.15
N ASP B 24 6.05 11.22 5.60
CA ASP B 24 7.22 11.45 4.74
C ASP B 24 8.50 10.97 5.43
N ASN B 25 8.65 11.30 6.71
CA ASN B 25 9.83 10.88 7.45
C ASN B 25 10.01 9.37 7.37
N VAL B 26 8.91 8.66 7.56
CA VAL B 26 8.92 7.20 7.49
C VAL B 26 9.36 6.75 6.10
N LYS B 27 8.88 7.44 5.08
CA LYS B 27 9.24 7.12 3.70
C LYS B 27 10.74 7.18 3.50
N SER B 28 11.37 8.20 4.08
CA SER B 28 12.81 8.37 3.98
C SER B 28 13.55 7.23 4.66
N LYS B 29 13.10 6.87 5.86
CA LYS B 29 13.72 5.79 6.62
C LYS B 29 13.66 4.48 5.84
N ILE B 30 12.49 4.16 5.30
CA ILE B 30 12.30 2.93 4.53
C ILE B 30 13.16 2.95 3.27
N GLN B 31 13.25 4.12 2.64
CA GLN B 31 14.03 4.27 1.42
C GLN B 31 15.49 3.90 1.66
N ASP B 32 16.07 4.44 2.72
CA ASP B 32 17.46 4.17 3.05
C ASP B 32 17.66 2.72 3.50
N LYS B 33 16.72 2.21 4.29
CA LYS B 33 16.80 0.85 4.79
C LYS B 33 16.74 -0.19 3.67
N GLU B 34 15.59 -0.29 3.03
CA GLU B 34 15.39 -1.26 1.95
C GLU B 34 16.13 -0.83 0.67
N GLY B 35 16.11 0.46 0.38
CA GLY B 35 16.75 0.97 -0.81
C GLY B 35 15.84 0.95 -2.02
N ILE B 36 14.55 1.13 -1.77
CA ILE B 36 13.55 1.14 -2.83
C ILE B 36 13.27 2.57 -3.29
N PRO B 37 13.23 2.82 -4.61
CA PRO B 37 12.96 4.15 -5.17
C PRO B 37 11.66 4.74 -4.62
N PRO B 38 11.66 6.04 -4.26
CA PRO B 38 10.48 6.71 -3.72
C PRO B 38 9.28 6.63 -4.66
N ASP B 39 9.53 6.82 -5.94
CA ASP B 39 8.46 6.77 -6.95
C ASP B 39 7.91 5.35 -7.08
N GLN B 40 8.80 4.37 -7.10
CA GLN B 40 8.40 2.98 -7.23
C GLN B 40 7.56 2.51 -6.04
N GLN B 41 8.05 2.79 -4.84
CA GLN B 41 7.34 2.39 -3.62
C GLN B 41 5.99 3.10 -3.50
N ARG B 42 4.97 2.34 -3.12
CA ARG B 42 3.62 2.87 -2.98
C ARG B 42 2.99 2.38 -1.67
N LEU B 43 3.34 3.04 -0.57
CA LEU B 43 2.81 2.66 0.74
C LEU B 43 1.32 2.97 0.86
N ILE B 44 0.50 2.03 0.42
CA ILE B 44 -0.95 2.18 0.48
C ILE B 44 -1.49 1.83 1.86
N PHE B 45 -2.48 2.59 2.30
CA PHE B 45 -3.10 2.38 3.59
C PHE B 45 -4.45 3.10 3.62
N ALA B 46 -5.44 2.46 4.23
CA ALA B 46 -6.77 3.03 4.30
C ALA B 46 -7.33 3.26 2.90
N GLY B 47 -6.92 2.38 1.97
CA GLY B 47 -7.38 2.47 0.60
C GLY B 47 -6.65 3.51 -0.23
N LYS B 48 -5.48 3.97 0.24
CA LYS B 48 -4.71 4.96 -0.50
C LYS B 48 -3.34 5.23 0.14
N GLN B 49 -2.34 5.46 -0.71
CA GLN B 49 -0.99 5.75 -0.25
C GLN B 49 -1.00 6.93 0.73
N LEU B 50 -0.31 6.77 1.85
CA LEU B 50 -0.25 7.83 2.86
C LEU B 50 0.55 9.02 2.33
N GLU B 51 -0.03 10.22 2.46
CA GLU B 51 0.60 11.44 1.99
C GLU B 51 1.93 11.68 2.71
N ASP B 52 2.93 12.11 1.94
CA ASP B 52 4.26 12.38 2.49
C ASP B 52 4.31 13.76 3.17
N GLY B 53 3.35 14.01 4.05
CA GLY B 53 3.32 15.29 4.74
C GLY B 53 2.17 15.41 5.73
N ARG B 54 1.99 14.36 6.54
CA ARG B 54 0.93 14.34 7.54
C ARG B 54 1.29 13.46 8.72
N THR B 55 1.05 13.96 9.92
CA THR B 55 1.35 13.23 11.15
C THR B 55 0.44 12.01 11.28
N LEU B 56 0.97 10.96 11.91
CA LEU B 56 0.21 9.73 12.12
C LEU B 56 -1.15 10.02 12.74
N SER B 57 -1.20 11.06 13.58
CA SER B 57 -2.43 11.45 14.25
C SER B 57 -3.55 11.74 13.25
N ASP B 58 -3.19 12.38 12.14
CA ASP B 58 -4.17 12.73 11.11
C ASP B 58 -4.97 11.50 10.67
N TYR B 59 -4.27 10.48 10.20
CA TYR B 59 -4.91 9.25 9.76
C TYR B 59 -5.37 8.41 10.94
N ASN B 60 -4.92 8.81 12.13
CA ASN B 60 -5.26 8.09 13.36
C ASN B 60 -4.74 6.66 13.25
N ILE B 61 -3.53 6.53 12.71
CA ILE B 61 -2.90 5.23 12.53
C ILE B 61 -2.62 4.55 13.87
N GLN B 62 -3.12 3.34 14.02
CA GLN B 62 -2.94 2.57 15.25
C GLN B 62 -1.57 1.90 15.26
N LYS B 63 -0.97 1.77 16.44
CA LYS B 63 0.33 1.15 16.59
C LYS B 63 0.37 -0.22 15.92
N GLU B 64 1.51 -0.52 15.28
CA GLU B 64 1.68 -1.80 14.59
C GLU B 64 0.67 -1.93 13.45
N SER B 65 0.44 -0.83 12.74
CA SER B 65 -0.49 -0.84 11.61
C SER B 65 0.08 -1.62 10.43
N THR B 66 -0.76 -2.42 9.79
CA THR B 66 -0.36 -3.22 8.65
C THR B 66 -0.44 -2.42 7.35
N LEU B 67 0.62 -1.67 7.04
CA LEU B 67 0.67 -0.87 5.83
C LEU B 67 1.15 -1.70 4.65
N HIS B 68 0.52 -1.51 3.50
CA HIS B 68 0.89 -2.24 2.30
C HIS B 68 1.86 -1.45 1.44
N LEU B 69 2.83 -2.14 0.85
CA LEU B 69 3.82 -1.51 0.00
C LEU B 69 3.79 -2.11 -1.40
N VAL B 70 3.51 -1.27 -2.38
CA VAL B 70 3.45 -1.71 -3.77
C VAL B 70 4.58 -1.09 -4.60
N LEU B 71 5.36 -1.94 -5.26
CA LEU B 71 6.47 -1.47 -6.08
C LEU B 71 6.08 -1.41 -7.55
N ARG B 72 6.36 -0.28 -8.19
CA ARG B 72 6.02 -0.09 -9.60
C ARG B 72 6.96 -0.90 -10.48
N LEU B 73 6.39 -1.64 -11.42
CA LEU B 73 7.16 -2.47 -12.35
C LEU B 73 7.70 -1.63 -13.50
N ARG B 74 8.45 -0.58 -13.16
CA ARG B 74 9.02 0.30 -14.18
C ARG B 74 10.41 0.78 -13.78
N GLY B 75 11.33 0.79 -14.74
CA GLY B 75 12.70 1.22 -14.47
C GLY B 75 12.79 2.71 -14.17
N GLY B 76 13.75 3.38 -14.80
CA GLY B 76 13.93 4.81 -14.58
C GLY B 76 12.70 5.61 -14.97
N ASN A 1 -2.07 -18.39 -13.91
CA ASN A 1 -2.88 -18.68 -12.75
C ASN A 1 -2.26 -19.80 -11.92
N ASP A 2 -2.19 -19.60 -10.61
CA ASP A 2 -1.61 -20.59 -9.71
C ASP A 2 -1.88 -20.24 -8.25
N ASP A 3 -1.98 -18.94 -7.97
CA ASP A 3 -2.22 -18.46 -6.61
C ASP A 3 -2.60 -16.99 -6.60
N HIS A 4 -3.47 -16.59 -7.54
CA HIS A 4 -3.92 -15.21 -7.61
C HIS A 4 -4.64 -14.83 -6.32
N GLU A 5 -5.19 -15.85 -5.65
CA GLU A 5 -5.92 -15.66 -4.41
C GLU A 5 -5.08 -14.86 -3.42
N SER A 6 -3.78 -15.13 -3.42
CA SER A 6 -2.86 -14.41 -2.54
C SER A 6 -2.94 -12.93 -2.81
N LYS A 7 -2.81 -12.56 -4.08
CA LYS A 7 -2.90 -11.17 -4.50
C LYS A 7 -4.27 -10.62 -4.13
N LEU A 8 -5.28 -11.48 -4.26
CA LEU A 8 -6.65 -11.13 -3.93
C LEU A 8 -6.74 -10.76 -2.46
N SER A 9 -6.03 -11.52 -1.63
CA SER A 9 -6.00 -11.28 -0.20
C SER A 9 -5.45 -9.89 0.09
N ILE A 10 -4.35 -9.56 -0.59
CA ILE A 10 -3.73 -8.25 -0.44
C ILE A 10 -4.72 -7.14 -0.77
N LEU A 11 -5.48 -7.34 -1.84
CA LEU A 11 -6.46 -6.35 -2.28
C LEU A 11 -7.54 -6.14 -1.22
N MET A 12 -8.06 -7.23 -0.67
CA MET A 12 -9.11 -7.14 0.35
C MET A 12 -8.64 -6.35 1.56
N ASP A 13 -7.47 -6.69 2.08
CA ASP A 13 -6.91 -6.00 3.24
C ASP A 13 -6.55 -4.57 2.89
N MET A 14 -5.98 -4.38 1.70
CA MET A 14 -5.57 -3.07 1.24
C MET A 14 -6.77 -2.14 1.08
N PHE A 15 -7.90 -2.70 0.63
CA PHE A 15 -9.12 -1.92 0.44
C PHE A 15 -10.29 -2.53 1.22
N PRO A 16 -10.27 -2.42 2.56
CA PRO A 16 -11.34 -2.97 3.41
C PRO A 16 -12.73 -2.51 2.97
N ALA A 17 -12.83 -1.23 2.60
CA ALA A 17 -14.10 -0.66 2.16
C ALA A 17 -14.61 -1.35 0.90
N ILE A 18 -13.74 -1.51 -0.09
CA ILE A 18 -14.11 -2.15 -1.35
C ILE A 18 -14.35 -3.64 -1.18
N SER A 19 -15.45 -4.13 -1.73
CA SER A 19 -15.79 -5.54 -1.65
C SER A 19 -14.79 -6.39 -2.42
N LYS A 20 -14.44 -7.54 -1.86
CA LYS A 20 -13.48 -8.45 -2.50
C LYS A 20 -13.96 -8.88 -3.87
N SER A 21 -15.28 -8.94 -4.06
CA SER A 21 -15.85 -9.34 -5.34
C SER A 21 -15.33 -8.46 -6.47
N LYS A 22 -15.37 -7.15 -6.26
CA LYS A 22 -14.89 -6.19 -7.26
C LYS A 22 -13.40 -6.38 -7.52
N LEU A 23 -12.62 -6.44 -6.44
CA LEU A 23 -11.18 -6.62 -6.55
C LEU A 23 -10.85 -7.90 -7.32
N GLN A 24 -11.63 -8.94 -7.08
CA GLN A 24 -11.44 -10.22 -7.76
C GLN A 24 -11.68 -10.08 -9.25
N VAL A 25 -12.73 -9.35 -9.60
CA VAL A 25 -13.08 -9.12 -11.00
C VAL A 25 -11.92 -8.45 -11.74
N HIS A 26 -11.37 -7.40 -11.15
CA HIS A 26 -10.25 -6.68 -11.74
C HIS A 26 -9.04 -7.59 -11.89
N LEU A 27 -8.81 -8.41 -10.88
CA LEU A 27 -7.66 -9.32 -10.88
C LEU A 27 -7.77 -10.32 -12.03
N LEU A 28 -8.95 -10.89 -12.22
CA LEU A 28 -9.19 -11.86 -13.28
C LEU A 28 -8.99 -11.23 -14.66
N GLU A 29 -9.61 -10.07 -14.85
CA GLU A 29 -9.51 -9.36 -16.12
C GLU A 29 -8.06 -9.00 -16.45
N ASN A 30 -7.38 -8.39 -15.47
CA ASN A 30 -5.99 -7.99 -15.67
C ASN A 30 -5.05 -9.16 -15.39
N ASN A 31 -5.53 -10.37 -15.63
CA ASN A 31 -4.74 -11.60 -15.42
C ASN A 31 -4.42 -11.79 -13.93
N ASN A 32 -3.55 -10.95 -13.41
CA ASN A 32 -3.14 -11.00 -12.01
C ASN A 32 -2.17 -9.88 -11.70
N ASP A 33 -2.36 -8.74 -12.36
CA ASP A 33 -1.51 -7.57 -12.17
C ASP A 33 -1.93 -6.79 -10.92
N LEU A 34 -0.94 -6.41 -10.11
CA LEU A 34 -1.22 -5.67 -8.88
C LEU A 34 -0.96 -4.17 -9.03
N ASP A 35 0.20 -3.81 -9.57
CA ASP A 35 0.57 -2.40 -9.74
C ASP A 35 -0.47 -1.63 -10.55
N LEU A 36 -0.85 -2.17 -11.70
CA LEU A 36 -1.83 -1.52 -12.58
C LEU A 36 -3.19 -1.43 -11.89
N THR A 37 -3.72 -2.59 -11.47
CA THR A 37 -5.02 -2.63 -10.81
C THR A 37 -5.05 -1.69 -9.61
N ILE A 38 -4.21 -1.98 -8.63
CA ILE A 38 -4.14 -1.17 -7.41
C ILE A 38 -3.90 0.30 -7.77
N GLY A 39 -3.08 0.54 -8.79
CA GLY A 39 -2.80 1.89 -9.20
C GLY A 39 -4.08 2.67 -9.46
N LEU A 40 -4.99 2.05 -10.18
CA LEU A 40 -6.28 2.68 -10.50
C LEU A 40 -7.15 2.77 -9.25
N LEU A 41 -7.09 1.74 -8.41
CA LEU A 41 -7.87 1.69 -7.18
C LEU A 41 -7.57 2.86 -6.25
N LEU A 42 -6.29 3.21 -6.08
CA LEU A 42 -5.91 4.31 -5.20
C LEU A 42 -6.67 5.58 -5.57
N LYS A 43 -6.67 5.91 -6.85
CA LYS A 43 -7.36 7.11 -7.34
C LYS A 43 -8.86 6.84 -7.52
N GLU A 44 -9.45 6.11 -6.59
CA GLU A 44 -10.87 5.79 -6.65
C GLU A 44 -11.72 7.04 -6.50
N ASN A 45 -11.45 7.80 -5.44
CA ASN A 45 -12.18 9.04 -5.18
C ASN A 45 -11.90 10.07 -6.26
N ASP A 46 -10.63 10.21 -6.62
CA ASP A 46 -10.22 11.16 -7.64
C ASP A 46 -10.75 10.75 -9.01
N ASP A 47 -11.30 11.73 -9.73
CA ASP A 47 -11.86 11.48 -11.05
C ASP A 47 -10.77 10.98 -12.00
N LYS A 48 -11.11 9.97 -12.81
CA LYS A 48 -10.16 9.39 -13.76
C LYS A 48 -9.67 10.44 -14.76
N SER A 49 -8.40 10.35 -15.13
CA SER A 49 -7.80 11.28 -16.06
C SER A 49 -8.54 11.27 -17.40
N MET B 1 6.80 2.75 19.08
CA MET B 1 5.77 2.54 18.02
C MET B 1 6.41 2.00 16.74
N GLN B 2 5.66 1.16 16.03
CA GLN B 2 6.14 0.57 14.79
C GLN B 2 4.97 0.26 13.86
N ILE B 3 5.25 0.29 12.56
CA ILE B 3 4.24 0.02 11.56
C ILE B 3 4.69 -1.11 10.63
N PHE B 4 3.79 -2.06 10.37
CA PHE B 4 4.12 -3.21 9.52
C PHE B 4 4.08 -2.86 8.04
N VAL B 5 5.27 -2.62 7.47
CA VAL B 5 5.38 -2.32 6.05
C VAL B 5 5.25 -3.61 5.23
N LYS B 6 4.01 -4.02 4.99
CA LYS B 6 3.73 -5.24 4.25
C LYS B 6 3.86 -5.03 2.74
N THR B 7 4.56 -5.94 2.09
CA THR B 7 4.74 -5.89 0.65
C THR B 7 3.72 -6.79 -0.04
N LEU B 8 3.30 -6.40 -1.24
CA LEU B 8 2.32 -7.18 -1.98
C LEU B 8 2.72 -8.65 -2.02
N THR B 9 4.03 -8.89 -2.05
CA THR B 9 4.54 -10.26 -2.09
C THR B 9 4.16 -11.03 -0.83
N GLY B 10 4.48 -10.47 0.34
CA GLY B 10 4.15 -11.12 1.60
C GLY B 10 4.96 -10.60 2.77
N LYS B 11 6.23 -10.31 2.52
CA LYS B 11 7.13 -9.81 3.55
C LYS B 11 6.55 -8.60 4.28
N THR B 12 6.66 -8.61 5.61
CA THR B 12 6.16 -7.51 6.44
C THR B 12 7.30 -6.86 7.21
N ILE B 13 7.96 -5.89 6.59
CA ILE B 13 9.08 -5.20 7.22
C ILE B 13 8.58 -4.21 8.27
N THR B 14 8.94 -4.43 9.53
CA THR B 14 8.54 -3.55 10.61
C THR B 14 9.47 -2.36 10.75
N LEU B 15 8.90 -1.16 10.77
CA LEU B 15 9.69 0.06 10.90
C LEU B 15 9.33 0.81 12.17
N GLU B 16 10.33 1.38 12.79
CA GLU B 16 10.14 2.16 14.00
C GLU B 16 9.75 3.58 13.62
N VAL B 17 8.61 4.05 14.12
CA VAL B 17 8.16 5.39 13.77
C VAL B 17 7.09 5.87 14.75
N GLU B 18 7.24 7.11 15.23
CA GLU B 18 6.30 7.70 16.16
C GLU B 18 5.15 8.37 15.42
N SER B 19 3.97 8.35 16.03
CA SER B 19 2.80 8.98 15.42
C SER B 19 2.86 10.50 15.59
N SER B 20 4.09 11.04 15.63
CA SER B 20 4.28 12.47 15.78
C SER B 20 5.15 13.02 14.66
N ASP B 21 6.03 12.16 14.15
CA ASP B 21 6.95 12.55 13.06
C ASP B 21 6.17 12.94 11.81
N THR B 22 6.29 12.15 10.75
CA THR B 22 5.60 12.44 9.49
C THR B 22 5.71 11.27 8.52
N ILE B 23 4.66 11.07 7.72
CA ILE B 23 4.65 9.99 6.74
C ILE B 23 5.91 10.04 5.87
N ASP B 24 6.32 11.26 5.51
CA ASP B 24 7.51 11.44 4.70
C ASP B 24 8.71 10.79 5.37
N ASN B 25 8.80 10.95 6.68
CA ASN B 25 9.89 10.38 7.46
C ASN B 25 9.86 8.85 7.37
N VAL B 26 8.65 8.28 7.44
CA VAL B 26 8.49 6.84 7.36
C VAL B 26 9.10 6.31 6.06
N LYS B 27 8.75 6.94 4.95
CA LYS B 27 9.27 6.56 3.66
C LYS B 27 10.78 6.74 3.63
N SER B 28 11.25 7.82 4.26
CA SER B 28 12.68 8.11 4.33
C SER B 28 13.41 6.94 4.98
N LYS B 29 12.81 6.41 6.05
CA LYS B 29 13.38 5.27 6.76
C LYS B 29 13.45 4.07 5.83
N ILE B 30 12.38 3.88 5.06
CA ILE B 30 12.30 2.77 4.11
C ILE B 30 13.45 2.87 3.11
N GLN B 31 13.81 4.10 2.75
CA GLN B 31 14.90 4.34 1.81
C GLN B 31 16.22 3.89 2.42
N ASP B 32 16.47 4.33 3.64
CA ASP B 32 17.70 4.01 4.34
C ASP B 32 17.91 2.50 4.45
N LYS B 33 16.84 1.78 4.76
CA LYS B 33 16.93 0.32 4.91
C LYS B 33 16.82 -0.41 3.57
N GLU B 34 15.69 -0.24 2.90
CA GLU B 34 15.45 -0.92 1.62
C GLU B 34 16.13 -0.21 0.44
N GLY B 35 16.09 1.11 0.41
CA GLY B 35 16.70 1.86 -0.67
C GLY B 35 15.92 1.73 -1.97
N ILE B 36 14.60 1.85 -1.87
CA ILE B 36 13.73 1.75 -3.04
C ILE B 36 13.34 3.13 -3.55
N PRO B 37 13.41 3.37 -4.87
CA PRO B 37 13.06 4.66 -5.46
C PRO B 37 11.72 5.19 -4.94
N PRO B 38 11.66 6.48 -4.57
CA PRO B 38 10.44 7.09 -4.04
C PRO B 38 9.26 6.98 -4.98
N ASP B 39 9.50 7.27 -6.26
CA ASP B 39 8.45 7.20 -7.27
C ASP B 39 7.89 5.79 -7.39
N GLN B 40 8.78 4.80 -7.39
CA GLN B 40 8.37 3.40 -7.50
C GLN B 40 7.59 2.95 -6.26
N GLN B 41 8.23 3.00 -5.10
CA GLN B 41 7.59 2.59 -3.86
C GLN B 41 6.39 3.47 -3.54
N ARG B 42 5.31 2.85 -3.07
CA ARG B 42 4.10 3.58 -2.72
C ARG B 42 3.40 2.92 -1.55
N LEU B 43 3.47 3.56 -0.38
CA LEU B 43 2.84 3.03 0.82
C LEU B 43 1.33 3.27 0.78
N ILE B 44 0.57 2.18 0.75
CA ILE B 44 -0.90 2.27 0.69
C ILE B 44 -1.53 1.96 2.04
N PHE B 45 -2.60 2.68 2.35
CA PHE B 45 -3.32 2.52 3.60
C PHE B 45 -4.73 3.10 3.47
N ALA B 46 -5.70 2.46 4.11
CA ALA B 46 -7.08 2.91 4.04
C ALA B 46 -7.54 3.01 2.59
N GLY B 47 -7.05 2.08 1.77
CA GLY B 47 -7.42 2.04 0.37
C GLY B 47 -6.83 3.18 -0.45
N LYS B 48 -5.68 3.71 -0.03
CA LYS B 48 -5.05 4.81 -0.76
C LYS B 48 -3.66 5.13 -0.20
N GLN B 49 -2.72 5.39 -1.10
CA GLN B 49 -1.34 5.73 -0.72
C GLN B 49 -1.33 6.97 0.16
N LEU B 50 -0.69 6.85 1.33
CA LEU B 50 -0.59 7.98 2.25
C LEU B 50 0.36 9.04 1.72
N GLU B 51 -0.12 10.27 1.63
CA GLU B 51 0.70 11.37 1.14
C GLU B 51 1.84 11.68 2.11
N ASP B 52 3.06 11.70 1.59
CA ASP B 52 4.24 11.97 2.41
C ASP B 52 4.24 13.44 2.86
N GLY B 53 4.48 13.65 4.15
CA GLY B 53 4.50 15.00 4.68
C GLY B 53 3.54 15.17 5.85
N ARG B 54 2.41 14.49 5.79
CA ARG B 54 1.41 14.57 6.84
C ARG B 54 1.91 13.96 8.15
N THR B 55 1.03 13.25 8.86
CA THR B 55 1.39 12.62 10.13
C THR B 55 0.57 11.35 10.36
N LEU B 56 1.18 10.36 11.02
CA LEU B 56 0.51 9.11 11.31
C LEU B 56 -0.82 9.35 12.02
N SER B 57 -0.80 10.25 13.00
CA SER B 57 -2.01 10.58 13.76
C SER B 57 -3.11 11.13 12.87
N ASP B 58 -2.71 11.91 11.86
CA ASP B 58 -3.67 12.52 10.94
C ASP B 58 -4.58 11.47 10.31
N TYR B 59 -3.99 10.45 9.71
CA TYR B 59 -4.78 9.39 9.07
C TYR B 59 -5.28 8.38 10.11
N ASN B 60 -5.39 8.81 11.36
CA ASN B 60 -5.86 7.95 12.44
C ASN B 60 -5.14 6.60 12.43
N ILE B 61 -3.86 6.61 12.06
CA ILE B 61 -3.08 5.39 12.01
C ILE B 61 -2.84 4.83 13.41
N GLN B 62 -3.23 3.58 13.62
CA GLN B 62 -3.07 2.93 14.90
C GLN B 62 -1.70 2.26 15.03
N LYS B 63 -1.17 2.23 16.25
CA LYS B 63 0.12 1.61 16.52
C LYS B 63 0.16 0.18 15.99
N GLU B 64 1.31 -0.22 15.45
CA GLU B 64 1.47 -1.57 14.92
C GLU B 64 0.51 -1.81 13.76
N SER B 65 0.30 -0.77 12.96
CA SER B 65 -0.61 -0.87 11.81
C SER B 65 0.02 -1.71 10.70
N THR B 66 -0.36 -1.41 9.46
CA THR B 66 0.17 -2.14 8.31
C THR B 66 -0.05 -1.36 7.02
N LEU B 67 1.04 -1.15 6.28
CA LEU B 67 0.99 -0.42 5.02
C LEU B 67 1.53 -1.28 3.89
N HIS B 68 0.82 -1.29 2.76
CA HIS B 68 1.23 -2.08 1.61
C HIS B 68 2.15 -1.28 0.69
N LEU B 69 3.44 -1.60 0.75
CA LEU B 69 4.46 -0.94 -0.06
C LEU B 69 4.39 -1.43 -1.50
N VAL B 70 3.44 -0.91 -2.27
CA VAL B 70 3.28 -1.31 -3.66
C VAL B 70 4.31 -0.63 -4.56
N LEU B 71 4.93 -1.43 -5.43
CA LEU B 71 5.93 -0.91 -6.36
C LEU B 71 5.27 -0.48 -7.67
N ARG B 72 5.72 0.66 -8.20
CA ARG B 72 5.18 1.18 -9.45
C ARG B 72 5.53 0.23 -10.59
N LEU B 73 6.82 0.06 -10.83
CA LEU B 73 7.29 -0.83 -11.88
C LEU B 73 6.86 -2.27 -11.57
N ARG B 74 6.31 -2.95 -12.57
CA ARG B 74 5.84 -4.34 -12.38
C ARG B 74 6.91 -5.21 -11.75
N GLY B 75 8.11 -5.18 -12.33
CA GLY B 75 9.21 -5.98 -11.80
C GLY B 75 9.01 -7.46 -12.04
N GLY B 76 10.08 -8.13 -12.45
CA GLY B 76 10.01 -9.56 -12.72
C GLY B 76 11.34 -10.14 -13.15
N ASN A 1 -2.20 -16.27 -15.03
CA ASN A 1 -3.06 -16.76 -13.97
C ASN A 1 -2.60 -18.12 -13.46
N ASP A 2 -2.56 -18.28 -12.14
CA ASP A 2 -2.14 -19.52 -11.52
C ASP A 2 -2.28 -19.43 -10.00
N ASP A 3 -1.85 -18.31 -9.44
CA ASP A 3 -1.92 -18.08 -8.00
C ASP A 3 -2.28 -16.64 -7.69
N HIS A 4 -3.27 -16.12 -8.41
CA HIS A 4 -3.70 -14.73 -8.21
C HIS A 4 -4.38 -14.56 -6.85
N GLU A 5 -4.90 -15.66 -6.30
CA GLU A 5 -5.58 -15.63 -5.01
C GLU A 5 -4.74 -14.91 -3.97
N SER A 6 -3.43 -15.12 -4.02
CA SER A 6 -2.53 -14.44 -3.09
C SER A 6 -2.65 -12.94 -3.29
N LYS A 7 -2.60 -12.53 -4.54
CA LYS A 7 -2.74 -11.11 -4.89
C LYS A 7 -4.07 -10.60 -4.36
N LEU A 8 -5.09 -11.47 -4.44
CA LEU A 8 -6.42 -11.14 -3.96
C LEU A 8 -6.37 -10.87 -2.46
N SER A 9 -5.55 -11.65 -1.75
CA SER A 9 -5.39 -11.50 -0.32
C SER A 9 -4.88 -10.10 -0.01
N ILE A 10 -3.82 -9.70 -0.72
CA ILE A 10 -3.25 -8.38 -0.54
C ILE A 10 -4.32 -7.32 -0.80
N LEU A 11 -5.16 -7.58 -1.80
CA LEU A 11 -6.25 -6.65 -2.15
C LEU A 11 -7.19 -6.46 -0.97
N MET A 12 -7.57 -7.57 -0.34
CA MET A 12 -8.48 -7.52 0.81
C MET A 12 -7.91 -6.64 1.91
N ASP A 13 -6.66 -6.88 2.26
CA ASP A 13 -5.98 -6.12 3.29
C ASP A 13 -5.66 -4.71 2.80
N MET A 14 -5.41 -4.58 1.50
CA MET A 14 -5.09 -3.30 0.89
C MET A 14 -6.26 -2.33 1.02
N PHE A 15 -7.48 -2.85 0.86
CA PHE A 15 -8.67 -2.03 0.95
C PHE A 15 -9.65 -2.60 1.98
N PRO A 16 -9.71 -1.99 3.18
CA PRO A 16 -10.60 -2.44 4.25
C PRO A 16 -12.05 -1.98 4.06
N ALA A 17 -12.60 -2.19 2.87
CA ALA A 17 -13.96 -1.78 2.57
C ALA A 17 -14.46 -2.38 1.26
N ILE A 18 -13.62 -2.33 0.23
CA ILE A 18 -13.98 -2.87 -1.08
C ILE A 18 -14.32 -4.35 -0.99
N SER A 19 -15.42 -4.74 -1.63
CA SER A 19 -15.87 -6.12 -1.63
C SER A 19 -14.84 -7.02 -2.32
N LYS A 20 -14.65 -8.22 -1.76
CA LYS A 20 -13.71 -9.18 -2.32
C LYS A 20 -14.05 -9.53 -3.77
N SER A 21 -15.34 -9.65 -4.06
CA SER A 21 -15.79 -9.98 -5.41
C SER A 21 -15.32 -8.93 -6.41
N LYS A 22 -15.51 -7.67 -6.06
CA LYS A 22 -15.11 -6.55 -6.92
C LYS A 22 -13.60 -6.61 -7.20
N LEU A 23 -12.82 -6.82 -6.14
CA LEU A 23 -11.37 -6.90 -6.25
C LEU A 23 -10.98 -8.03 -7.20
N GLN A 24 -11.67 -9.16 -7.10
CA GLN A 24 -11.39 -10.31 -7.94
C GLN A 24 -11.61 -9.95 -9.42
N VAL A 25 -12.68 -9.21 -9.69
CA VAL A 25 -13.00 -8.79 -11.05
C VAL A 25 -11.88 -7.93 -11.64
N HIS A 26 -11.47 -6.91 -10.89
CA HIS A 26 -10.41 -6.02 -11.34
C HIS A 26 -9.11 -6.79 -11.59
N LEU A 27 -8.79 -7.70 -10.69
CA LEU A 27 -7.58 -8.50 -10.79
C LEU A 27 -7.57 -9.31 -12.09
N LEU A 28 -8.66 -10.02 -12.36
CA LEU A 28 -8.75 -10.84 -13.56
C LEU A 28 -8.60 -10.01 -14.84
N GLU A 29 -9.29 -8.89 -14.90
CA GLU A 29 -9.25 -8.02 -16.08
C GLU A 29 -7.86 -7.41 -16.31
N ASN A 30 -7.26 -6.88 -15.25
CA ASN A 30 -5.94 -6.24 -15.35
C ASN A 30 -4.80 -7.26 -15.40
N ASN A 31 -4.97 -8.31 -16.19
CA ASN A 31 -3.93 -9.33 -16.35
C ASN A 31 -3.35 -9.78 -15.00
N ASN A 32 -4.19 -9.77 -13.96
CA ASN A 32 -3.77 -10.20 -12.63
C ASN A 32 -2.55 -9.42 -12.11
N ASP A 33 -2.59 -8.09 -12.22
CA ASP A 33 -1.48 -7.26 -11.74
C ASP A 33 -1.93 -6.40 -10.55
N LEU A 34 -1.08 -6.31 -9.53
CA LEU A 34 -1.40 -5.55 -8.33
C LEU A 34 -1.10 -4.06 -8.49
N ASP A 35 0.09 -3.73 -8.99
CA ASP A 35 0.48 -2.34 -9.16
C ASP A 35 -0.53 -1.53 -9.99
N LEU A 36 -0.91 -2.05 -11.14
CA LEU A 36 -1.85 -1.36 -12.02
C LEU A 36 -3.25 -1.31 -11.40
N THR A 37 -3.78 -2.48 -11.05
CA THR A 37 -5.11 -2.56 -10.46
C THR A 37 -5.22 -1.69 -9.22
N ILE A 38 -4.44 -2.01 -8.20
CA ILE A 38 -4.45 -1.25 -6.96
C ILE A 38 -4.21 0.23 -7.23
N GLY A 39 -3.30 0.53 -8.14
CA GLY A 39 -3.02 1.92 -8.48
C GLY A 39 -4.29 2.68 -8.83
N LEU A 40 -5.11 2.06 -9.65
CA LEU A 40 -6.38 2.67 -10.07
C LEU A 40 -7.35 2.72 -8.89
N LEU A 41 -7.34 1.67 -8.08
CA LEU A 41 -8.22 1.59 -6.90
C LEU A 41 -8.02 2.77 -5.97
N LEU A 42 -6.78 3.25 -5.84
CA LEU A 42 -6.49 4.38 -4.95
C LEU A 42 -7.50 5.51 -5.17
N LYS A 43 -7.68 5.88 -6.43
CA LYS A 43 -8.61 6.95 -6.81
C LYS A 43 -10.06 6.54 -6.53
N GLU A 44 -10.33 5.24 -6.57
CA GLU A 44 -11.67 4.72 -6.33
C GLU A 44 -12.04 4.77 -4.86
N ASN A 45 -11.51 5.77 -4.15
CA ASN A 45 -11.78 5.94 -2.73
C ASN A 45 -11.82 7.42 -2.37
N ASP A 46 -12.53 8.20 -3.17
CA ASP A 46 -12.66 9.63 -2.95
C ASP A 46 -13.72 10.24 -3.86
N ASP A 47 -13.68 9.85 -5.13
CA ASP A 47 -14.63 10.35 -6.12
C ASP A 47 -14.57 11.89 -6.20
N LYS A 48 -15.73 12.54 -6.18
CA LYS A 48 -15.79 14.00 -6.25
C LYS A 48 -15.11 14.63 -5.04
N SER A 49 -15.42 14.11 -3.86
CA SER A 49 -14.84 14.63 -2.62
C SER A 49 -15.21 13.74 -1.43
N MET B 1 5.43 4.79 17.61
CA MET B 1 4.99 3.38 17.69
C MET B 1 5.36 2.61 16.42
N GLN B 2 5.66 1.33 16.58
CA GLN B 2 6.03 0.47 15.45
C GLN B 2 4.89 0.36 14.45
N ILE B 3 5.23 0.09 13.19
CA ILE B 3 4.24 -0.04 12.13
C ILE B 3 4.64 -1.14 11.15
N PHE B 4 3.66 -1.95 10.73
CA PHE B 4 3.91 -3.03 9.79
C PHE B 4 3.93 -2.54 8.35
N VAL B 5 4.84 -3.08 7.55
CA VAL B 5 4.97 -2.72 6.15
C VAL B 5 4.87 -3.95 5.26
N LYS B 6 3.63 -4.41 5.05
CA LYS B 6 3.39 -5.60 4.23
C LYS B 6 3.52 -5.29 2.75
N THR B 7 4.30 -6.10 2.05
CA THR B 7 4.49 -5.92 0.61
C THR B 7 3.27 -6.43 -0.16
N LEU B 8 3.50 -6.93 -1.37
CA LEU B 8 2.42 -7.46 -2.19
C LEU B 8 2.48 -8.98 -2.29
N THR B 9 2.64 -9.64 -1.13
CA THR B 9 2.73 -11.10 -1.09
C THR B 9 2.43 -11.63 0.31
N GLY B 10 3.12 -11.10 1.30
CA GLY B 10 2.92 -11.55 2.68
C GLY B 10 3.94 -10.97 3.64
N LYS B 11 5.18 -10.88 3.18
CA LYS B 11 6.26 -10.34 4.00
C LYS B 11 5.86 -9.00 4.61
N THR B 12 6.23 -8.80 5.88
CA THR B 12 5.90 -7.56 6.58
C THR B 12 7.11 -7.05 7.36
N ILE B 13 7.48 -5.80 7.11
CA ILE B 13 8.60 -5.19 7.80
C ILE B 13 8.13 -4.18 8.83
N THR B 14 8.54 -4.36 10.08
CA THR B 14 8.16 -3.46 11.15
C THR B 14 9.16 -2.33 11.30
N LEU B 15 8.66 -1.13 11.61
CA LEU B 15 9.51 0.04 11.77
C LEU B 15 8.87 1.03 12.76
N GLU B 16 9.67 1.52 13.69
CA GLU B 16 9.20 2.47 14.67
C GLU B 16 9.09 3.87 14.07
N VAL B 17 7.95 4.53 14.31
CA VAL B 17 7.72 5.87 13.78
C VAL B 17 6.85 6.70 14.72
N GLU B 18 7.27 7.93 14.96
CA GLU B 18 6.54 8.84 15.85
C GLU B 18 5.20 9.23 15.23
N SER B 19 4.17 9.29 16.06
CA SER B 19 2.85 9.67 15.59
C SER B 19 2.86 11.11 15.07
N SER B 20 3.59 11.97 15.76
CA SER B 20 3.70 13.37 15.36
C SER B 20 4.88 13.60 14.43
N ASP B 21 5.28 12.54 13.72
CA ASP B 21 6.40 12.62 12.79
C ASP B 21 5.92 13.15 11.44
N THR B 22 6.17 12.40 10.36
CA THR B 22 5.77 12.81 9.02
C THR B 22 5.90 11.65 8.03
N ILE B 23 4.97 11.59 7.08
CA ILE B 23 4.96 10.52 6.07
C ILE B 23 6.30 10.43 5.33
N ASP B 24 6.81 11.58 4.89
CA ASP B 24 8.07 11.62 4.16
C ASP B 24 9.19 10.91 4.92
N ASN B 25 9.25 11.15 6.23
CA ASN B 25 10.27 10.54 7.07
C ASN B 25 10.19 9.03 7.02
N VAL B 26 8.97 8.50 7.13
CA VAL B 26 8.76 7.06 7.09
C VAL B 26 9.28 6.47 5.78
N LYS B 27 8.90 7.07 4.67
CA LYS B 27 9.34 6.61 3.36
C LYS B 27 10.86 6.69 3.25
N SER B 28 11.44 7.73 3.84
CA SER B 28 12.89 7.92 3.83
C SER B 28 13.59 6.77 4.54
N LYS B 29 13.06 6.39 5.70
CA LYS B 29 13.62 5.29 6.47
C LYS B 29 13.61 4.00 5.65
N ILE B 30 12.47 3.72 5.04
CA ILE B 30 12.32 2.53 4.21
C ILE B 30 13.27 2.58 3.02
N GLN B 31 13.45 3.78 2.48
CA GLN B 31 14.34 3.99 1.33
C GLN B 31 15.77 3.57 1.66
N ASP B 32 16.26 4.01 2.81
CA ASP B 32 17.62 3.68 3.22
C ASP B 32 17.76 2.20 3.56
N LYS B 33 16.77 1.65 4.26
CA LYS B 33 16.78 0.25 4.66
C LYS B 33 16.71 -0.69 3.45
N GLU B 34 15.58 -0.68 2.76
CA GLU B 34 15.39 -1.53 1.58
C GLU B 34 16.25 -1.10 0.41
N GLY B 35 16.36 0.21 0.20
CA GLY B 35 17.14 0.73 -0.89
C GLY B 35 16.36 0.73 -2.19
N ILE B 36 15.05 0.89 -2.09
CA ILE B 36 14.18 0.93 -3.27
C ILE B 36 13.91 2.36 -3.71
N PRO B 37 14.06 2.66 -5.01
CA PRO B 37 13.83 4.01 -5.55
C PRO B 37 12.42 4.51 -5.22
N PRO B 38 12.30 5.77 -4.78
CA PRO B 38 11.01 6.38 -4.42
C PRO B 38 9.96 6.22 -5.51
N ASP B 39 10.39 6.34 -6.76
CA ASP B 39 9.48 6.22 -7.90
C ASP B 39 8.80 4.86 -7.93
N GLN B 40 9.58 3.80 -7.78
CA GLN B 40 9.03 2.45 -7.80
C GLN B 40 8.18 2.16 -6.57
N GLN B 41 8.75 2.37 -5.38
CA GLN B 41 8.04 2.11 -4.13
C GLN B 41 6.83 3.03 -3.98
N ARG B 42 5.75 2.50 -3.42
CA ARG B 42 4.53 3.26 -3.21
C ARG B 42 3.79 2.74 -1.98
N LEU B 43 3.49 3.65 -1.05
CA LEU B 43 2.78 3.28 0.18
C LEU B 43 1.28 3.47 0.04
N ILE B 44 0.53 2.46 0.48
CA ILE B 44 -0.94 2.51 0.42
C ILE B 44 -1.54 2.10 1.75
N PHE B 45 -2.59 2.81 2.14
CA PHE B 45 -3.29 2.55 3.39
C PHE B 45 -4.69 3.14 3.34
N ALA B 46 -5.61 2.56 4.09
CA ALA B 46 -6.99 3.03 4.10
C ALA B 46 -7.56 3.05 2.69
N GLY B 47 -7.07 2.11 1.86
CA GLY B 47 -7.52 2.01 0.50
C GLY B 47 -7.09 3.18 -0.38
N LYS B 48 -5.91 3.73 -0.12
CA LYS B 48 -5.40 4.85 -0.92
C LYS B 48 -3.96 5.18 -0.57
N GLN B 49 -3.19 5.55 -1.58
CA GLN B 49 -1.79 5.91 -1.40
C GLN B 49 -1.66 7.07 -0.40
N LEU B 50 -0.75 6.92 0.55
CA LEU B 50 -0.53 7.96 1.56
C LEU B 50 0.41 9.03 1.03
N GLU B 51 -0.02 10.29 1.10
CA GLU B 51 0.79 11.41 0.62
C GLU B 51 1.98 11.66 1.54
N ASP B 52 3.15 11.79 0.93
CA ASP B 52 4.38 12.05 1.68
C ASP B 52 4.39 13.47 2.23
N GLY B 53 5.01 13.66 3.39
CA GLY B 53 5.08 14.98 3.99
C GLY B 53 4.00 15.20 5.03
N ARG B 54 2.86 14.53 4.88
CA ARG B 54 1.75 14.66 5.81
C ARG B 54 2.13 14.14 7.19
N THR B 55 1.17 13.54 7.89
CA THR B 55 1.40 12.99 9.23
C THR B 55 0.50 11.80 9.51
N LEU B 56 1.02 10.85 10.28
CA LEU B 56 0.26 9.65 10.64
C LEU B 56 -1.09 10.03 11.26
N SER B 57 -1.05 11.02 12.15
CA SER B 57 -2.25 11.47 12.82
C SER B 57 -3.29 11.97 11.83
N ASP B 58 -2.83 12.60 10.76
CA ASP B 58 -3.73 13.13 9.73
C ASP B 58 -4.63 12.04 9.17
N TYR B 59 -4.04 10.93 8.75
CA TYR B 59 -4.80 9.82 8.20
C TYR B 59 -5.39 8.94 9.31
N ASN B 60 -5.56 9.54 10.49
CA ASN B 60 -6.12 8.82 11.64
C ASN B 60 -5.45 7.46 11.80
N ILE B 61 -4.16 7.39 11.48
CA ILE B 61 -3.41 6.15 11.58
C ILE B 61 -3.13 5.80 13.04
N GLN B 62 -3.49 4.58 13.41
CA GLN B 62 -3.28 4.11 14.78
C GLN B 62 -1.86 3.53 14.94
N LYS B 63 -1.69 2.68 15.95
CA LYS B 63 -0.40 2.06 16.22
C LYS B 63 -0.29 0.72 15.50
N GLU B 64 0.92 0.36 15.08
CA GLU B 64 1.15 -0.90 14.38
C GLU B 64 0.31 -0.98 13.12
N SER B 65 0.20 0.13 12.41
CA SER B 65 -0.58 0.19 11.18
C SER B 65 0.04 -0.70 10.10
N THR B 66 -0.82 -1.42 9.38
CA THR B 66 -0.38 -2.32 8.33
C THR B 66 -0.34 -1.63 6.97
N LEU B 67 0.75 -0.94 6.68
CA LEU B 67 0.92 -0.24 5.41
C LEU B 67 1.47 -1.18 4.34
N HIS B 68 0.97 -1.06 3.12
CA HIS B 68 1.41 -1.89 2.02
C HIS B 68 2.40 -1.15 1.12
N LEU B 69 3.55 -1.79 0.88
CA LEU B 69 4.60 -1.20 0.04
C LEU B 69 4.53 -1.74 -1.39
N VAL B 70 3.62 -1.18 -2.18
CA VAL B 70 3.46 -1.61 -3.57
C VAL B 70 4.63 -1.15 -4.43
N LEU B 71 5.15 -2.07 -5.24
CA LEU B 71 6.28 -1.77 -6.13
C LEU B 71 5.77 -1.49 -7.55
N ARG B 72 6.35 -0.47 -8.19
CA ARG B 72 5.96 -0.11 -9.54
C ARG B 72 6.31 -1.22 -10.53
N LEU B 73 7.50 -1.80 -10.35
CA LEU B 73 7.97 -2.88 -11.23
C LEU B 73 6.98 -4.04 -11.23
N ARG B 74 6.74 -4.61 -12.41
CA ARG B 74 5.81 -5.72 -12.57
C ARG B 74 6.19 -6.86 -11.63
N GLY B 75 5.18 -7.45 -10.99
CA GLY B 75 5.43 -8.56 -10.07
C GLY B 75 6.06 -9.74 -10.77
N GLY B 76 5.54 -10.10 -11.94
CA GLY B 76 6.08 -11.22 -12.69
C GLY B 76 7.50 -10.97 -13.17
N ASN A 1 -5.98 -19.07 -14.89
CA ASN A 1 -5.04 -18.22 -14.15
C ASN A 1 -3.76 -18.99 -13.84
N ASP A 2 -3.27 -18.87 -12.61
CA ASP A 2 -2.05 -19.56 -12.19
C ASP A 2 -1.83 -19.42 -10.68
N ASP A 3 -2.11 -18.21 -10.16
CA ASP A 3 -1.93 -17.94 -8.74
C ASP A 3 -2.41 -16.53 -8.42
N HIS A 4 -3.53 -16.13 -9.02
CA HIS A 4 -4.07 -14.80 -8.79
C HIS A 4 -4.66 -14.69 -7.39
N GLU A 5 -5.05 -15.84 -6.83
CA GLU A 5 -5.64 -15.87 -5.50
C GLU A 5 -4.76 -15.14 -4.48
N SER A 6 -3.46 -15.36 -4.56
CA SER A 6 -2.53 -14.70 -3.66
C SER A 6 -2.67 -13.19 -3.82
N LYS A 7 -2.69 -12.74 -5.06
CA LYS A 7 -2.84 -11.33 -5.37
C LYS A 7 -4.18 -10.85 -4.83
N LEU A 8 -5.19 -11.71 -4.94
CA LEU A 8 -6.53 -11.41 -4.47
C LEU A 8 -6.49 -11.15 -2.97
N SER A 9 -5.67 -11.93 -2.26
CA SER A 9 -5.52 -11.78 -0.84
C SER A 9 -4.97 -10.40 -0.53
N ILE A 10 -3.93 -10.00 -1.27
CA ILE A 10 -3.33 -8.69 -1.08
C ILE A 10 -4.39 -7.63 -1.29
N LEU A 11 -5.25 -7.85 -2.28
CA LEU A 11 -6.33 -6.92 -2.61
C LEU A 11 -7.29 -6.76 -1.44
N MET A 12 -7.62 -7.88 -0.80
CA MET A 12 -8.53 -7.86 0.34
C MET A 12 -7.99 -6.99 1.46
N ASP A 13 -6.73 -7.22 1.81
CA ASP A 13 -6.09 -6.45 2.89
C ASP A 13 -5.76 -5.03 2.40
N MET A 14 -5.45 -4.91 1.11
CA MET A 14 -5.11 -3.63 0.51
C MET A 14 -6.32 -2.69 0.51
N PHE A 15 -7.50 -3.26 0.27
CA PHE A 15 -8.73 -2.48 0.24
C PHE A 15 -9.80 -3.12 1.11
N PRO A 16 -9.60 -3.12 2.44
CA PRO A 16 -10.57 -3.70 3.38
C PRO A 16 -11.97 -3.14 3.17
N ALA A 17 -12.03 -1.84 2.88
CA ALA A 17 -13.30 -1.17 2.65
C ALA A 17 -14.02 -1.74 1.42
N ILE A 18 -13.26 -1.97 0.36
CA ILE A 18 -13.82 -2.50 -0.88
C ILE A 18 -14.28 -3.95 -0.69
N SER A 19 -15.46 -4.26 -1.21
CA SER A 19 -16.02 -5.60 -1.11
C SER A 19 -15.13 -6.61 -1.84
N LYS A 20 -15.03 -7.81 -1.27
CA LYS A 20 -14.20 -8.87 -1.85
C LYS A 20 -14.62 -9.16 -3.29
N SER A 21 -15.93 -9.19 -3.53
CA SER A 21 -16.46 -9.47 -4.86
C SER A 21 -15.88 -8.52 -5.89
N LYS A 22 -15.90 -7.23 -5.59
CA LYS A 22 -15.36 -6.20 -6.47
C LYS A 22 -13.89 -6.45 -6.75
N LEU A 23 -13.17 -6.89 -5.73
CA LEU A 23 -11.74 -7.17 -5.87
C LEU A 23 -11.48 -8.28 -6.87
N GLN A 24 -12.27 -9.35 -6.80
CA GLN A 24 -12.13 -10.47 -7.72
C GLN A 24 -12.44 -10.05 -9.15
N VAL A 25 -13.51 -9.27 -9.32
CA VAL A 25 -13.93 -8.82 -10.64
C VAL A 25 -12.85 -7.99 -11.34
N HIS A 26 -12.43 -6.89 -10.72
CA HIS A 26 -11.42 -6.03 -11.32
C HIS A 26 -10.14 -6.81 -11.55
N LEU A 27 -9.78 -7.64 -10.59
CA LEU A 27 -8.57 -8.45 -10.69
C LEU A 27 -8.62 -9.30 -11.96
N LEU A 28 -9.79 -9.87 -12.23
CA LEU A 28 -9.98 -10.69 -13.42
C LEU A 28 -9.77 -9.86 -14.68
N GLU A 29 -10.29 -8.63 -14.65
CA GLU A 29 -10.18 -7.72 -15.79
C GLU A 29 -8.71 -7.50 -16.15
N ASN A 30 -7.92 -7.07 -15.18
CA ASN A 30 -6.50 -6.82 -15.40
C ASN A 30 -5.70 -8.12 -15.29
N ASN A 31 -6.28 -9.22 -15.75
CA ASN A 31 -5.66 -10.54 -15.70
C ASN A 31 -5.44 -10.99 -14.26
N ASN A 32 -4.45 -10.39 -13.61
CA ASN A 32 -4.13 -10.72 -12.22
C ASN A 32 -2.93 -9.91 -11.73
N ASP A 33 -2.76 -8.71 -12.29
CA ASP A 33 -1.65 -7.84 -11.91
C ASP A 33 -2.09 -6.87 -10.82
N LEU A 34 -1.36 -6.85 -9.71
CA LEU A 34 -1.67 -5.97 -8.59
C LEU A 34 -1.19 -4.54 -8.86
N ASP A 35 0.02 -4.42 -9.37
CA ASP A 35 0.61 -3.11 -9.65
C ASP A 35 -0.32 -2.25 -10.50
N LEU A 36 -0.83 -2.81 -11.58
CA LEU A 36 -1.74 -2.09 -12.48
C LEU A 36 -3.05 -1.76 -11.80
N THR A 37 -3.80 -2.81 -11.45
CA THR A 37 -5.09 -2.66 -10.81
C THR A 37 -5.02 -1.76 -9.57
N ILE A 38 -4.20 -2.16 -8.60
CA ILE A 38 -4.06 -1.38 -7.38
C ILE A 38 -3.64 0.05 -7.67
N GLY A 39 -2.69 0.21 -8.59
CA GLY A 39 -2.22 1.53 -8.94
C GLY A 39 -3.37 2.46 -9.29
N LEU A 40 -4.30 1.96 -10.10
CA LEU A 40 -5.46 2.74 -10.51
C LEU A 40 -6.46 2.83 -9.36
N LEU A 41 -6.51 1.78 -8.54
CA LEU A 41 -7.43 1.71 -7.40
C LEU A 41 -7.24 2.89 -6.44
N LEU A 42 -6.00 3.24 -6.13
CA LEU A 42 -5.72 4.34 -5.20
C LEU A 42 -6.52 5.58 -5.58
N LYS A 43 -6.43 5.97 -6.85
CA LYS A 43 -7.15 7.14 -7.34
C LYS A 43 -8.63 6.82 -7.55
N GLU A 44 -8.92 5.57 -7.88
CA GLU A 44 -10.29 5.12 -8.10
C GLU A 44 -11.20 5.54 -6.96
N ASN A 45 -10.72 5.38 -5.74
CA ASN A 45 -11.49 5.74 -4.55
C ASN A 45 -11.97 7.19 -4.66
N ASP A 46 -11.06 8.07 -5.03
CA ASP A 46 -11.38 9.49 -5.19
C ASP A 46 -12.18 9.72 -6.46
N ASP A 47 -13.30 10.41 -6.34
CA ASP A 47 -14.16 10.71 -7.48
C ASP A 47 -15.31 11.60 -7.07
N LYS A 48 -15.49 12.71 -7.79
CA LYS A 48 -16.56 13.66 -7.50
C LYS A 48 -16.55 14.79 -8.51
N SER A 49 -15.37 15.34 -8.77
CA SER A 49 -15.21 16.44 -9.72
C SER A 49 -13.75 16.62 -10.11
N MET B 1 6.67 4.82 17.74
CA MET B 1 5.58 3.82 17.57
C MET B 1 5.88 2.90 16.39
N GLN B 2 5.96 1.60 16.66
CA GLN B 2 6.23 0.62 15.62
C GLN B 2 5.07 0.51 14.63
N ILE B 3 5.40 0.31 13.36
CA ILE B 3 4.40 0.20 12.31
C ILE B 3 4.77 -0.91 11.33
N PHE B 4 3.78 -1.70 10.92
CA PHE B 4 4.01 -2.79 9.99
C PHE B 4 4.07 -2.28 8.56
N VAL B 5 5.02 -2.81 7.78
CA VAL B 5 5.18 -2.42 6.39
C VAL B 5 5.31 -3.64 5.49
N LYS B 6 4.18 -4.27 5.20
CA LYS B 6 4.14 -5.45 4.36
C LYS B 6 4.20 -5.07 2.88
N THR B 7 5.05 -5.75 2.12
CA THR B 7 5.19 -5.48 0.70
C THR B 7 3.95 -5.93 -0.07
N LEU B 8 4.13 -6.31 -1.34
CA LEU B 8 3.01 -6.77 -2.16
C LEU B 8 3.08 -8.28 -2.34
N THR B 9 3.40 -8.99 -1.26
CA THR B 9 3.49 -10.44 -1.29
C THR B 9 3.13 -11.06 0.06
N GLY B 10 3.79 -10.59 1.11
CA GLY B 10 3.53 -11.12 2.45
C GLY B 10 4.51 -10.61 3.48
N LYS B 11 5.79 -10.53 3.10
CA LYS B 11 6.84 -10.06 4.00
C LYS B 11 6.46 -8.71 4.60
N THR B 12 6.59 -8.61 5.93
CA THR B 12 6.27 -7.36 6.62
C THR B 12 7.47 -6.83 7.38
N ILE B 13 7.69 -5.53 7.29
CA ILE B 13 8.81 -4.88 7.96
C ILE B 13 8.32 -3.87 8.99
N THR B 14 8.70 -4.07 10.24
CA THR B 14 8.31 -3.17 11.31
C THR B 14 9.30 -2.02 11.46
N LEU B 15 8.79 -0.83 11.76
CA LEU B 15 9.65 0.34 11.90
C LEU B 15 9.08 1.31 12.95
N GLU B 16 9.95 1.83 13.79
CA GLU B 16 9.56 2.76 14.84
C GLU B 16 9.44 4.18 14.28
N VAL B 17 8.32 4.84 14.56
CA VAL B 17 8.08 6.19 14.09
C VAL B 17 7.16 6.94 15.04
N GLU B 18 7.43 8.24 15.23
CA GLU B 18 6.62 9.06 16.12
C GLU B 18 5.21 9.24 15.57
N SER B 19 4.24 9.35 16.48
CA SER B 19 2.85 9.54 16.10
C SER B 19 2.68 10.87 15.36
N SER B 20 3.27 11.92 15.91
CA SER B 20 3.20 13.25 15.30
C SER B 20 4.31 13.43 14.26
N ASP B 21 4.79 12.32 13.72
CA ASP B 21 5.84 12.37 12.71
C ASP B 21 5.28 12.79 11.36
N THR B 22 5.51 11.98 10.32
CA THR B 22 5.02 12.29 8.98
C THR B 22 5.33 11.15 8.01
N ILE B 23 4.38 10.87 7.12
CA ILE B 23 4.53 9.81 6.14
C ILE B 23 5.83 9.97 5.37
N ASP B 24 6.17 11.23 5.06
CA ASP B 24 7.39 11.53 4.33
C ASP B 24 8.61 10.96 5.05
N ASN B 25 8.68 11.20 6.36
CA ASN B 25 9.77 10.72 7.17
C ASN B 25 9.79 9.18 7.18
N VAL B 26 8.60 8.59 7.27
CA VAL B 26 8.49 7.14 7.29
C VAL B 26 9.13 6.53 6.04
N LYS B 27 8.79 7.09 4.88
CA LYS B 27 9.35 6.63 3.62
C LYS B 27 10.86 6.82 3.61
N SER B 28 11.31 7.93 4.19
CA SER B 28 12.74 8.23 4.25
C SER B 28 13.48 7.11 4.99
N LYS B 29 12.92 6.67 6.11
CA LYS B 29 13.52 5.60 6.90
C LYS B 29 13.53 4.29 6.10
N ILE B 30 12.41 4.00 5.44
CA ILE B 30 12.31 2.79 4.64
C ILE B 30 13.34 2.80 3.50
N GLN B 31 13.56 3.98 2.94
CA GLN B 31 14.52 4.14 1.85
C GLN B 31 15.95 3.85 2.32
N ASP B 32 16.31 4.40 3.46
CA ASP B 32 17.65 4.20 4.02
C ASP B 32 17.89 2.74 4.41
N LYS B 33 16.90 2.13 5.04
CA LYS B 33 17.01 0.74 5.49
C LYS B 33 16.98 -0.23 4.32
N GLU B 34 15.87 -0.26 3.58
CA GLU B 34 15.72 -1.16 2.46
C GLU B 34 16.58 -0.76 1.26
N GLY B 35 16.60 0.53 0.96
CA GLY B 35 17.37 1.02 -0.17
C GLY B 35 16.58 0.95 -1.46
N ILE B 36 15.33 1.40 -1.40
CA ILE B 36 14.45 1.39 -2.56
C ILE B 36 13.91 2.78 -2.84
N PRO B 37 13.94 3.23 -4.12
CA PRO B 37 13.43 4.55 -4.50
C PRO B 37 12.00 4.79 -4.04
N PRO B 38 11.72 5.98 -3.45
CA PRO B 38 10.38 6.32 -2.97
C PRO B 38 9.36 6.44 -4.10
N ASP B 39 9.79 7.03 -5.21
CA ASP B 39 8.92 7.20 -6.37
C ASP B 39 8.36 5.87 -6.86
N GLN B 40 9.20 4.84 -6.84
CA GLN B 40 8.81 3.52 -7.29
C GLN B 40 7.91 2.83 -6.27
N GLN B 41 8.36 2.76 -5.02
CA GLN B 41 7.59 2.13 -3.95
C GLN B 41 6.36 2.93 -3.59
N ARG B 42 5.22 2.25 -3.50
CA ARG B 42 3.96 2.90 -3.15
C ARG B 42 3.49 2.46 -1.77
N LEU B 43 3.49 3.40 -0.82
CA LEU B 43 3.04 3.10 0.53
C LEU B 43 1.51 3.21 0.61
N ILE B 44 0.83 2.15 0.21
CA ILE B 44 -0.63 2.13 0.22
C ILE B 44 -1.20 1.80 1.59
N PHE B 45 -2.29 2.48 1.92
CA PHE B 45 -2.98 2.31 3.19
C PHE B 45 -4.39 2.86 3.07
N ALA B 46 -5.37 2.15 3.62
CA ALA B 46 -6.76 2.59 3.53
C ALA B 46 -7.16 2.69 2.06
N GLY B 47 -6.62 1.79 1.25
CA GLY B 47 -6.92 1.80 -0.17
C GLY B 47 -6.53 3.11 -0.82
N LYS B 48 -5.48 3.73 -0.30
CA LYS B 48 -5.00 5.02 -0.82
C LYS B 48 -3.51 5.20 -0.54
N GLN B 49 -2.77 5.71 -1.51
CA GLN B 49 -1.35 5.96 -1.32
C GLN B 49 -1.13 7.10 -0.35
N LEU B 50 -0.36 6.83 0.71
CA LEU B 50 -0.09 7.85 1.72
C LEU B 50 0.81 8.95 1.15
N GLU B 51 0.35 10.20 1.26
CA GLU B 51 1.11 11.33 0.75
C GLU B 51 2.17 11.77 1.74
N ASP B 52 3.33 12.14 1.21
CA ASP B 52 4.44 12.60 2.04
C ASP B 52 4.12 13.92 2.71
N GLY B 53 4.56 14.07 3.96
CA GLY B 53 4.30 15.29 4.69
C GLY B 53 3.17 15.18 5.68
N ARG B 54 2.13 14.42 5.31
CA ARG B 54 0.97 14.24 6.18
C ARG B 54 1.32 13.37 7.39
N THR B 55 0.95 13.85 8.57
CA THR B 55 1.21 13.13 9.82
C THR B 55 0.33 11.90 9.95
N LEU B 56 0.80 10.92 10.73
CA LEU B 56 0.05 9.68 10.95
C LEU B 56 -1.37 9.99 11.42
N SER B 57 -1.50 11.01 12.26
CA SER B 57 -2.79 11.41 12.81
C SER B 57 -3.81 11.69 11.71
N ASP B 58 -3.35 12.26 10.61
CA ASP B 58 -4.23 12.59 9.49
C ASP B 58 -5.01 11.37 9.02
N TYR B 59 -4.30 10.30 8.66
CA TYR B 59 -4.95 9.08 8.20
C TYR B 59 -5.46 8.26 9.37
N ASN B 60 -5.57 8.90 10.53
CA ASN B 60 -6.05 8.23 11.74
C ASN B 60 -5.33 6.91 11.96
N ILE B 61 -4.04 6.89 11.63
CA ILE B 61 -3.24 5.68 11.78
C ILE B 61 -2.97 5.38 13.25
N GLN B 62 -3.36 4.18 13.69
CA GLN B 62 -3.17 3.77 15.08
C GLN B 62 -1.74 3.29 15.30
N LYS B 63 -1.58 2.24 16.10
CA LYS B 63 -0.27 1.67 16.39
C LYS B 63 -0.12 0.29 15.77
N GLU B 64 1.07 -0.02 15.28
CA GLU B 64 1.34 -1.31 14.66
C GLU B 64 0.42 -1.53 13.46
N SER B 65 0.10 -0.44 12.77
CA SER B 65 -0.77 -0.52 11.60
C SER B 65 -0.04 -1.13 10.42
N THR B 66 -0.74 -1.97 9.67
CA THR B 66 -0.16 -2.63 8.50
C THR B 66 -0.16 -1.70 7.30
N LEU B 67 1.01 -1.56 6.67
CA LEU B 67 1.16 -0.72 5.49
C LEU B 67 1.63 -1.54 4.31
N HIS B 68 0.94 -1.42 3.19
CA HIS B 68 1.30 -2.17 1.99
C HIS B 68 2.22 -1.38 1.08
N LEU B 69 3.26 -2.04 0.58
CA LEU B 69 4.22 -1.41 -0.32
C LEU B 69 4.15 -2.09 -1.70
N VAL B 70 4.06 -1.27 -2.74
CA VAL B 70 3.97 -1.80 -4.11
C VAL B 70 4.86 -0.99 -5.07
N LEU B 71 5.82 -1.66 -5.67
CA LEU B 71 6.74 -1.02 -6.62
C LEU B 71 6.07 -0.79 -7.96
N ARG B 72 6.32 0.37 -8.54
CA ARG B 72 5.73 0.72 -9.84
C ARG B 72 6.29 -0.17 -10.95
N LEU B 73 7.61 -0.29 -11.02
CA LEU B 73 8.26 -1.11 -12.03
C LEU B 73 8.04 -2.59 -11.71
N ARG B 74 7.63 -3.35 -12.72
CA ARG B 74 7.39 -4.79 -12.56
C ARG B 74 8.66 -5.51 -12.12
N GLY B 75 8.52 -6.35 -11.09
CA GLY B 75 9.66 -7.10 -10.58
C GLY B 75 10.76 -6.20 -10.07
N GLY B 76 10.39 -5.18 -9.30
CA GLY B 76 11.38 -4.26 -8.76
C GLY B 76 12.08 -3.46 -9.84
N ASN A 1 -4.40 -18.76 -13.65
CA ASN A 1 -4.68 -18.52 -12.24
C ASN A 1 -3.73 -19.34 -11.35
N ASP A 2 -2.44 -19.20 -11.60
CA ASP A 2 -1.42 -19.93 -10.83
C ASP A 2 -1.58 -19.69 -9.33
N ASP A 3 -1.75 -18.42 -8.96
CA ASP A 3 -1.90 -18.05 -7.55
C ASP A 3 -2.26 -16.58 -7.40
N HIS A 4 -3.21 -16.11 -8.21
CA HIS A 4 -3.64 -14.72 -8.13
C HIS A 4 -4.32 -14.45 -6.79
N GLU A 5 -4.85 -15.51 -6.18
CA GLU A 5 -5.55 -15.40 -4.91
C GLU A 5 -4.68 -14.67 -3.89
N SER A 6 -3.38 -14.93 -3.92
CA SER A 6 -2.45 -14.27 -3.02
C SER A 6 -2.54 -12.75 -3.22
N LYS A 7 -2.49 -12.34 -4.49
CA LYS A 7 -2.60 -10.93 -4.83
C LYS A 7 -3.95 -10.41 -4.38
N LEU A 8 -4.98 -11.24 -4.55
CA LEU A 8 -6.34 -10.88 -4.16
C LEU A 8 -6.36 -10.58 -2.66
N SER A 9 -5.62 -11.38 -1.90
CA SER A 9 -5.52 -11.18 -0.46
C SER A 9 -4.95 -9.80 -0.17
N ILE A 10 -3.89 -9.45 -0.90
CA ILE A 10 -3.28 -8.15 -0.74
C ILE A 10 -4.35 -7.09 -0.88
N LEU A 11 -5.19 -7.24 -1.91
CA LEU A 11 -6.28 -6.32 -2.17
C LEU A 11 -7.27 -6.30 -1.01
N MET A 12 -7.51 -7.48 -0.43
CA MET A 12 -8.44 -7.60 0.70
C MET A 12 -8.07 -6.60 1.79
N ASP A 13 -6.80 -6.64 2.20
CA ASP A 13 -6.32 -5.74 3.24
C ASP A 13 -5.98 -4.36 2.66
N MET A 14 -5.63 -4.35 1.38
CA MET A 14 -5.27 -3.11 0.69
C MET A 14 -6.44 -2.14 0.65
N PHE A 15 -7.66 -2.69 0.51
CA PHE A 15 -8.87 -1.88 0.45
C PHE A 15 -9.99 -2.52 1.27
N PRO A 16 -9.87 -2.49 2.61
CA PRO A 16 -10.88 -3.06 3.50
C PRO A 16 -12.29 -2.57 3.19
N ALA A 17 -12.40 -1.29 2.84
CA ALA A 17 -13.70 -0.68 2.52
C ALA A 17 -14.18 -1.08 1.13
N ILE A 18 -13.84 -2.30 0.71
CA ILE A 18 -14.25 -2.80 -0.60
C ILE A 18 -14.46 -4.31 -0.56
N SER A 19 -15.56 -4.76 -1.14
CA SER A 19 -15.87 -6.19 -1.17
C SER A 19 -14.80 -6.96 -1.93
N LYS A 20 -14.45 -8.14 -1.42
CA LYS A 20 -13.43 -8.98 -2.04
C LYS A 20 -13.83 -9.35 -3.47
N SER A 21 -15.11 -9.61 -3.68
CA SER A 21 -15.62 -9.98 -4.99
C SER A 21 -15.23 -8.95 -6.04
N LYS A 22 -15.41 -7.68 -5.71
CA LYS A 22 -15.08 -6.60 -6.63
C LYS A 22 -13.59 -6.64 -6.97
N LEU A 23 -12.76 -6.79 -5.95
CA LEU A 23 -11.32 -6.86 -6.14
C LEU A 23 -10.95 -8.01 -7.08
N GLN A 24 -11.67 -9.12 -6.94
CA GLN A 24 -11.42 -10.29 -7.77
C GLN A 24 -11.72 -9.96 -9.24
N VAL A 25 -12.83 -9.24 -9.47
CA VAL A 25 -13.21 -8.85 -10.82
C VAL A 25 -12.13 -8.00 -11.48
N HIS A 26 -11.69 -6.96 -10.78
CA HIS A 26 -10.65 -6.08 -11.30
C HIS A 26 -9.37 -6.86 -11.56
N LEU A 27 -9.04 -7.75 -10.63
CA LEU A 27 -7.83 -8.56 -10.74
C LEU A 27 -7.86 -9.40 -12.03
N LEU A 28 -8.99 -10.05 -12.28
CA LEU A 28 -9.13 -10.89 -13.47
C LEU A 28 -8.96 -10.09 -14.75
N GLU A 29 -9.62 -8.94 -14.82
CA GLU A 29 -9.56 -8.08 -16.00
C GLU A 29 -8.14 -7.59 -16.28
N ASN A 30 -7.46 -7.12 -15.23
CA ASN A 30 -6.11 -6.60 -15.38
C ASN A 30 -5.07 -7.71 -15.46
N ASN A 31 -5.43 -8.82 -16.10
CA ASN A 31 -4.52 -9.96 -16.25
C ASN A 31 -3.82 -10.31 -14.94
N ASN A 32 -4.57 -10.24 -13.84
CA ASN A 32 -4.05 -10.55 -12.51
C ASN A 32 -2.83 -9.71 -12.17
N ASP A 33 -2.88 -8.42 -12.51
CA ASP A 33 -1.78 -7.50 -12.23
C ASP A 33 -2.11 -6.59 -11.05
N LEU A 34 -1.19 -6.52 -10.08
CA LEU A 34 -1.39 -5.69 -8.91
C LEU A 34 -1.10 -4.22 -9.19
N ASP A 35 -0.02 -3.95 -9.89
CA ASP A 35 0.38 -2.59 -10.22
C ASP A 35 -0.74 -1.84 -10.94
N LEU A 36 -1.31 -2.47 -11.97
CA LEU A 36 -2.37 -1.84 -12.74
C LEU A 36 -3.66 -1.73 -11.91
N THR A 37 -4.16 -2.87 -11.46
CA THR A 37 -5.39 -2.90 -10.67
C THR A 37 -5.31 -1.93 -9.51
N ILE A 38 -4.34 -2.14 -8.63
CA ILE A 38 -4.15 -1.27 -7.48
C ILE A 38 -3.90 0.17 -7.92
N GLY A 39 -3.18 0.33 -9.03
CA GLY A 39 -2.89 1.67 -9.54
C GLY A 39 -4.13 2.53 -9.66
N LEU A 40 -5.16 2.01 -10.32
CA LEU A 40 -6.41 2.74 -10.49
C LEU A 40 -7.20 2.79 -9.18
N LEU A 41 -7.20 1.68 -8.45
CA LEU A 41 -7.92 1.59 -7.18
C LEU A 41 -7.55 2.75 -6.25
N LEU A 42 -6.26 3.08 -6.17
CA LEU A 42 -5.81 4.16 -5.32
C LEU A 42 -6.44 5.49 -5.74
N LYS A 43 -6.38 5.77 -7.04
CA LYS A 43 -6.94 7.00 -7.59
C LYS A 43 -8.41 6.83 -7.94
N GLU A 44 -9.13 6.03 -7.14
CA GLU A 44 -10.54 5.80 -7.37
C GLU A 44 -11.36 7.04 -7.05
N ASN A 45 -11.13 7.60 -5.86
CA ASN A 45 -11.85 8.79 -5.42
C ASN A 45 -11.27 10.06 -6.03
N ASP A 46 -11.05 10.04 -7.35
CA ASP A 46 -10.49 11.19 -8.05
C ASP A 46 -11.40 12.41 -7.90
N ASP A 47 -10.81 13.56 -7.59
CA ASP A 47 -11.56 14.80 -7.42
C ASP A 47 -12.24 15.21 -8.73
N LYS A 48 -13.51 15.59 -8.64
CA LYS A 48 -14.26 16.01 -9.81
C LYS A 48 -13.66 17.26 -10.44
N SER A 49 -13.50 17.24 -11.76
CA SER A 49 -12.94 18.37 -12.48
C SER A 49 -13.87 19.58 -12.41
N MET B 1 7.08 3.76 19.12
CA MET B 1 5.92 3.26 18.34
C MET B 1 6.37 2.40 17.16
N GLN B 2 5.69 1.28 16.96
CA GLN B 2 6.01 0.36 15.87
C GLN B 2 4.87 0.30 14.87
N ILE B 3 5.20 0.29 13.59
CA ILE B 3 4.19 0.23 12.53
C ILE B 3 4.53 -0.86 11.52
N PHE B 4 3.52 -1.62 11.11
CA PHE B 4 3.73 -2.71 10.16
C PHE B 4 3.86 -2.16 8.75
N VAL B 5 4.80 -2.72 7.99
CA VAL B 5 5.05 -2.30 6.63
C VAL B 5 5.27 -3.50 5.72
N LYS B 6 4.15 -4.14 5.35
CA LYS B 6 4.18 -5.33 4.50
C LYS B 6 4.36 -4.96 3.02
N THR B 7 5.20 -5.72 2.34
CA THR B 7 5.46 -5.50 0.92
C THR B 7 4.36 -6.12 0.07
N LEU B 8 4.28 -5.71 -1.20
CA LEU B 8 3.28 -6.24 -2.12
C LEU B 8 3.67 -7.63 -2.61
N THR B 9 3.95 -8.54 -1.68
CA THR B 9 4.33 -9.90 -2.03
C THR B 9 4.08 -10.86 -0.88
N GLY B 10 4.66 -10.56 0.29
CA GLY B 10 4.47 -11.43 1.43
C GLY B 10 5.57 -11.27 2.48
N LYS B 11 5.74 -10.06 2.99
CA LYS B 11 6.77 -9.80 4.00
C LYS B 11 6.49 -8.50 4.74
N THR B 12 6.22 -8.61 6.04
CA THR B 12 5.94 -7.45 6.88
C THR B 12 7.20 -6.93 7.55
N ILE B 13 7.38 -5.62 7.53
CA ILE B 13 8.55 -4.98 8.14
C ILE B 13 8.11 -3.99 9.21
N THR B 14 8.61 -4.18 10.43
CA THR B 14 8.27 -3.28 11.52
C THR B 14 9.20 -2.08 11.56
N LEU B 15 8.64 -0.89 11.34
CA LEU B 15 9.42 0.34 11.36
C LEU B 15 9.02 1.23 12.53
N GLU B 16 10.01 1.72 13.26
CA GLU B 16 9.77 2.58 14.43
C GLU B 16 9.53 4.03 13.99
N VAL B 17 8.54 4.66 14.61
CA VAL B 17 8.21 6.06 14.30
C VAL B 17 7.07 6.56 15.20
N GLU B 18 7.27 7.74 15.79
CA GLU B 18 6.27 8.33 16.67
C GLU B 18 5.03 8.76 15.89
N SER B 19 3.88 8.72 16.55
CA SER B 19 2.63 9.10 15.92
C SER B 19 2.68 10.54 15.43
N SER B 20 3.25 11.42 16.26
CA SER B 20 3.36 12.84 15.93
C SER B 20 4.53 13.10 14.99
N ASP B 21 4.79 12.16 14.09
CA ASP B 21 5.90 12.31 13.13
C ASP B 21 5.35 12.78 11.78
N THR B 22 5.60 12.01 10.71
CA THR B 22 5.13 12.37 9.38
C THR B 22 5.38 11.23 8.39
N ILE B 23 4.43 11.01 7.50
CA ILE B 23 4.54 9.96 6.49
C ILE B 23 5.86 10.04 5.74
N ASP B 24 6.30 11.27 5.45
CA ASP B 24 7.55 11.48 4.74
C ASP B 24 8.68 10.70 5.41
N ASN B 25 8.71 10.73 6.74
CA ASN B 25 9.73 10.02 7.51
C ASN B 25 9.63 8.52 7.24
N VAL B 26 8.41 8.01 7.18
CA VAL B 26 8.19 6.59 6.92
C VAL B 26 8.84 6.18 5.61
N LYS B 27 8.61 6.97 4.56
CA LYS B 27 9.18 6.69 3.25
C LYS B 27 10.71 6.75 3.31
N SER B 28 11.23 7.68 4.12
CA SER B 28 12.67 7.84 4.27
C SER B 28 13.31 6.58 4.84
N LYS B 29 12.75 6.07 5.93
CA LYS B 29 13.27 4.87 6.58
C LYS B 29 13.14 3.66 5.66
N ILE B 30 11.98 3.51 5.03
CA ILE B 30 11.73 2.40 4.12
C ILE B 30 12.72 2.44 2.95
N GLN B 31 12.99 3.65 2.47
CA GLN B 31 13.91 3.84 1.35
C GLN B 31 15.33 3.41 1.71
N ASP B 32 15.79 3.81 2.88
CA ASP B 32 17.15 3.49 3.33
C ASP B 32 17.30 2.01 3.64
N LYS B 33 16.33 1.45 4.35
CA LYS B 33 16.37 0.04 4.74
C LYS B 33 16.30 -0.89 3.52
N GLU B 34 15.19 -0.81 2.78
CA GLU B 34 15.00 -1.65 1.61
C GLU B 34 15.90 -1.22 0.45
N GLY B 35 16.06 0.09 0.29
CA GLY B 35 16.88 0.60 -0.79
C GLY B 35 16.14 0.61 -2.11
N ILE B 36 14.83 0.75 -2.05
CA ILE B 36 13.99 0.77 -3.26
C ILE B 36 13.89 2.20 -3.79
N PRO B 37 14.05 2.39 -5.11
CA PRO B 37 13.97 3.72 -5.73
C PRO B 37 12.66 4.43 -5.38
N PRO B 38 12.74 5.72 -5.01
CA PRO B 38 11.55 6.50 -4.65
C PRO B 38 10.53 6.53 -5.78
N ASP B 39 11.01 6.76 -7.00
CA ASP B 39 10.14 6.79 -8.16
C ASP B 39 9.88 5.38 -8.69
N GLN B 40 9.68 4.44 -7.77
CA GLN B 40 9.42 3.05 -8.14
C GLN B 40 8.81 2.29 -6.96
N GLN B 41 7.98 2.98 -6.18
CA GLN B 41 7.33 2.37 -5.04
C GLN B 41 6.28 3.31 -4.46
N ARG B 42 5.19 2.74 -3.94
CA ARG B 42 4.12 3.54 -3.37
C ARG B 42 3.51 2.86 -2.14
N LEU B 43 3.52 3.55 -1.01
CA LEU B 43 2.95 3.01 0.23
C LEU B 43 1.45 3.25 0.27
N ILE B 44 0.70 2.18 0.42
CA ILE B 44 -0.76 2.26 0.46
C ILE B 44 -1.30 1.92 1.85
N PHE B 45 -2.37 2.62 2.23
CA PHE B 45 -3.02 2.41 3.52
C PHE B 45 -4.47 2.84 3.43
N ALA B 46 -5.35 2.09 4.10
CA ALA B 46 -6.78 2.37 4.10
C ALA B 46 -7.39 2.10 2.73
N GLY B 47 -6.95 2.87 1.74
CA GLY B 47 -7.44 2.70 0.39
C GLY B 47 -6.77 3.67 -0.57
N LYS B 48 -5.58 4.14 -0.21
CA LYS B 48 -4.85 5.08 -1.05
C LYS B 48 -3.45 5.35 -0.49
N GLN B 49 -2.53 5.76 -1.36
CA GLN B 49 -1.16 6.04 -0.96
C GLN B 49 -1.12 7.15 0.10
N LEU B 50 -0.26 6.95 1.10
CA LEU B 50 -0.12 7.93 2.18
C LEU B 50 0.56 9.20 1.68
N GLU B 51 -0.02 10.35 2.03
CA GLU B 51 0.53 11.63 1.62
C GLU B 51 1.86 11.90 2.32
N ASP B 52 2.84 12.35 1.55
CA ASP B 52 4.17 12.64 2.10
C ASP B 52 4.19 13.97 2.83
N GLY B 53 3.25 14.16 3.74
CA GLY B 53 3.19 15.40 4.50
C GLY B 53 2.04 15.42 5.48
N ARG B 54 1.86 14.32 6.20
CA ARG B 54 0.78 14.19 7.19
C ARG B 54 1.17 13.25 8.32
N THR B 55 0.90 13.66 9.54
CA THR B 55 1.22 12.84 10.72
C THR B 55 0.42 11.55 10.71
N LEU B 56 0.94 10.53 11.39
CA LEU B 56 0.28 9.23 11.46
C LEU B 56 -1.17 9.39 11.93
N SER B 57 -1.38 10.29 12.89
CA SER B 57 -2.72 10.52 13.43
C SER B 57 -3.71 10.91 12.34
N ASP B 58 -3.20 11.51 11.26
CA ASP B 58 -4.06 11.94 10.15
C ASP B 58 -4.94 10.80 9.66
N TYR B 59 -4.33 9.68 9.27
CA TYR B 59 -5.08 8.52 8.80
C TYR B 59 -5.60 7.69 9.96
N ASN B 60 -5.88 8.36 11.08
CA ASN B 60 -6.40 7.69 12.27
C ASN B 60 -5.55 6.48 12.64
N ILE B 61 -4.24 6.57 12.42
CA ILE B 61 -3.33 5.48 12.73
C ILE B 61 -3.12 5.38 14.23
N GLN B 62 -3.48 4.24 14.80
CA GLN B 62 -3.32 4.02 16.24
C GLN B 62 -1.92 3.53 16.57
N LYS B 63 -1.61 2.32 16.12
CA LYS B 63 -0.32 1.70 16.34
C LYS B 63 -0.27 0.31 15.72
N GLU B 64 0.90 -0.10 15.27
CA GLU B 64 1.08 -1.40 14.65
C GLU B 64 0.18 -1.55 13.42
N SER B 65 0.01 -0.44 12.70
CA SER B 65 -0.82 -0.44 11.50
C SER B 65 -0.08 -1.06 10.33
N THR B 66 -0.78 -1.89 9.55
CA THR B 66 -0.17 -2.54 8.40
C THR B 66 -0.13 -1.60 7.20
N LEU B 67 1.04 -1.49 6.58
CA LEU B 67 1.22 -0.63 5.41
C LEU B 67 1.72 -1.46 4.24
N HIS B 68 1.04 -1.37 3.12
CA HIS B 68 1.42 -2.14 1.94
C HIS B 68 2.34 -1.35 1.02
N LEU B 69 3.44 -1.97 0.62
CA LEU B 69 4.41 -1.33 -0.27
C LEU B 69 4.34 -1.96 -1.66
N VAL B 70 3.77 -1.24 -2.62
CA VAL B 70 3.66 -1.74 -3.99
C VAL B 70 4.84 -1.28 -4.83
N LEU B 71 5.56 -2.25 -5.40
CA LEU B 71 6.71 -1.96 -6.24
C LEU B 71 6.28 -1.60 -7.66
N ARG B 72 6.81 -0.49 -8.17
CA ARG B 72 6.48 -0.04 -9.51
C ARG B 72 7.18 -0.92 -10.54
N LEU B 73 6.40 -1.50 -11.46
CA LEU B 73 6.95 -2.36 -12.50
C LEU B 73 7.48 -1.54 -13.67
N ARG B 74 8.74 -1.79 -14.04
CA ARG B 74 9.37 -1.09 -15.16
C ARG B 74 8.83 -1.58 -16.49
N GLY B 75 8.64 -0.66 -17.43
CA GLY B 75 8.14 -1.02 -18.74
C GLY B 75 8.18 0.13 -19.72
N GLY B 76 9.31 0.85 -19.74
CA GLY B 76 9.46 1.97 -20.64
C GLY B 76 9.39 1.56 -22.11
N ASN A 1 -2.62 -22.00 -11.05
CA ASN A 1 -1.77 -21.20 -11.93
C ASN A 1 -1.91 -19.71 -11.61
N ASP A 2 -0.78 -19.00 -11.66
CA ASP A 2 -0.74 -17.56 -11.37
C ASP A 2 -0.84 -17.28 -9.88
N ASP A 3 -1.73 -18.01 -9.19
CA ASP A 3 -1.91 -17.84 -7.75
C ASP A 3 -2.31 -16.41 -7.42
N HIS A 4 -3.23 -15.84 -8.20
CA HIS A 4 -3.68 -14.48 -7.97
C HIS A 4 -4.45 -14.39 -6.65
N GLU A 5 -4.99 -15.52 -6.21
CA GLU A 5 -5.76 -15.57 -4.97
C GLU A 5 -5.02 -14.90 -3.82
N SER A 6 -3.72 -15.10 -3.75
CA SER A 6 -2.91 -14.48 -2.70
C SER A 6 -2.97 -12.98 -2.87
N LYS A 7 -2.84 -12.54 -4.12
CA LYS A 7 -2.89 -11.14 -4.47
C LYS A 7 -4.27 -10.59 -4.11
N LEU A 8 -5.29 -11.43 -4.30
CA LEU A 8 -6.66 -11.06 -3.97
C LEU A 8 -6.75 -10.75 -2.49
N SER A 9 -6.06 -11.57 -1.69
CA SER A 9 -6.03 -11.37 -0.25
C SER A 9 -5.45 -9.99 0.03
N ILE A 10 -4.38 -9.65 -0.70
CA ILE A 10 -3.77 -8.35 -0.55
C ILE A 10 -4.83 -7.28 -0.72
N LEU A 11 -5.65 -7.44 -1.76
CA LEU A 11 -6.72 -6.50 -2.06
C LEU A 11 -7.71 -6.45 -0.89
N MET A 12 -7.96 -7.60 -0.28
CA MET A 12 -8.89 -7.68 0.84
C MET A 12 -8.49 -6.71 1.95
N ASP A 13 -7.23 -6.78 2.36
CA ASP A 13 -6.72 -5.90 3.42
C ASP A 13 -6.34 -4.54 2.84
N MET A 14 -6.01 -4.52 1.55
CA MET A 14 -5.62 -3.28 0.87
C MET A 14 -6.80 -2.31 0.79
N PHE A 15 -7.99 -2.87 0.58
CA PHE A 15 -9.20 -2.08 0.50
C PHE A 15 -10.33 -2.76 1.28
N PRO A 16 -10.23 -2.80 2.62
CA PRO A 16 -11.24 -3.42 3.47
C PRO A 16 -12.65 -2.96 3.14
N ALA A 17 -12.80 -1.66 2.89
CA ALA A 17 -14.10 -1.08 2.56
C ALA A 17 -14.66 -1.66 1.27
N ILE A 18 -13.82 -1.79 0.25
CA ILE A 18 -14.24 -2.34 -1.03
C ILE A 18 -14.62 -3.82 -0.92
N SER A 19 -15.69 -4.20 -1.61
CA SER A 19 -16.18 -5.58 -1.60
C SER A 19 -15.15 -6.53 -2.20
N LYS A 20 -15.09 -7.73 -1.66
CA LYS A 20 -14.15 -8.75 -2.14
C LYS A 20 -14.37 -9.06 -3.62
N SER A 21 -15.64 -9.27 -3.98
CA SER A 21 -15.99 -9.58 -5.37
C SER A 21 -15.51 -8.49 -6.32
N LYS A 22 -15.70 -7.24 -5.91
CA LYS A 22 -15.27 -6.11 -6.72
C LYS A 22 -13.77 -6.17 -6.97
N LEU A 23 -13.01 -6.46 -5.92
CA LEU A 23 -11.56 -6.55 -6.01
C LEU A 23 -11.15 -7.62 -7.00
N GLN A 24 -11.83 -8.77 -6.96
CA GLN A 24 -11.54 -9.87 -7.87
C GLN A 24 -11.77 -9.45 -9.31
N VAL A 25 -12.85 -8.72 -9.55
CA VAL A 25 -13.18 -8.25 -10.90
C VAL A 25 -12.06 -7.38 -11.46
N HIS A 26 -11.67 -6.36 -10.71
CA HIS A 26 -10.62 -5.45 -11.14
C HIS A 26 -9.33 -6.20 -11.45
N LEU A 27 -8.93 -7.08 -10.52
CA LEU A 27 -7.71 -7.87 -10.69
C LEU A 27 -7.73 -8.62 -12.01
N LEU A 28 -8.87 -9.23 -12.32
CA LEU A 28 -9.02 -10.01 -13.55
C LEU A 28 -8.97 -9.11 -14.79
N GLU A 29 -9.47 -7.89 -14.67
CA GLU A 29 -9.49 -6.96 -15.79
C GLU A 29 -8.09 -6.73 -16.36
N ASN A 30 -7.17 -6.29 -15.51
CA ASN A 30 -5.80 -6.03 -15.94
C ASN A 30 -5.13 -7.29 -16.46
N ASN A 31 -4.81 -8.21 -15.54
CA ASN A 31 -4.17 -9.48 -15.89
C ASN A 31 -3.68 -10.17 -14.62
N ASN A 32 -4.51 -10.13 -13.58
CA ASN A 32 -4.17 -10.74 -12.30
C ASN A 32 -2.88 -10.15 -11.74
N ASP A 33 -2.73 -8.83 -11.88
CA ASP A 33 -1.54 -8.14 -11.40
C ASP A 33 -1.91 -7.05 -10.39
N LEU A 34 -1.19 -7.02 -9.28
CA LEU A 34 -1.44 -6.03 -8.23
C LEU A 34 -0.98 -4.64 -8.64
N ASP A 35 0.17 -4.57 -9.31
CA ASP A 35 0.72 -3.29 -9.73
C ASP A 35 -0.28 -2.48 -10.56
N LEU A 36 -0.85 -3.11 -11.58
CA LEU A 36 -1.80 -2.46 -12.46
C LEU A 36 -3.16 -2.27 -11.78
N THR A 37 -3.74 -3.36 -11.29
CA THR A 37 -5.04 -3.31 -10.63
C THR A 37 -5.05 -2.31 -9.49
N ILE A 38 -4.11 -2.47 -8.56
CA ILE A 38 -4.02 -1.57 -7.42
C ILE A 38 -3.58 -0.17 -7.85
N GLY A 39 -2.66 -0.11 -8.81
CA GLY A 39 -2.18 1.18 -9.29
C GLY A 39 -3.32 2.11 -9.64
N LEU A 40 -4.26 1.63 -10.44
CA LEU A 40 -5.42 2.43 -10.83
C LEU A 40 -6.45 2.48 -9.70
N LEU A 41 -6.50 1.42 -8.91
CA LEU A 41 -7.45 1.32 -7.80
C LEU A 41 -7.28 2.47 -6.81
N LEU A 42 -6.03 2.77 -6.46
CA LEU A 42 -5.74 3.85 -5.51
C LEU A 42 -6.38 5.16 -5.96
N LYS A 43 -6.19 5.49 -7.23
CA LYS A 43 -6.73 6.72 -7.79
C LYS A 43 -8.25 6.78 -7.65
N GLU A 44 -8.91 5.65 -7.91
CA GLU A 44 -10.36 5.58 -7.82
C GLU A 44 -10.83 5.82 -6.38
N ASN A 45 -10.15 5.19 -5.43
CA ASN A 45 -10.49 5.33 -4.01
C ASN A 45 -10.37 6.78 -3.56
N ASP A 46 -9.45 7.52 -4.18
CA ASP A 46 -9.22 8.91 -3.85
C ASP A 46 -10.54 9.69 -3.81
N ASP A 47 -11.42 9.40 -4.76
CA ASP A 47 -12.72 10.06 -4.83
C ASP A 47 -13.63 9.36 -5.84
N LYS A 48 -14.85 9.06 -5.40
CA LYS A 48 -15.82 8.39 -6.25
C LYS A 48 -16.30 9.31 -7.37
N SER A 49 -16.62 10.55 -7.00
CA SER A 49 -17.10 11.55 -7.96
C SER A 49 -18.35 11.07 -8.66
N MET B 1 5.03 3.69 18.82
CA MET B 1 4.13 3.25 17.71
C MET B 1 4.91 2.47 16.65
N GLN B 2 4.35 1.35 16.23
CA GLN B 2 4.99 0.51 15.22
C GLN B 2 4.17 0.46 13.94
N ILE B 3 4.83 0.17 12.83
CA ILE B 3 4.17 0.08 11.53
C ILE B 3 4.76 -1.06 10.71
N PHE B 4 3.91 -1.97 10.24
CA PHE B 4 4.37 -3.12 9.47
C PHE B 4 4.21 -2.88 7.97
N VAL B 5 5.29 -2.44 7.32
CA VAL B 5 5.27 -2.20 5.89
C VAL B 5 5.41 -3.53 5.15
N LYS B 6 4.31 -4.29 5.09
CA LYS B 6 4.31 -5.60 4.44
C LYS B 6 4.22 -5.48 2.92
N THR B 7 5.19 -6.08 2.23
CA THR B 7 5.23 -6.06 0.76
C THR B 7 4.17 -6.99 0.18
N LEU B 8 3.69 -6.67 -1.02
CA LEU B 8 2.66 -7.47 -1.67
C LEU B 8 2.99 -8.97 -1.65
N THR B 9 2.57 -9.65 -0.58
CA THR B 9 2.80 -11.08 -0.43
C THR B 9 4.29 -11.41 -0.48
N GLY B 10 5.02 -11.03 0.56
CA GLY B 10 6.43 -11.29 0.60
C GLY B 10 7.08 -10.95 1.93
N LYS B 11 7.94 -9.94 1.88
CA LYS B 11 8.67 -9.50 3.07
C LYS B 11 7.92 -8.41 3.83
N THR B 12 7.79 -8.59 5.15
CA THR B 12 7.13 -7.60 6.00
C THR B 12 8.18 -6.75 6.69
N ILE B 13 8.31 -5.49 6.26
CA ILE B 13 9.28 -4.58 6.83
C ILE B 13 8.72 -3.79 8.01
N THR B 14 9.02 -4.24 9.22
CA THR B 14 8.56 -3.54 10.42
C THR B 14 9.45 -2.33 10.69
N LEU B 15 8.84 -1.24 11.15
CA LEU B 15 9.59 -0.02 11.42
C LEU B 15 8.95 0.79 12.55
N GLU B 16 9.79 1.36 13.40
CA GLU B 16 9.32 2.17 14.52
C GLU B 16 9.19 3.63 14.12
N VAL B 17 8.06 4.24 14.49
CA VAL B 17 7.80 5.65 14.18
C VAL B 17 6.86 6.26 15.20
N GLU B 18 7.21 7.46 15.66
CA GLU B 18 6.40 8.17 16.65
C GLU B 18 5.05 8.58 16.05
N SER B 19 4.01 8.57 16.88
CA SER B 19 2.67 8.93 16.44
C SER B 19 2.53 10.45 16.31
N SER B 20 3.55 11.10 15.76
CA SER B 20 3.53 12.55 15.57
C SER B 20 4.66 12.99 14.64
N ASP B 21 4.90 12.19 13.60
CA ASP B 21 5.95 12.49 12.63
C ASP B 21 5.32 12.93 11.30
N THR B 22 5.63 12.19 10.23
CA THR B 22 5.11 12.50 8.90
C THR B 22 5.33 11.34 7.95
N ILE B 23 4.38 11.12 7.06
CA ILE B 23 4.47 10.03 6.10
C ILE B 23 5.78 10.07 5.33
N ASP B 24 6.18 11.28 4.93
CA ASP B 24 7.43 11.47 4.19
C ASP B 24 8.60 10.87 4.96
N ASN B 25 8.59 11.06 6.29
CA ASN B 25 9.65 10.53 7.14
C ASN B 25 9.73 9.02 7.03
N VAL B 26 8.57 8.37 7.00
CA VAL B 26 8.51 6.91 6.90
C VAL B 26 9.15 6.44 5.59
N LYS B 27 8.73 7.06 4.49
CA LYS B 27 9.26 6.70 3.17
C LYS B 27 10.78 6.91 3.11
N SER B 28 11.24 8.03 3.66
CA SER B 28 12.67 8.34 3.66
C SER B 28 13.45 7.24 4.37
N LYS B 29 12.92 6.80 5.52
CA LYS B 29 13.55 5.74 6.29
C LYS B 29 13.65 4.46 5.46
N ILE B 30 12.58 4.15 4.74
CA ILE B 30 12.53 2.98 3.89
C ILE B 30 13.58 3.07 2.78
N GLN B 31 13.75 4.26 2.23
CA GLN B 31 14.72 4.47 1.17
C GLN B 31 16.14 4.19 1.64
N ASP B 32 16.50 4.76 2.78
CA ASP B 32 17.85 4.59 3.33
C ASP B 32 18.11 3.13 3.73
N LYS B 33 17.14 2.52 4.41
CA LYS B 33 17.27 1.15 4.86
C LYS B 33 17.16 0.14 3.71
N GLU B 34 16.00 0.10 3.07
CA GLU B 34 15.75 -0.82 1.95
C GLU B 34 16.54 -0.43 0.70
N GLY B 35 16.57 0.86 0.39
CA GLY B 35 17.26 1.31 -0.80
C GLY B 35 16.38 1.29 -2.03
N ILE B 36 15.19 1.87 -1.90
CA ILE B 36 14.23 1.93 -3.00
C ILE B 36 13.65 3.34 -3.14
N PRO B 37 13.58 3.87 -4.37
CA PRO B 37 13.03 5.20 -4.63
C PRO B 37 11.63 5.39 -4.06
N PRO B 38 11.36 6.56 -3.45
CA PRO B 38 10.05 6.87 -2.85
C PRO B 38 8.92 6.82 -3.88
N ASP B 39 9.19 7.34 -5.07
CA ASP B 39 8.18 7.36 -6.13
C ASP B 39 7.73 5.95 -6.51
N GLN B 40 8.69 5.05 -6.69
CA GLN B 40 8.39 3.66 -7.05
C GLN B 40 7.62 2.96 -5.93
N GLN B 41 8.14 3.05 -4.72
CA GLN B 41 7.50 2.42 -3.57
C GLN B 41 6.21 3.15 -3.20
N ARG B 42 5.18 2.38 -2.84
CA ARG B 42 3.89 2.97 -2.47
C ARG B 42 3.39 2.41 -1.14
N LEU B 43 3.11 3.32 -0.20
CA LEU B 43 2.61 2.93 1.10
C LEU B 43 1.09 3.03 1.16
N ILE B 44 0.41 2.00 0.67
CA ILE B 44 -1.05 1.99 0.66
C ILE B 44 -1.61 1.56 2.01
N PHE B 45 -2.70 2.21 2.41
CA PHE B 45 -3.37 1.92 3.67
C PHE B 45 -4.78 2.49 3.65
N ALA B 46 -5.71 1.75 4.26
CA ALA B 46 -7.12 2.15 4.32
C ALA B 46 -7.80 2.03 2.96
N GLY B 47 -7.02 2.22 1.90
CA GLY B 47 -7.56 2.13 0.56
C GLY B 47 -6.63 2.76 -0.47
N LYS B 48 -5.66 3.54 0.00
CA LYS B 48 -4.72 4.20 -0.91
C LYS B 48 -3.50 4.70 -0.17
N GLN B 49 -2.44 5.01 -0.92
CA GLN B 49 -1.20 5.51 -0.34
C GLN B 49 -1.49 6.70 0.57
N LEU B 50 -0.85 6.70 1.73
CA LEU B 50 -1.06 7.76 2.72
C LEU B 50 -0.34 9.06 2.36
N GLU B 51 -0.43 9.46 1.08
CA GLU B 51 0.20 10.70 0.62
C GLU B 51 1.67 10.75 1.00
N ASP B 52 2.26 11.94 0.88
CA ASP B 52 3.67 12.14 1.21
C ASP B 52 3.86 13.54 1.79
N GLY B 53 3.07 13.86 2.81
CA GLY B 53 3.17 15.16 3.44
C GLY B 53 2.08 15.38 4.48
N ARG B 54 1.92 14.41 5.37
CA ARG B 54 0.90 14.50 6.42
C ARG B 54 1.44 13.93 7.73
N THR B 55 0.56 13.27 8.50
CA THR B 55 0.94 12.68 9.78
C THR B 55 0.09 11.46 10.09
N LEU B 56 0.69 10.48 10.77
CA LEU B 56 -0.01 9.26 11.15
C LEU B 56 -1.30 9.58 11.90
N SER B 57 -1.22 10.58 12.79
CA SER B 57 -2.37 10.99 13.59
C SER B 57 -3.49 11.53 12.71
N ASP B 58 -3.12 12.20 11.62
CA ASP B 58 -4.09 12.77 10.70
C ASP B 58 -5.07 11.71 10.18
N TYR B 59 -4.53 10.60 9.69
CA TYR B 59 -5.37 9.52 9.16
C TYR B 59 -5.93 8.67 10.30
N ASN B 60 -5.94 9.22 11.51
CA ASN B 60 -6.46 8.51 12.68
C ASN B 60 -5.89 7.10 12.73
N ILE B 61 -4.63 6.96 12.35
CA ILE B 61 -3.98 5.66 12.33
C ILE B 61 -3.76 5.13 13.76
N GLN B 62 -4.19 3.89 13.97
CA GLN B 62 -4.08 3.26 15.27
C GLN B 62 -2.60 3.01 15.64
N LYS B 63 -2.22 1.74 15.75
CA LYS B 63 -0.85 1.37 16.10
C LYS B 63 -0.52 -0.02 15.56
N GLU B 64 0.78 -0.26 15.32
CA GLU B 64 1.24 -1.54 14.79
C GLU B 64 0.39 -1.98 13.60
N SER B 65 -0.10 -1.00 12.84
CA SER B 65 -0.93 -1.27 11.67
C SER B 65 -0.08 -1.77 10.51
N THR B 66 -0.58 -2.78 9.81
CA THR B 66 0.13 -3.35 8.68
C THR B 66 -0.11 -2.56 7.40
N LEU B 67 0.86 -1.72 7.04
CA LEU B 67 0.76 -0.93 5.80
C LEU B 67 1.29 -1.73 4.63
N HIS B 68 0.56 -1.69 3.52
CA HIS B 68 0.96 -2.42 2.32
C HIS B 68 1.93 -1.63 1.46
N LEU B 69 2.99 -2.30 1.01
CA LEU B 69 3.99 -1.68 0.17
C LEU B 69 3.91 -2.23 -1.25
N VAL B 70 3.93 -1.35 -2.24
CA VAL B 70 3.85 -1.76 -3.63
C VAL B 70 4.87 -1.03 -4.49
N LEU B 71 5.70 -1.80 -5.19
CA LEU B 71 6.74 -1.24 -6.05
C LEU B 71 6.25 -1.12 -7.49
N ARG B 72 6.44 0.06 -8.08
CA ARG B 72 6.03 0.29 -9.47
C ARG B 72 6.87 -0.55 -10.41
N LEU B 73 6.22 -1.26 -11.32
CA LEU B 73 6.91 -2.11 -12.30
C LEU B 73 7.81 -1.26 -13.19
N ARG B 74 9.10 -1.63 -13.25
CA ARG B 74 10.07 -0.91 -14.07
C ARG B 74 10.14 0.56 -13.69
N GLY B 75 9.26 1.37 -14.28
CA GLY B 75 9.24 2.79 -13.99
C GLY B 75 8.18 3.53 -14.75
N GLY B 76 7.47 4.42 -14.07
CA GLY B 76 6.41 5.19 -14.71
C GLY B 76 6.94 6.05 -15.84
N ASN A 1 2.46 -18.32 -15.84
CA ASN A 1 2.23 -17.50 -14.66
C ASN A 1 0.81 -17.66 -14.13
N ASP A 2 0.67 -17.64 -12.81
CA ASP A 2 -0.63 -17.79 -12.16
C ASP A 2 -0.56 -17.43 -10.68
N ASP A 3 -1.32 -18.15 -9.85
CA ASP A 3 -1.33 -17.90 -8.41
C ASP A 3 -1.67 -16.44 -8.12
N HIS A 4 -2.72 -15.94 -8.79
CA HIS A 4 -3.13 -14.55 -8.60
C HIS A 4 -3.83 -14.38 -7.24
N GLU A 5 -4.36 -15.49 -6.72
CA GLU A 5 -5.07 -15.47 -5.44
C GLU A 5 -4.24 -14.78 -4.37
N SER A 6 -2.94 -15.01 -4.36
CA SER A 6 -2.06 -14.38 -3.39
C SER A 6 -2.18 -12.86 -3.51
N LYS A 7 -2.09 -12.38 -4.74
CA LYS A 7 -2.23 -10.96 -5.01
C LYS A 7 -3.61 -10.48 -4.59
N LEU A 8 -4.60 -11.33 -4.85
CA LEU A 8 -5.98 -11.02 -4.48
C LEU A 8 -6.08 -10.83 -2.97
N SER A 9 -5.33 -11.65 -2.23
CA SER A 9 -5.30 -11.55 -0.78
C SER A 9 -4.78 -10.18 -0.38
N ILE A 10 -3.71 -9.75 -1.05
CA ILE A 10 -3.14 -8.43 -0.77
C ILE A 10 -4.23 -7.39 -0.94
N LEU A 11 -5.05 -7.56 -1.99
CA LEU A 11 -6.13 -6.65 -2.28
C LEU A 11 -7.13 -6.63 -1.13
N MET A 12 -7.41 -7.82 -0.59
CA MET A 12 -8.35 -7.94 0.52
C MET A 12 -7.95 -7.05 1.68
N ASP A 13 -6.71 -7.19 2.12
CA ASP A 13 -6.18 -6.39 3.22
C ASP A 13 -5.91 -4.96 2.77
N MET A 14 -5.54 -4.81 1.49
CA MET A 14 -5.23 -3.51 0.92
C MET A 14 -6.41 -2.56 1.06
N PHE A 15 -7.63 -3.08 0.90
CA PHE A 15 -8.82 -2.25 1.03
C PHE A 15 -9.84 -2.91 1.96
N PRO A 16 -10.07 -2.32 3.15
CA PRO A 16 -11.02 -2.84 4.12
C PRO A 16 -12.45 -2.41 3.83
N ALA A 17 -12.94 -2.74 2.62
CA ALA A 17 -14.29 -2.36 2.23
C ALA A 17 -14.78 -3.18 1.05
N ILE A 18 -13.94 -3.30 0.04
CA ILE A 18 -14.28 -4.02 -1.17
C ILE A 18 -14.27 -5.54 -0.95
N SER A 19 -15.33 -6.19 -1.41
CA SER A 19 -15.47 -7.65 -1.27
C SER A 19 -14.47 -8.38 -2.16
N LYS A 20 -14.13 -9.60 -1.76
CA LYS A 20 -13.18 -10.43 -2.50
C LYS A 20 -13.62 -10.61 -3.95
N SER A 21 -14.93 -10.79 -4.15
CA SER A 21 -15.48 -10.98 -5.49
C SER A 21 -15.14 -9.81 -6.41
N LYS A 22 -15.40 -8.59 -5.94
CA LYS A 22 -15.13 -7.39 -6.73
C LYS A 22 -13.65 -7.29 -7.07
N LEU A 23 -12.79 -7.41 -6.06
CA LEU A 23 -11.35 -7.32 -6.27
C LEU A 23 -10.89 -8.37 -7.30
N GLN A 24 -11.46 -9.57 -7.22
CA GLN A 24 -11.12 -10.63 -8.15
C GLN A 24 -11.43 -10.19 -9.58
N VAL A 25 -12.60 -9.59 -9.76
CA VAL A 25 -13.01 -9.10 -11.07
C VAL A 25 -12.02 -8.09 -11.62
N HIS A 26 -11.59 -7.17 -10.77
CA HIS A 26 -10.63 -6.13 -11.17
C HIS A 26 -9.33 -6.76 -11.64
N LEU A 27 -8.81 -7.72 -10.90
CA LEU A 27 -7.57 -8.39 -11.26
C LEU A 27 -7.70 -9.13 -12.58
N LEU A 28 -8.82 -9.83 -12.75
CA LEU A 28 -9.06 -10.58 -13.97
C LEU A 28 -9.03 -9.66 -15.18
N GLU A 29 -9.68 -8.51 -15.06
CA GLU A 29 -9.73 -7.52 -16.13
C GLU A 29 -8.35 -6.97 -16.41
N ASN A 30 -7.62 -6.62 -15.34
CA ASN A 30 -6.27 -6.09 -15.48
C ASN A 30 -5.25 -7.20 -15.73
N ASN A 31 -5.72 -8.28 -16.37
CA ASN A 31 -4.87 -9.43 -16.70
C ASN A 31 -4.33 -10.12 -15.45
N ASN A 32 -3.37 -9.46 -14.80
CA ASN A 32 -2.74 -10.00 -13.58
C ASN A 32 -1.66 -9.06 -13.08
N ASP A 33 -2.07 -7.92 -12.52
CA ASP A 33 -1.12 -6.93 -12.02
C ASP A 33 -1.75 -6.10 -10.90
N LEU A 34 -1.05 -6.03 -9.77
CA LEU A 34 -1.51 -5.27 -8.62
C LEU A 34 -1.28 -3.77 -8.80
N ASP A 35 -0.14 -3.41 -9.38
CA ASP A 35 0.20 -2.01 -9.61
C ASP A 35 -0.89 -1.31 -10.40
N LEU A 36 -1.35 -1.95 -11.47
CA LEU A 36 -2.39 -1.38 -12.33
C LEU A 36 -3.72 -1.31 -11.60
N THR A 37 -4.22 -2.48 -11.20
CA THR A 37 -5.49 -2.58 -10.50
C THR A 37 -5.53 -1.64 -9.30
N ILE A 38 -4.63 -1.88 -8.34
CA ILE A 38 -4.56 -1.05 -7.14
C ILE A 38 -4.39 0.42 -7.51
N GLY A 39 -3.57 0.67 -8.53
CA GLY A 39 -3.33 2.03 -8.97
C GLY A 39 -4.63 2.77 -9.18
N LEU A 40 -5.57 2.12 -9.85
CA LEU A 40 -6.88 2.70 -10.11
C LEU A 40 -7.68 2.81 -8.81
N LEU A 41 -7.58 1.79 -7.97
CA LEU A 41 -8.30 1.75 -6.70
C LEU A 41 -7.98 2.96 -5.82
N LEU A 42 -6.70 3.26 -5.62
CA LEU A 42 -6.30 4.39 -4.79
C LEU A 42 -7.00 5.67 -5.25
N LYS A 43 -6.92 5.93 -6.56
CA LYS A 43 -7.55 7.12 -7.13
C LYS A 43 -9.03 6.85 -7.40
N GLU A 44 -9.69 6.21 -6.44
CA GLU A 44 -11.11 5.90 -6.55
C GLU A 44 -11.93 7.15 -6.80
N ASN A 45 -11.51 8.26 -6.21
CA ASN A 45 -12.22 9.52 -6.38
C ASN A 45 -11.30 10.71 -6.10
N ASP A 46 -10.11 10.69 -6.70
CA ASP A 46 -9.14 11.76 -6.53
C ASP A 46 -9.73 13.09 -6.96
N ASP A 47 -9.45 14.14 -6.17
CA ASP A 47 -9.95 15.47 -6.47
C ASP A 47 -9.51 15.93 -7.86
N LYS A 48 -10.46 16.44 -8.64
CA LYS A 48 -10.17 16.91 -9.99
C LYS A 48 -9.22 18.11 -9.96
N SER A 49 -8.24 18.09 -10.86
CA SER A 49 -7.26 19.17 -10.93
C SER A 49 -7.94 20.49 -11.26
N MET B 1 6.64 3.80 20.10
CA MET B 1 5.60 3.65 19.04
C MET B 1 6.21 3.24 17.72
N GLN B 2 5.46 2.47 16.94
CA GLN B 2 5.93 2.00 15.64
C GLN B 2 4.78 1.90 14.64
N ILE B 3 5.10 1.46 13.44
CA ILE B 3 4.12 1.30 12.37
C ILE B 3 4.48 0.11 11.49
N PHE B 4 3.46 -0.68 11.15
CA PHE B 4 3.65 -1.86 10.31
C PHE B 4 3.79 -1.48 8.84
N VAL B 5 4.65 -2.21 8.13
CA VAL B 5 4.89 -1.97 6.71
C VAL B 5 4.85 -3.30 5.94
N LYS B 6 3.64 -3.76 5.65
CA LYS B 6 3.45 -5.00 4.93
C LYS B 6 3.69 -4.81 3.43
N THR B 7 4.64 -5.57 2.87
CA THR B 7 4.96 -5.47 1.46
C THR B 7 3.89 -6.12 0.59
N LEU B 8 3.71 -5.59 -0.62
CA LEU B 8 2.72 -6.11 -1.55
C LEU B 8 2.88 -7.62 -1.71
N THR B 9 4.13 -8.07 -1.76
CA THR B 9 4.42 -9.49 -1.90
C THR B 9 4.15 -10.25 -0.60
N GLY B 10 4.86 -9.85 0.46
CA GLY B 10 4.67 -10.49 1.75
C GLY B 10 5.84 -10.24 2.70
N LYS B 11 5.64 -9.33 3.66
CA LYS B 11 6.66 -9.00 4.64
C LYS B 11 6.17 -7.90 5.58
N THR B 12 6.07 -8.21 6.87
CA THR B 12 5.60 -7.24 7.85
C THR B 12 6.77 -6.46 8.45
N ILE B 13 7.28 -5.50 7.70
CA ILE B 13 8.40 -4.69 8.17
C ILE B 13 7.93 -3.65 9.19
N THR B 14 8.36 -3.82 10.44
CA THR B 14 7.99 -2.88 11.49
C THR B 14 9.04 -1.79 11.63
N LEU B 15 8.60 -0.57 11.88
CA LEU B 15 9.53 0.54 12.02
C LEU B 15 9.08 1.50 13.12
N GLU B 16 10.05 2.04 13.85
CA GLU B 16 9.75 2.98 14.94
C GLU B 16 9.33 4.33 14.36
N VAL B 17 8.15 4.79 14.77
CA VAL B 17 7.61 6.05 14.28
C VAL B 17 6.72 6.72 15.32
N GLU B 18 6.99 8.00 15.58
CA GLU B 18 6.22 8.77 16.55
C GLU B 18 4.83 9.10 16.02
N SER B 19 3.92 9.43 16.93
CA SER B 19 2.56 9.78 16.56
C SER B 19 2.51 11.19 15.97
N SER B 20 3.62 11.62 15.37
CA SER B 20 3.70 12.95 14.77
C SER B 20 4.92 13.04 13.86
N ASP B 21 5.33 11.89 13.33
CA ASP B 21 6.48 11.83 12.42
C ASP B 21 6.10 12.38 11.05
N THR B 22 6.27 11.55 10.01
CA THR B 22 5.94 11.95 8.64
C THR B 22 6.06 10.78 7.67
N ILE B 23 5.11 10.69 6.75
CA ILE B 23 5.11 9.61 5.76
C ILE B 23 6.42 9.57 4.99
N ASP B 24 6.94 10.75 4.64
CA ASP B 24 8.19 10.84 3.91
C ASP B 24 9.29 10.08 4.65
N ASN B 25 9.35 10.27 5.96
CA ASN B 25 10.35 9.61 6.79
C ASN B 25 10.21 8.09 6.65
N VAL B 26 8.98 7.61 6.65
CA VAL B 26 8.71 6.18 6.53
C VAL B 26 9.35 5.64 5.25
N LYS B 27 9.15 6.35 4.15
CA LYS B 27 9.72 5.96 2.87
C LYS B 27 11.24 5.94 2.95
N SER B 28 11.81 6.90 3.69
CA SER B 28 13.25 6.99 3.85
C SER B 28 13.83 5.72 4.47
N LYS B 29 13.25 5.30 5.59
CA LYS B 29 13.71 4.09 6.27
C LYS B 29 13.58 2.87 5.37
N ILE B 30 12.43 2.74 4.72
CA ILE B 30 12.19 1.62 3.82
C ILE B 30 13.19 1.63 2.66
N GLN B 31 13.50 2.83 2.18
CA GLN B 31 14.43 3.00 1.08
C GLN B 31 15.82 2.47 1.44
N ASP B 32 16.29 2.83 2.63
CA ASP B 32 17.61 2.41 3.09
C ASP B 32 17.67 0.90 3.33
N LYS B 33 16.67 0.36 4.03
CA LYS B 33 16.63 -1.06 4.34
C LYS B 33 16.38 -1.91 3.09
N GLU B 34 15.22 -1.70 2.47
CA GLU B 34 14.83 -2.46 1.28
C GLU B 34 15.73 -2.14 0.09
N GLY B 35 16.05 -0.86 -0.08
CA GLY B 35 16.88 -0.44 -1.20
C GLY B 35 16.07 -0.16 -2.45
N ILE B 36 15.02 0.65 -2.30
CA ILE B 36 14.16 1.01 -3.42
C ILE B 36 13.90 2.51 -3.45
N PRO B 37 14.04 3.15 -4.64
CA PRO B 37 13.82 4.59 -4.78
C PRO B 37 12.45 5.02 -4.24
N PRO B 38 12.41 6.17 -3.55
CA PRO B 38 11.15 6.69 -2.98
C PRO B 38 10.06 6.84 -4.02
N ASP B 39 10.40 7.38 -5.18
CA ASP B 39 9.45 7.56 -6.26
C ASP B 39 8.86 6.23 -6.71
N GLN B 40 9.73 5.22 -6.78
CA GLN B 40 9.32 3.88 -7.20
C GLN B 40 8.33 3.27 -6.21
N GLN B 41 8.69 3.30 -4.93
CA GLN B 41 7.84 2.75 -3.89
C GLN B 41 6.64 3.64 -3.60
N ARG B 42 5.47 3.03 -3.40
CA ARG B 42 4.26 3.76 -3.10
C ARG B 42 3.56 3.15 -1.88
N LEU B 43 3.23 4.00 -0.91
CA LEU B 43 2.57 3.55 0.31
C LEU B 43 1.06 3.61 0.17
N ILE B 44 0.38 2.57 0.68
CA ILE B 44 -1.08 2.51 0.62
C ILE B 44 -1.67 2.26 2.00
N PHE B 45 -2.76 2.96 2.29
CA PHE B 45 -3.47 2.84 3.55
C PHE B 45 -4.87 3.44 3.41
N ALA B 46 -5.86 2.81 4.03
CA ALA B 46 -7.22 3.28 3.94
C ALA B 46 -7.68 3.31 2.49
N GLY B 47 -7.18 2.34 1.71
CA GLY B 47 -7.52 2.27 0.30
C GLY B 47 -7.11 3.53 -0.44
N LYS B 48 -6.03 4.15 0.00
CA LYS B 48 -5.54 5.38 -0.62
C LYS B 48 -4.04 5.53 -0.39
N GLN B 49 -3.32 5.97 -1.43
CA GLN B 49 -1.87 6.18 -1.32
C GLN B 49 -1.58 7.32 -0.35
N LEU B 50 -0.74 7.05 0.65
CA LEU B 50 -0.38 8.06 1.63
C LEU B 50 0.67 9.02 1.07
N GLU B 51 0.37 10.31 1.17
CA GLU B 51 1.28 11.35 0.67
C GLU B 51 2.45 11.57 1.62
N ASP B 52 3.65 11.69 1.07
CA ASP B 52 4.84 11.93 1.85
C ASP B 52 4.78 13.28 2.55
N GLY B 53 5.43 13.38 3.71
CA GLY B 53 5.43 14.63 4.46
C GLY B 53 4.24 14.75 5.39
N ARG B 54 3.11 14.17 4.98
CA ARG B 54 1.89 14.23 5.78
C ARG B 54 2.06 13.48 7.10
N THR B 55 1.61 14.11 8.19
CA THR B 55 1.70 13.51 9.52
C THR B 55 0.69 12.37 9.66
N LEU B 56 1.04 11.38 10.48
CA LEU B 56 0.17 10.23 10.71
C LEU B 56 -1.22 10.68 11.16
N SER B 57 -1.25 11.73 11.98
CA SER B 57 -2.51 12.27 12.49
C SER B 57 -3.49 12.62 11.37
N ASP B 58 -2.95 13.08 10.24
CA ASP B 58 -3.80 13.46 9.11
C ASP B 58 -4.74 12.33 8.71
N TYR B 59 -4.18 11.15 8.46
CA TYR B 59 -4.99 9.99 8.07
C TYR B 59 -5.54 9.27 9.30
N ASN B 60 -5.73 10.02 10.38
CA ASN B 60 -6.27 9.47 11.62
C ASN B 60 -5.54 8.20 12.04
N ILE B 61 -4.22 8.17 11.87
CA ILE B 61 -3.43 7.01 12.23
C ILE B 61 -3.28 6.92 13.75
N GLN B 62 -3.72 5.80 14.31
CA GLN B 62 -3.65 5.59 15.76
C GLN B 62 -2.25 5.15 16.18
N LYS B 63 -1.90 3.94 15.80
CA LYS B 63 -0.60 3.37 16.13
C LYS B 63 -0.44 1.98 15.52
N GLU B 64 0.82 1.61 15.25
CA GLU B 64 1.16 0.31 14.66
C GLU B 64 0.23 -0.03 13.50
N SER B 65 -0.13 0.99 12.71
CA SER B 65 -1.01 0.79 11.56
C SER B 65 -0.29 0.01 10.47
N THR B 66 -1.03 -0.84 9.77
CA THR B 66 -0.47 -1.64 8.69
C THR B 66 -0.49 -0.87 7.38
N LEU B 67 0.68 -0.72 6.76
CA LEU B 67 0.80 -0.01 5.49
C LEU B 67 1.34 -0.95 4.41
N HIS B 68 0.69 -0.96 3.25
CA HIS B 68 1.12 -1.81 2.15
C HIS B 68 2.05 -1.10 1.18
N LEU B 69 3.20 -1.71 0.93
CA LEU B 69 4.18 -1.15 0.00
C LEU B 69 3.97 -1.74 -1.39
N VAL B 70 4.04 -0.90 -2.42
CA VAL B 70 3.84 -1.38 -3.79
C VAL B 70 4.77 -0.67 -4.78
N LEU B 71 5.22 -1.41 -5.78
CA LEU B 71 6.11 -0.88 -6.81
C LEU B 71 5.35 -0.03 -7.83
N ARG B 72 5.98 1.05 -8.26
CA ARG B 72 5.37 1.96 -9.24
C ARG B 72 5.36 1.29 -10.63
N LEU B 73 6.09 1.88 -11.58
CA LEU B 73 6.15 1.35 -12.94
C LEU B 73 6.70 -0.07 -12.94
N ARG B 74 6.12 -0.93 -13.77
CA ARG B 74 6.57 -2.32 -13.88
C ARG B 74 7.97 -2.40 -14.49
N GLY B 75 8.18 -3.42 -15.32
CA GLY B 75 9.48 -3.59 -15.96
C GLY B 75 10.57 -3.97 -14.98
N GLY B 76 11.41 -4.93 -15.37
CA GLY B 76 12.49 -5.37 -14.51
C GLY B 76 11.99 -5.99 -13.23
N ASN A 1 0.45 -23.10 -11.92
CA ASN A 1 -0.63 -23.37 -10.98
C ASN A 1 -1.33 -22.08 -10.56
N ASP A 2 -2.65 -22.10 -10.58
CA ASP A 2 -3.44 -20.92 -10.20
C ASP A 2 -3.14 -20.53 -8.76
N ASP A 3 -2.95 -19.24 -8.53
CA ASP A 3 -2.66 -18.75 -7.18
C ASP A 3 -2.80 -17.22 -7.10
N HIS A 4 -3.75 -16.68 -7.86
CA HIS A 4 -3.98 -15.24 -7.84
C HIS A 4 -4.70 -14.85 -6.56
N GLU A 5 -5.40 -15.82 -5.96
CA GLU A 5 -6.14 -15.59 -4.74
C GLU A 5 -5.27 -14.91 -3.70
N SER A 6 -3.99 -15.25 -3.68
CA SER A 6 -3.05 -14.63 -2.75
C SER A 6 -3.01 -13.14 -3.02
N LYS A 7 -2.83 -12.79 -4.30
CA LYS A 7 -2.81 -11.39 -4.70
C LYS A 7 -4.11 -10.72 -4.26
N LEU A 8 -5.21 -11.45 -4.45
CA LEU A 8 -6.52 -10.96 -4.06
C LEU A 8 -6.56 -10.71 -2.55
N SER A 9 -5.85 -11.56 -1.81
CA SER A 9 -5.78 -11.42 -0.36
C SER A 9 -5.20 -10.06 0.00
N ILE A 10 -4.07 -9.71 -0.65
CA ILE A 10 -3.46 -8.42 -0.41
C ILE A 10 -4.46 -7.32 -0.72
N LEU A 11 -5.22 -7.50 -1.80
CA LEU A 11 -6.22 -6.52 -2.21
C LEU A 11 -7.27 -6.33 -1.12
N MET A 12 -7.76 -7.43 -0.57
CA MET A 12 -8.78 -7.38 0.48
C MET A 12 -8.30 -6.52 1.65
N ASP A 13 -7.10 -6.83 2.14
CA ASP A 13 -6.51 -6.09 3.24
C ASP A 13 -6.09 -4.69 2.79
N MET A 14 -5.71 -4.57 1.52
CA MET A 14 -5.26 -3.30 0.96
C MET A 14 -6.37 -2.26 1.03
N PHE A 15 -7.58 -2.65 0.66
CA PHE A 15 -8.72 -1.75 0.69
C PHE A 15 -9.78 -2.24 1.67
N PRO A 16 -9.90 -1.56 2.84
CA PRO A 16 -10.88 -1.94 3.87
C PRO A 16 -12.28 -1.42 3.56
N ALA A 17 -12.75 -1.68 2.34
CA ALA A 17 -14.07 -1.23 1.93
C ALA A 17 -14.52 -1.91 0.64
N ILE A 18 -13.61 -1.97 -0.34
CA ILE A 18 -13.91 -2.58 -1.63
C ILE A 18 -14.23 -4.07 -1.47
N SER A 19 -15.33 -4.50 -2.09
CA SER A 19 -15.76 -5.89 -2.02
C SER A 19 -14.72 -6.81 -2.64
N LYS A 20 -14.50 -7.96 -2.01
CA LYS A 20 -13.53 -8.94 -2.50
C LYS A 20 -13.85 -9.36 -3.93
N SER A 21 -15.13 -9.52 -4.23
CA SER A 21 -15.57 -9.92 -5.57
C SER A 21 -15.09 -8.91 -6.62
N LYS A 22 -15.28 -7.63 -6.32
CA LYS A 22 -14.86 -6.56 -7.23
C LYS A 22 -13.37 -6.63 -7.50
N LEU A 23 -12.59 -6.75 -6.44
CA LEU A 23 -11.14 -6.84 -6.55
C LEU A 23 -10.75 -8.03 -7.44
N GLN A 24 -11.43 -9.15 -7.28
CA GLN A 24 -11.16 -10.34 -8.06
C GLN A 24 -11.40 -10.07 -9.55
N VAL A 25 -12.49 -9.36 -9.84
CA VAL A 25 -12.82 -9.03 -11.22
C VAL A 25 -11.70 -8.24 -11.88
N HIS A 26 -11.21 -7.22 -11.17
CA HIS A 26 -10.13 -6.39 -11.69
C HIS A 26 -8.88 -7.22 -11.93
N LEU A 27 -8.61 -8.15 -11.02
CA LEU A 27 -7.43 -9.00 -11.11
C LEU A 27 -7.50 -9.88 -12.36
N LEU A 28 -8.68 -10.44 -12.64
CA LEU A 28 -8.87 -11.30 -13.80
C LEU A 28 -8.69 -10.53 -15.10
N GLU A 29 -9.33 -9.37 -15.18
CA GLU A 29 -9.25 -8.54 -16.38
C GLU A 29 -7.81 -8.12 -16.68
N ASN A 30 -7.14 -7.58 -15.67
CA ASN A 30 -5.76 -7.14 -15.84
C ASN A 30 -4.79 -8.30 -15.63
N ASN A 31 -5.21 -9.51 -16.00
CA ASN A 31 -4.41 -10.71 -15.86
C ASN A 31 -4.12 -11.04 -14.40
N ASN A 32 -3.26 -10.23 -13.78
CA ASN A 32 -2.90 -10.41 -12.38
C ASN A 32 -1.92 -9.33 -11.92
N ASP A 33 -2.07 -8.13 -12.49
CA ASP A 33 -1.19 -7.02 -12.15
C ASP A 33 -1.70 -6.29 -10.91
N LEU A 34 -0.81 -6.08 -9.95
CA LEU A 34 -1.17 -5.39 -8.71
C LEU A 34 -1.00 -3.88 -8.82
N ASP A 35 0.13 -3.45 -9.39
CA ASP A 35 0.42 -2.03 -9.54
C ASP A 35 -0.65 -1.30 -10.36
N LEU A 36 -1.02 -1.87 -11.50
CA LEU A 36 -2.02 -1.24 -12.37
C LEU A 36 -3.39 -1.21 -11.68
N THR A 37 -3.87 -2.39 -11.29
CA THR A 37 -5.18 -2.50 -10.64
C THR A 37 -5.25 -1.61 -9.40
N ILE A 38 -4.37 -1.87 -8.44
CA ILE A 38 -4.34 -1.10 -7.21
C ILE A 38 -4.10 0.38 -7.49
N GLY A 39 -3.23 0.66 -8.47
CA GLY A 39 -2.93 2.04 -8.82
C GLY A 39 -4.16 2.85 -9.11
N LEU A 40 -5.05 2.31 -9.94
CA LEU A 40 -6.29 2.98 -10.28
C LEU A 40 -7.22 3.04 -9.07
N LEU A 41 -7.27 1.94 -8.33
CA LEU A 41 -8.13 1.85 -7.14
C LEU A 41 -7.82 2.98 -6.15
N LEU A 42 -6.54 3.33 -6.03
CA LEU A 42 -6.13 4.41 -5.13
C LEU A 42 -6.95 5.66 -5.41
N LYS A 43 -7.12 5.96 -6.69
CA LYS A 43 -7.89 7.13 -7.11
C LYS A 43 -9.38 6.81 -7.09
N GLU A 44 -9.82 6.10 -6.06
CA GLU A 44 -11.22 5.73 -5.92
C GLU A 44 -12.13 6.95 -5.94
N ASN A 45 -11.64 8.04 -5.33
CA ASN A 45 -12.40 9.28 -5.27
C ASN A 45 -11.51 10.45 -4.89
N ASP A 46 -10.74 10.28 -3.80
CA ASP A 46 -9.84 11.32 -3.34
C ASP A 46 -10.60 12.64 -3.11
N ASP A 47 -10.04 13.74 -3.62
CA ASP A 47 -10.66 15.06 -3.47
C ASP A 47 -10.67 15.50 -2.02
N LYS A 48 -10.34 16.78 -1.79
CA LYS A 48 -10.30 17.32 -0.44
C LYS A 48 -11.68 17.32 0.19
N SER A 49 -11.78 16.82 1.42
CA SER A 49 -13.05 16.76 2.13
C SER A 49 -13.57 18.16 2.43
N MET B 1 7.40 3.49 19.11
CA MET B 1 6.30 3.14 18.19
C MET B 1 6.83 2.51 16.91
N GLN B 2 6.15 1.47 16.45
CA GLN B 2 6.55 0.78 15.23
C GLN B 2 5.34 0.45 14.36
N ILE B 3 5.50 0.65 13.05
CA ILE B 3 4.44 0.39 12.10
C ILE B 3 4.82 -0.72 11.12
N PHE B 4 3.85 -1.58 10.80
CA PHE B 4 4.09 -2.69 9.89
C PHE B 4 4.01 -2.24 8.43
N VAL B 5 4.87 -2.82 7.61
CA VAL B 5 4.91 -2.50 6.19
C VAL B 5 4.81 -3.77 5.36
N LYS B 6 3.59 -4.30 5.24
CA LYS B 6 3.35 -5.52 4.49
C LYS B 6 3.54 -5.30 2.99
N THR B 7 4.38 -6.14 2.38
CA THR B 7 4.65 -6.05 0.94
C THR B 7 3.69 -6.94 0.16
N LEU B 8 3.38 -6.55 -1.07
CA LEU B 8 2.48 -7.32 -1.92
C LEU B 8 2.88 -8.80 -1.92
N THR B 9 4.19 -9.05 -1.92
CA THR B 9 4.72 -10.40 -1.92
C THR B 9 4.32 -11.15 -0.64
N GLY B 10 4.70 -10.61 0.51
CA GLY B 10 4.36 -11.24 1.77
C GLY B 10 5.39 -11.00 2.86
N LYS B 11 5.56 -9.74 3.26
CA LYS B 11 6.52 -9.39 4.30
C LYS B 11 6.14 -8.09 4.99
N THR B 12 5.88 -8.16 6.30
CA THR B 12 5.51 -6.99 7.08
C THR B 12 6.73 -6.31 7.70
N ILE B 13 7.46 -5.55 6.89
CA ILE B 13 8.66 -4.85 7.36
C ILE B 13 8.30 -3.87 8.47
N THR B 14 8.90 -4.05 9.64
CA THR B 14 8.64 -3.16 10.78
C THR B 14 9.61 -1.99 10.81
N LEU B 15 9.06 -0.79 11.02
CA LEU B 15 9.88 0.43 11.08
C LEU B 15 9.51 1.25 12.31
N GLU B 16 10.49 1.98 12.83
CA GLU B 16 10.28 2.82 14.02
C GLU B 16 9.94 4.24 13.59
N VAL B 17 8.82 4.76 14.09
CA VAL B 17 8.39 6.12 13.76
C VAL B 17 7.56 6.72 14.89
N GLU B 18 7.82 8.00 15.18
CA GLU B 18 7.10 8.71 16.23
C GLU B 18 5.64 8.88 15.85
N SER B 19 4.75 8.86 16.83
CA SER B 19 3.33 9.01 16.58
C SER B 19 3.06 10.31 15.83
N SER B 20 3.76 11.37 16.20
CA SER B 20 3.61 12.67 15.55
C SER B 20 4.68 12.89 14.49
N ASP B 21 5.06 11.82 13.81
CA ASP B 21 6.08 11.90 12.76
C ASP B 21 5.47 12.35 11.44
N THR B 22 5.69 11.58 10.37
CA THR B 22 5.15 11.90 9.07
C THR B 22 5.40 10.77 8.07
N ILE B 23 4.45 10.54 7.18
CA ILE B 23 4.56 9.48 6.18
C ILE B 23 5.87 9.61 5.39
N ASP B 24 6.24 10.85 5.09
CA ASP B 24 7.47 11.10 4.34
C ASP B 24 8.67 10.48 5.04
N ASN B 25 8.75 10.64 6.36
CA ASN B 25 9.84 10.08 7.15
C ASN B 25 9.88 8.56 7.01
N VAL B 26 8.70 7.94 7.07
CA VAL B 26 8.60 6.49 6.96
C VAL B 26 9.16 6.01 5.63
N LYS B 27 8.79 6.69 4.55
CA LYS B 27 9.25 6.32 3.21
C LYS B 27 10.77 6.46 3.12
N SER B 28 11.31 7.51 3.72
CA SER B 28 12.74 7.76 3.71
C SER B 28 13.50 6.63 4.40
N LYS B 29 13.00 6.23 5.56
CA LYS B 29 13.63 5.15 6.33
C LYS B 29 13.65 3.86 5.53
N ILE B 30 12.51 3.52 4.93
CA ILE B 30 12.40 2.32 4.12
C ILE B 30 13.32 2.41 2.90
N GLN B 31 13.46 3.62 2.37
CA GLN B 31 14.30 3.87 1.22
C GLN B 31 15.75 3.50 1.51
N ASP B 32 16.27 3.98 2.62
CA ASP B 32 17.66 3.71 3.01
C ASP B 32 17.83 2.26 3.47
N LYS B 33 16.88 1.78 4.25
CA LYS B 33 16.92 0.42 4.79
C LYS B 33 16.91 -0.63 3.67
N GLU B 34 15.85 -0.64 2.89
CA GLU B 34 15.70 -1.60 1.80
C GLU B 34 16.50 -1.19 0.57
N GLY B 35 16.49 0.10 0.25
CA GLY B 35 17.22 0.58 -0.91
C GLY B 35 16.32 0.68 -2.13
N ILE B 36 15.13 1.23 -1.93
CA ILE B 36 14.16 1.38 -3.02
C ILE B 36 13.79 2.85 -3.21
N PRO B 37 13.78 3.34 -4.46
CA PRO B 37 13.43 4.73 -4.76
C PRO B 37 12.11 5.15 -4.10
N PRO B 38 12.06 6.37 -3.53
CA PRO B 38 10.85 6.88 -2.87
C PRO B 38 9.65 6.94 -3.81
N ASP B 39 9.88 7.46 -5.01
CA ASP B 39 8.81 7.59 -6.00
C ASP B 39 8.25 6.21 -6.37
N GLN B 40 9.14 5.25 -6.58
CA GLN B 40 8.74 3.91 -6.96
C GLN B 40 7.87 3.26 -5.88
N GLN B 41 8.40 3.21 -4.66
CA GLN B 41 7.67 2.61 -3.53
C GLN B 41 6.45 3.44 -3.16
N ARG B 42 5.37 2.76 -2.78
CA ARG B 42 4.13 3.43 -2.40
C ARG B 42 3.51 2.81 -1.15
N LEU B 43 3.28 3.63 -0.14
CA LEU B 43 2.69 3.16 1.11
C LEU B 43 1.17 3.34 1.09
N ILE B 44 0.47 2.33 0.59
CA ILE B 44 -0.98 2.37 0.51
C ILE B 44 -1.62 1.98 1.84
N PHE B 45 -2.71 2.68 2.17
CA PHE B 45 -3.45 2.45 3.40
C PHE B 45 -4.80 3.12 3.31
N ALA B 46 -5.79 2.58 4.02
CA ALA B 46 -7.14 3.13 3.99
C ALA B 46 -7.66 3.14 2.56
N GLY B 47 -7.20 2.17 1.77
CA GLY B 47 -7.62 2.06 0.39
C GLY B 47 -7.13 3.20 -0.49
N LYS B 48 -5.97 3.76 -0.17
CA LYS B 48 -5.41 4.85 -0.97
C LYS B 48 -4.00 5.23 -0.51
N GLN B 49 -3.17 5.63 -1.48
CA GLN B 49 -1.79 6.03 -1.19
C GLN B 49 -1.74 7.14 -0.14
N LEU B 50 -0.96 6.91 0.91
CA LEU B 50 -0.82 7.87 1.99
C LEU B 50 0.07 9.04 1.56
N GLU B 51 -0.40 10.26 1.81
CA GLU B 51 0.37 11.46 1.45
C GLU B 51 1.60 11.59 2.34
N ASP B 52 2.75 11.81 1.72
CA ASP B 52 4.00 11.96 2.46
C ASP B 52 3.93 13.14 3.43
N GLY B 53 3.34 14.24 2.98
CA GLY B 53 3.21 15.42 3.83
C GLY B 53 2.03 15.34 4.78
N ARG B 54 1.93 14.22 5.51
CA ARG B 54 0.84 14.02 6.46
C ARG B 54 1.29 13.16 7.64
N THR B 55 0.96 13.60 8.84
CA THR B 55 1.33 12.87 10.06
C THR B 55 0.45 11.64 10.25
N LEU B 56 0.98 10.65 10.96
CA LEU B 56 0.25 9.41 11.22
C LEU B 56 -1.14 9.69 11.80
N SER B 57 -1.20 10.66 12.71
CA SER B 57 -2.44 11.04 13.37
C SER B 57 -3.51 11.43 12.35
N ASP B 58 -3.08 12.04 11.24
CA ASP B 58 -4.01 12.48 10.19
C ASP B 58 -4.94 11.34 9.76
N TYR B 59 -4.37 10.22 9.34
CA TYR B 59 -5.18 9.08 8.90
C TYR B 59 -5.57 8.21 10.10
N ASN B 60 -5.62 8.81 11.28
CA ASN B 60 -5.98 8.08 12.49
C ASN B 60 -5.19 6.79 12.61
N ILE B 61 -3.94 6.83 12.16
CA ILE B 61 -3.07 5.66 12.20
C ILE B 61 -2.70 5.28 13.63
N GLN B 62 -2.89 4.01 13.96
CA GLN B 62 -2.57 3.50 15.29
C GLN B 62 -1.33 2.62 15.24
N LYS B 63 -0.63 2.50 16.37
CA LYS B 63 0.57 1.69 16.45
C LYS B 63 0.32 0.31 15.84
N GLU B 64 1.36 -0.26 15.25
CA GLU B 64 1.27 -1.58 14.61
C GLU B 64 0.32 -1.51 13.40
N SER B 65 0.38 -0.39 12.68
CA SER B 65 -0.47 -0.19 11.51
C SER B 65 -0.07 -1.11 10.36
N THR B 66 -1.08 -1.68 9.70
CA THR B 66 -0.85 -2.57 8.58
C THR B 66 -0.70 -1.79 7.28
N LEU B 67 0.45 -1.14 7.10
CA LEU B 67 0.71 -0.35 5.90
C LEU B 67 1.24 -1.24 4.78
N HIS B 68 0.61 -1.16 3.62
CA HIS B 68 1.03 -1.97 2.47
C HIS B 68 1.98 -1.20 1.56
N LEU B 69 3.09 -1.84 1.21
CA LEU B 69 4.09 -1.24 0.33
C LEU B 69 3.92 -1.83 -1.08
N VAL B 70 3.97 -0.96 -2.08
CA VAL B 70 3.82 -1.39 -3.47
C VAL B 70 4.78 -0.64 -4.39
N LEU B 71 5.55 -1.39 -5.17
CA LEU B 71 6.51 -0.81 -6.10
C LEU B 71 5.83 -0.30 -7.36
N ARG B 72 6.34 0.79 -7.90
CA ARG B 72 5.78 1.39 -9.12
C ARG B 72 5.89 0.41 -10.29
N LEU B 73 5.19 0.73 -11.37
CA LEU B 73 5.19 -0.11 -12.56
C LEU B 73 6.60 -0.36 -13.06
N ARG B 74 6.89 -1.61 -13.43
CA ARG B 74 8.21 -2.00 -13.92
C ARG B 74 8.09 -3.13 -14.94
N GLY B 75 7.28 -4.13 -14.60
CA GLY B 75 7.10 -5.26 -15.49
C GLY B 75 6.16 -6.31 -14.91
N GLY B 76 6.57 -7.57 -14.95
CA GLY B 76 5.74 -8.64 -14.44
C GLY B 76 6.41 -10.00 -14.55
N ASN A 1 -8.37 -19.70 -14.24
CA ASN A 1 -7.63 -18.65 -13.55
C ASN A 1 -6.15 -19.02 -13.40
N ASP A 2 -5.57 -18.71 -12.24
CA ASP A 2 -4.17 -19.03 -11.97
C ASP A 2 -3.81 -18.70 -10.53
N ASP A 3 -2.57 -18.30 -10.30
CA ASP A 3 -2.12 -17.97 -8.95
C ASP A 3 -2.50 -16.53 -8.58
N HIS A 4 -3.65 -16.08 -9.08
CA HIS A 4 -4.11 -14.73 -8.80
C HIS A 4 -4.71 -14.66 -7.40
N GLU A 5 -5.14 -15.81 -6.89
CA GLU A 5 -5.75 -15.90 -5.57
C GLU A 5 -4.88 -15.21 -4.53
N SER A 6 -3.56 -15.38 -4.65
CA SER A 6 -2.64 -14.75 -3.72
C SER A 6 -2.77 -13.23 -3.84
N LYS A 7 -2.76 -12.75 -5.08
CA LYS A 7 -2.91 -11.34 -5.36
C LYS A 7 -4.23 -10.84 -4.77
N LEU A 8 -5.24 -11.71 -4.80
CA LEU A 8 -6.55 -11.40 -4.27
C LEU A 8 -6.49 -11.16 -2.77
N SER A 9 -5.73 -12.01 -2.07
CA SER A 9 -5.59 -11.86 -0.62
C SER A 9 -4.97 -10.51 -0.30
N ILE A 10 -3.91 -10.17 -1.02
CA ILE A 10 -3.26 -8.88 -0.83
C ILE A 10 -4.28 -7.75 -1.02
N LEU A 11 -5.15 -7.91 -2.01
CA LEU A 11 -6.18 -6.90 -2.27
C LEU A 11 -7.12 -6.76 -1.08
N MET A 12 -7.49 -7.89 -0.48
CA MET A 12 -8.38 -7.88 0.68
C MET A 12 -7.80 -7.02 1.80
N ASP A 13 -6.54 -7.30 2.15
CA ASP A 13 -5.87 -6.56 3.21
C ASP A 13 -5.55 -5.14 2.74
N MET A 14 -5.26 -5.01 1.45
CA MET A 14 -4.93 -3.73 0.85
C MET A 14 -6.09 -2.74 0.99
N PHE A 15 -7.31 -3.23 0.77
CA PHE A 15 -8.50 -2.39 0.87
C PHE A 15 -9.48 -2.98 1.87
N PRO A 16 -9.50 -2.44 3.11
CA PRO A 16 -10.40 -2.91 4.16
C PRO A 16 -11.82 -2.36 4.02
N ALA A 17 -12.39 -2.46 2.83
CA ALA A 17 -13.74 -1.96 2.59
C ALA A 17 -14.29 -2.46 1.25
N ILE A 18 -13.45 -2.41 0.22
CA ILE A 18 -13.85 -2.85 -1.11
C ILE A 18 -14.31 -4.31 -1.10
N SER A 19 -15.45 -4.57 -1.75
CA SER A 19 -16.00 -5.91 -1.82
C SER A 19 -15.04 -6.88 -2.51
N LYS A 20 -14.96 -8.09 -1.99
CA LYS A 20 -14.08 -9.12 -2.55
C LYS A 20 -14.39 -9.36 -4.02
N SER A 21 -15.68 -9.41 -4.36
CA SER A 21 -16.10 -9.64 -5.74
C SER A 21 -15.51 -8.58 -6.67
N LYS A 22 -15.57 -7.33 -6.26
CA LYS A 22 -15.04 -6.23 -7.06
C LYS A 22 -13.56 -6.42 -7.33
N LEU A 23 -12.79 -6.67 -6.27
CA LEU A 23 -11.36 -6.88 -6.40
C LEU A 23 -11.06 -8.02 -7.36
N GLN A 24 -11.88 -9.07 -7.29
CA GLN A 24 -11.72 -10.23 -8.17
C GLN A 24 -11.94 -9.84 -9.62
N VAL A 25 -12.96 -9.02 -9.86
CA VAL A 25 -13.29 -8.56 -11.21
C VAL A 25 -12.12 -7.81 -11.84
N HIS A 26 -11.58 -6.83 -11.12
CA HIS A 26 -10.46 -6.04 -11.61
C HIS A 26 -9.25 -6.94 -11.88
N LEU A 27 -8.99 -7.85 -10.95
CA LEU A 27 -7.87 -8.77 -11.06
C LEU A 27 -7.98 -9.63 -12.33
N LEU A 28 -9.20 -10.09 -12.62
CA LEU A 28 -9.44 -10.92 -13.79
C LEU A 28 -9.19 -10.15 -15.09
N GLU A 29 -9.71 -8.93 -15.16
CA GLU A 29 -9.55 -8.09 -16.35
C GLU A 29 -8.09 -7.83 -16.65
N ASN A 30 -7.37 -7.30 -15.66
CA ASN A 30 -5.95 -6.99 -15.82
C ASN A 30 -5.08 -8.22 -15.61
N ASN A 31 -5.59 -9.38 -16.05
CA ASN A 31 -4.87 -10.65 -15.92
C ASN A 31 -4.65 -11.02 -14.45
N ASN A 32 -3.74 -10.32 -13.80
CA ASN A 32 -3.43 -10.57 -12.40
C ASN A 32 -2.36 -9.61 -11.87
N ASP A 33 -2.39 -8.37 -12.37
CA ASP A 33 -1.42 -7.36 -11.94
C ASP A 33 -1.95 -6.57 -10.75
N LEU A 34 -1.10 -6.38 -9.75
CA LEU A 34 -1.47 -5.64 -8.55
C LEU A 34 -1.12 -4.15 -8.67
N ASP A 35 0.07 -3.87 -9.19
CA ASP A 35 0.52 -2.50 -9.35
C ASP A 35 -0.45 -1.66 -10.17
N LEU A 36 -0.87 -2.20 -11.32
CA LEU A 36 -1.79 -1.49 -12.20
C LEU A 36 -3.20 -1.38 -11.59
N THR A 37 -3.76 -2.52 -11.22
CA THR A 37 -5.09 -2.56 -10.64
C THR A 37 -5.18 -1.67 -9.40
N ILE A 38 -4.33 -1.94 -8.42
CA ILE A 38 -4.31 -1.16 -7.19
C ILE A 38 -4.01 0.31 -7.47
N GLY A 39 -3.06 0.56 -8.37
CA GLY A 39 -2.71 1.93 -8.71
C GLY A 39 -3.92 2.75 -9.08
N LEU A 40 -4.77 2.18 -9.92
CA LEU A 40 -6.00 2.85 -10.34
C LEU A 40 -6.98 2.98 -9.18
N LEU A 41 -7.04 1.94 -8.35
CA LEU A 41 -7.93 1.93 -7.19
C LEU A 41 -7.61 3.04 -6.20
N LEU A 42 -6.31 3.26 -5.96
CA LEU A 42 -5.88 4.30 -5.02
C LEU A 42 -6.48 5.64 -5.40
N LYS A 43 -6.47 5.94 -6.70
CA LYS A 43 -7.01 7.19 -7.21
C LYS A 43 -8.52 7.28 -7.00
N GLU A 44 -9.20 6.13 -7.05
CA GLU A 44 -10.64 6.10 -6.87
C GLU A 44 -11.03 6.55 -5.46
N ASN A 45 -10.33 6.04 -4.46
CA ASN A 45 -10.61 6.39 -3.07
C ASN A 45 -9.93 7.69 -2.65
N ASP A 46 -9.86 8.66 -3.55
CA ASP A 46 -9.25 9.94 -3.24
C ASP A 46 -10.21 10.82 -2.45
N ASP A 47 -10.14 12.13 -2.66
CA ASP A 47 -11.01 13.07 -1.96
C ASP A 47 -12.44 12.95 -2.46
N LYS A 48 -13.39 12.86 -1.53
CA LYS A 48 -14.80 12.74 -1.88
C LYS A 48 -15.66 12.75 -0.63
N SER A 49 -16.74 13.55 -0.66
CA SER A 49 -17.64 13.65 0.48
C SER A 49 -18.35 12.33 0.74
N MET B 1 6.88 4.87 18.40
CA MET B 1 5.69 4.22 17.78
C MET B 1 6.10 3.32 16.62
N GLN B 2 5.79 2.03 16.75
CA GLN B 2 6.11 1.05 15.72
C GLN B 2 5.01 0.98 14.68
N ILE B 3 5.40 0.78 13.42
CA ILE B 3 4.43 0.69 12.33
C ILE B 3 4.81 -0.43 11.36
N PHE B 4 3.82 -1.25 11.02
CA PHE B 4 4.04 -2.38 10.11
C PHE B 4 3.99 -1.90 8.66
N VAL B 5 4.82 -2.51 7.82
CA VAL B 5 4.88 -2.17 6.41
C VAL B 5 4.83 -3.43 5.55
N LYS B 6 3.63 -4.00 5.40
CA LYS B 6 3.45 -5.21 4.63
C LYS B 6 3.73 -4.99 3.15
N THR B 7 4.70 -5.71 2.62
CA THR B 7 5.07 -5.61 1.21
C THR B 7 4.01 -6.28 0.34
N LEU B 8 3.81 -5.76 -0.87
CA LEU B 8 2.84 -6.33 -1.79
C LEU B 8 2.97 -7.84 -1.86
N THR B 9 4.20 -8.32 -1.75
CA THR B 9 4.48 -9.75 -1.79
C THR B 9 3.94 -10.45 -0.54
N GLY B 10 4.36 -9.97 0.63
CA GLY B 10 3.90 -10.57 1.88
C GLY B 10 4.74 -10.16 3.08
N LYS B 11 6.07 -10.16 2.89
CA LYS B 11 6.99 -9.81 3.97
C LYS B 11 6.65 -8.46 4.59
N THR B 12 6.48 -8.44 5.91
CA THR B 12 6.17 -7.21 6.63
C THR B 12 7.43 -6.59 7.25
N ILE B 13 7.60 -5.29 7.05
CA ILE B 13 8.75 -4.59 7.61
C ILE B 13 8.30 -3.59 8.68
N THR B 14 8.89 -3.71 9.87
CA THR B 14 8.55 -2.82 10.96
C THR B 14 9.50 -1.63 11.03
N LEU B 15 8.94 -0.43 11.11
CA LEU B 15 9.72 0.79 11.19
C LEU B 15 9.39 1.57 12.45
N GLU B 16 10.42 2.12 13.06
CA GLU B 16 10.25 2.94 14.25
C GLU B 16 10.04 4.38 13.83
N VAL B 17 8.93 4.97 14.25
CA VAL B 17 8.63 6.33 13.86
C VAL B 17 7.47 6.90 14.68
N GLU B 18 7.69 8.08 15.25
CA GLU B 18 6.67 8.74 16.06
C GLU B 18 5.59 9.35 15.20
N SER B 19 4.35 9.29 15.68
CA SER B 19 3.23 9.86 14.95
C SER B 19 3.46 11.36 14.72
N SER B 20 4.32 11.94 15.55
CA SER B 20 4.63 13.36 15.45
C SER B 20 5.48 13.68 14.23
N ASP B 21 6.29 12.71 13.79
CA ASP B 21 7.17 12.89 12.64
C ASP B 21 6.39 13.23 11.37
N THR B 22 6.53 12.41 10.34
CA THR B 22 5.84 12.65 9.07
C THR B 22 5.90 11.43 8.15
N ILE B 23 4.86 11.27 7.34
CA ILE B 23 4.79 10.14 6.40
C ILE B 23 6.03 10.09 5.52
N ASP B 24 6.47 11.26 5.05
CA ASP B 24 7.65 11.35 4.20
C ASP B 24 8.85 10.72 4.88
N ASN B 25 8.99 10.96 6.18
CA ASN B 25 10.09 10.41 6.96
C ASN B 25 10.05 8.88 6.93
N VAL B 26 8.85 8.33 7.10
CA VAL B 26 8.66 6.89 7.09
C VAL B 26 9.17 6.29 5.78
N LYS B 27 8.69 6.84 4.66
CA LYS B 27 9.11 6.36 3.35
C LYS B 27 10.61 6.48 3.19
N SER B 28 11.17 7.55 3.76
CA SER B 28 12.62 7.77 3.70
C SER B 28 13.36 6.64 4.40
N LYS B 29 12.85 6.25 5.57
CA LYS B 29 13.46 5.17 6.34
C LYS B 29 13.46 3.89 5.50
N ILE B 30 12.34 3.63 4.85
CA ILE B 30 12.20 2.45 4.00
C ILE B 30 13.16 2.54 2.82
N GLN B 31 13.39 3.76 2.35
CA GLN B 31 14.28 4.01 1.23
C GLN B 31 15.71 3.57 1.55
N ASP B 32 16.20 3.98 2.72
CA ASP B 32 17.56 3.64 3.13
C ASP B 32 17.69 2.16 3.46
N LYS B 33 16.70 1.62 4.17
CA LYS B 33 16.71 0.21 4.57
C LYS B 33 16.66 -0.72 3.37
N GLU B 34 15.57 -0.67 2.61
CA GLU B 34 15.39 -1.52 1.45
C GLU B 34 16.24 -1.06 0.26
N GLY B 35 16.34 0.25 0.09
CA GLY B 35 17.11 0.79 -1.02
C GLY B 35 16.33 0.82 -2.30
N ILE B 36 15.06 1.21 -2.19
CA ILE B 36 14.17 1.29 -3.35
C ILE B 36 13.71 2.72 -3.60
N PRO B 37 13.71 3.17 -4.86
CA PRO B 37 13.29 4.54 -5.21
C PRO B 37 11.93 4.89 -4.62
N PRO B 38 11.77 6.15 -4.14
CA PRO B 38 10.52 6.62 -3.55
C PRO B 38 9.32 6.44 -4.48
N ASP B 39 9.52 6.76 -5.76
CA ASP B 39 8.47 6.65 -6.76
C ASP B 39 8.08 5.20 -7.01
N GLN B 40 9.09 4.33 -7.08
CA GLN B 40 8.87 2.91 -7.32
C GLN B 40 8.01 2.28 -6.23
N GLN B 41 8.41 2.48 -4.98
CA GLN B 41 7.67 1.94 -3.84
C GLN B 41 6.56 2.89 -3.41
N ARG B 42 5.44 2.34 -2.95
CA ARG B 42 4.31 3.15 -2.51
C ARG B 42 3.60 2.52 -1.32
N LEU B 43 3.47 3.29 -0.25
CA LEU B 43 2.80 2.81 0.96
C LEU B 43 1.29 3.06 0.88
N ILE B 44 0.53 1.97 0.83
CA ILE B 44 -0.93 2.08 0.77
C ILE B 44 -1.56 1.81 2.14
N PHE B 45 -2.62 2.55 2.43
CA PHE B 45 -3.33 2.40 3.71
C PHE B 45 -4.74 2.98 3.57
N ALA B 46 -5.69 2.36 4.25
CA ALA B 46 -7.08 2.80 4.19
C ALA B 46 -7.57 2.85 2.76
N GLY B 47 -7.07 1.91 1.95
CA GLY B 47 -7.46 1.84 0.55
C GLY B 47 -6.90 2.98 -0.28
N LYS B 48 -5.74 3.51 0.11
CA LYS B 48 -5.11 4.60 -0.64
C LYS B 48 -3.72 4.92 -0.12
N GLN B 49 -2.79 5.14 -1.05
CA GLN B 49 -1.42 5.47 -0.68
C GLN B 49 -1.38 6.73 0.19
N LEU B 50 -0.74 6.62 1.35
CA LEU B 50 -0.65 7.76 2.26
C LEU B 50 0.28 8.82 1.69
N GLU B 51 -0.20 10.05 1.60
CA GLU B 51 0.58 11.16 1.08
C GLU B 51 1.75 11.49 2.00
N ASP B 52 2.95 11.52 1.43
CA ASP B 52 4.15 11.83 2.19
C ASP B 52 4.19 13.32 2.56
N GLY B 53 4.75 13.61 3.73
CA GLY B 53 4.83 15.00 4.18
C GLY B 53 3.88 15.30 5.32
N ARG B 54 2.72 14.65 5.31
CA ARG B 54 1.71 14.85 6.35
C ARG B 54 2.22 14.34 7.71
N THR B 55 1.31 13.76 8.49
CA THR B 55 1.66 13.23 9.81
C THR B 55 0.75 12.08 10.19
N LEU B 56 1.30 11.09 10.89
CA LEU B 56 0.52 9.93 11.33
C LEU B 56 -0.71 10.37 12.12
N SER B 57 -0.54 11.43 12.91
CA SER B 57 -1.63 11.96 13.72
C SER B 57 -2.80 12.43 12.85
N ASP B 58 -2.47 13.06 11.72
CA ASP B 58 -3.50 13.57 10.81
C ASP B 58 -4.42 12.44 10.34
N TYR B 59 -3.82 11.40 9.75
CA TYR B 59 -4.59 10.26 9.27
C TYR B 59 -5.16 9.47 10.44
N ASN B 60 -4.70 9.80 11.65
CA ASN B 60 -5.17 9.12 12.85
C ASN B 60 -4.81 7.63 12.80
N ILE B 61 -3.63 7.35 12.26
CA ILE B 61 -3.16 5.98 12.14
C ILE B 61 -2.91 5.36 13.51
N GLN B 62 -3.51 4.21 13.76
CA GLN B 62 -3.36 3.51 15.03
C GLN B 62 -1.94 3.00 15.18
N LYS B 63 -1.53 2.74 16.42
CA LYS B 63 -0.19 2.25 16.68
C LYS B 63 -0.01 0.82 16.13
N GLU B 64 1.14 0.60 15.49
CA GLU B 64 1.45 -0.70 14.90
C GLU B 64 0.45 -1.09 13.81
N SER B 65 0.09 -0.12 12.97
CA SER B 65 -0.84 -0.37 11.88
C SER B 65 -0.15 -1.09 10.73
N THR B 66 -0.89 -1.99 10.08
CA THR B 66 -0.35 -2.77 8.96
C THR B 66 -0.45 -1.98 7.65
N LEU B 67 0.56 -1.15 7.38
CA LEU B 67 0.59 -0.36 6.16
C LEU B 67 1.20 -1.15 5.01
N HIS B 68 0.48 -1.22 3.91
CA HIS B 68 0.94 -1.94 2.73
C HIS B 68 1.99 -1.14 1.96
N LEU B 69 2.82 -1.85 1.19
CA LEU B 69 3.86 -1.21 0.40
C LEU B 69 4.03 -1.91 -0.95
N VAL B 70 3.31 -1.43 -1.95
CA VAL B 70 3.38 -2.01 -3.29
C VAL B 70 4.66 -1.60 -4.01
N LEU B 71 5.30 -2.57 -4.66
CA LEU B 71 6.53 -2.32 -5.39
C LEU B 71 6.27 -2.21 -6.88
N ARG B 72 6.71 -1.11 -7.49
CA ARG B 72 6.52 -0.91 -8.92
C ARG B 72 7.49 -1.77 -9.73
N LEU B 73 6.98 -2.44 -10.75
CA LEU B 73 7.81 -3.29 -11.59
C LEU B 73 8.84 -2.47 -12.34
N ARG B 74 10.09 -2.94 -12.33
CA ARG B 74 11.17 -2.27 -13.01
C ARG B 74 10.98 -2.29 -14.53
N GLY B 75 11.23 -1.15 -15.17
CA GLY B 75 11.08 -1.07 -16.61
C GLY B 75 9.65 -1.30 -17.06
N GLY B 76 9.48 -2.17 -18.05
CA GLY B 76 8.15 -2.46 -18.56
C GLY B 76 7.49 -1.27 -19.19
N ASN A 1 2.39 -17.18 -13.14
CA ASN A 1 1.14 -17.70 -12.60
C ASN A 1 1.41 -18.72 -11.48
N ASP A 2 0.72 -18.55 -10.35
CA ASP A 2 0.88 -19.44 -9.21
C ASP A 2 -0.36 -19.38 -8.32
N ASP A 3 -0.81 -18.16 -8.02
CA ASP A 3 -1.99 -17.96 -7.18
C ASP A 3 -2.37 -16.48 -7.11
N HIS A 4 -3.42 -16.11 -7.84
CA HIS A 4 -3.87 -14.72 -7.84
C HIS A 4 -4.58 -14.41 -6.52
N GLU A 5 -5.13 -15.47 -5.90
CA GLU A 5 -5.83 -15.33 -4.64
C GLU A 5 -4.95 -14.61 -3.62
N SER A 6 -3.66 -14.93 -3.65
CA SER A 6 -2.70 -14.31 -2.76
C SER A 6 -2.69 -12.80 -3.00
N LYS A 7 -2.56 -12.42 -4.26
CA LYS A 7 -2.57 -11.02 -4.65
C LYS A 7 -3.88 -10.39 -4.22
N LEU A 8 -4.96 -11.15 -4.37
CA LEU A 8 -6.29 -10.70 -3.99
C LEU A 8 -6.32 -10.45 -2.49
N SER A 9 -5.60 -11.29 -1.74
CA SER A 9 -5.53 -11.15 -0.29
C SER A 9 -4.95 -9.77 0.04
N ILE A 10 -3.87 -9.42 -0.66
CA ILE A 10 -3.25 -8.11 -0.47
C ILE A 10 -4.27 -7.03 -0.74
N LEU A 11 -5.09 -7.24 -1.78
CA LEU A 11 -6.11 -6.28 -2.16
C LEU A 11 -7.10 -6.03 -1.01
N MET A 12 -7.56 -7.11 -0.40
CA MET A 12 -8.52 -6.99 0.70
C MET A 12 -7.95 -6.19 1.86
N ASP A 13 -6.75 -6.56 2.31
CA ASP A 13 -6.11 -5.88 3.43
C ASP A 13 -5.72 -4.46 3.05
N MET A 14 -5.21 -4.28 1.84
CA MET A 14 -4.79 -2.97 1.37
C MET A 14 -5.94 -1.97 1.37
N PHE A 15 -7.08 -2.38 0.82
CA PHE A 15 -8.25 -1.52 0.75
C PHE A 15 -9.30 -1.94 1.79
N PRO A 16 -9.26 -1.35 3.00
CA PRO A 16 -10.21 -1.67 4.07
C PRO A 16 -11.56 -0.99 3.85
N ALA A 17 -12.21 -1.29 2.73
CA ALA A 17 -13.50 -0.70 2.42
C ALA A 17 -14.20 -1.44 1.28
N ILE A 18 -13.46 -1.67 0.22
CA ILE A 18 -13.99 -2.35 -0.95
C ILE A 18 -14.19 -3.84 -0.71
N SER A 19 -15.34 -4.34 -1.15
CA SER A 19 -15.69 -5.76 -0.98
C SER A 19 -14.70 -6.66 -1.72
N LYS A 20 -14.47 -7.85 -1.16
CA LYS A 20 -13.56 -8.82 -1.77
C LYS A 20 -13.97 -9.15 -3.19
N SER A 21 -15.28 -9.26 -3.41
CA SER A 21 -15.82 -9.59 -4.73
C SER A 21 -15.34 -8.59 -5.79
N LYS A 22 -15.45 -7.31 -5.49
CA LYS A 22 -15.04 -6.26 -6.42
C LYS A 22 -13.55 -6.38 -6.75
N LEU A 23 -12.72 -6.52 -5.72
CA LEU A 23 -11.29 -6.64 -5.90
C LEU A 23 -10.96 -7.84 -6.79
N GLN A 24 -11.71 -8.92 -6.60
CA GLN A 24 -11.52 -10.13 -7.39
C GLN A 24 -11.81 -9.86 -8.87
N VAL A 25 -12.87 -9.12 -9.14
CA VAL A 25 -13.25 -8.78 -10.50
C VAL A 25 -12.16 -8.00 -11.20
N HIS A 26 -11.63 -6.97 -10.53
CA HIS A 26 -10.57 -6.14 -11.10
C HIS A 26 -9.33 -6.98 -11.41
N LEU A 27 -8.97 -7.85 -10.47
CA LEU A 27 -7.80 -8.70 -10.63
C LEU A 27 -7.96 -9.61 -11.85
N LEU A 28 -9.17 -10.14 -12.03
CA LEU A 28 -9.45 -11.02 -13.16
C LEU A 28 -9.34 -10.28 -14.49
N GLU A 29 -9.91 -9.08 -14.56
CA GLU A 29 -9.88 -8.29 -15.78
C GLU A 29 -8.44 -8.01 -16.21
N ASN A 30 -7.64 -7.49 -15.29
CA ASN A 30 -6.25 -7.18 -15.57
C ASN A 30 -5.37 -8.42 -15.42
N ASN A 31 -5.95 -9.59 -15.72
CA ASN A 31 -5.24 -10.86 -15.63
C ASN A 31 -4.87 -11.18 -14.18
N ASN A 32 -3.88 -10.47 -13.65
CA ASN A 32 -3.44 -10.66 -12.28
C ASN A 32 -2.33 -9.67 -11.93
N ASP A 33 -2.38 -8.49 -12.54
CA ASP A 33 -1.38 -7.45 -12.29
C ASP A 33 -1.78 -6.61 -11.08
N LEU A 34 -0.85 -6.46 -10.14
CA LEU A 34 -1.09 -5.68 -8.93
C LEU A 34 -0.94 -4.19 -9.19
N ASP A 35 0.19 -3.80 -9.74
CA ASP A 35 0.45 -2.39 -10.02
C ASP A 35 -0.66 -1.79 -10.89
N LEU A 36 -1.12 -2.55 -11.88
CA LEU A 36 -2.18 -2.08 -12.77
C LEU A 36 -3.50 -1.97 -12.03
N THR A 37 -4.02 -3.12 -11.60
CA THR A 37 -5.29 -3.17 -10.88
C THR A 37 -5.30 -2.19 -9.72
N ILE A 38 -4.36 -2.36 -8.79
CA ILE A 38 -4.25 -1.49 -7.64
C ILE A 38 -4.10 -0.04 -8.08
N GLY A 39 -3.36 0.17 -9.17
CA GLY A 39 -3.16 1.52 -9.68
C GLY A 39 -4.47 2.24 -9.87
N LEU A 40 -5.41 1.59 -10.55
CA LEU A 40 -6.73 2.17 -10.78
C LEU A 40 -7.49 2.31 -9.46
N LEU A 41 -7.33 1.32 -8.58
CA LEU A 41 -8.00 1.34 -7.29
C LEU A 41 -7.64 2.58 -6.48
N LEU A 42 -6.36 2.97 -6.51
CA LEU A 42 -5.90 4.15 -5.79
C LEU A 42 -6.71 5.36 -6.21
N LYS A 43 -6.83 5.56 -7.51
CA LYS A 43 -7.59 6.68 -8.05
C LYS A 43 -9.07 6.33 -8.10
N GLU A 44 -9.57 5.70 -7.04
CA GLU A 44 -10.97 5.31 -6.97
C GLU A 44 -11.88 6.52 -7.19
N ASN A 45 -11.52 7.62 -6.55
CA ASN A 45 -12.28 8.86 -6.68
C ASN A 45 -12.12 9.46 -8.07
N ASP A 46 -12.10 10.79 -8.15
CA ASP A 46 -11.93 11.49 -9.42
C ASP A 46 -13.01 11.04 -10.43
N ASP A 47 -12.58 10.52 -11.58
CA ASP A 47 -13.50 10.05 -12.61
C ASP A 47 -14.34 11.21 -13.16
N LYS A 48 -14.23 11.45 -14.47
CA LYS A 48 -14.97 12.52 -15.12
C LYS A 48 -16.27 11.99 -15.71
N SER A 49 -17.35 12.75 -15.53
CA SER A 49 -18.65 12.36 -16.05
C SER A 49 -18.63 12.22 -17.57
N MET B 1 5.28 2.07 19.92
CA MET B 1 4.51 2.11 18.65
C MET B 1 5.38 1.75 17.45
N GLN B 2 4.81 0.96 16.54
CA GLN B 2 5.53 0.54 15.34
C GLN B 2 4.57 0.42 14.15
N ILE B 3 5.10 0.00 13.01
CA ILE B 3 4.29 -0.16 11.81
C ILE B 3 4.83 -1.30 10.94
N PHE B 4 3.93 -2.20 10.53
CA PHE B 4 4.32 -3.34 9.70
C PHE B 4 4.28 -2.99 8.21
N VAL B 5 5.43 -3.07 7.55
CA VAL B 5 5.52 -2.78 6.13
C VAL B 5 5.36 -4.07 5.32
N LYS B 6 4.13 -4.32 4.86
CA LYS B 6 3.84 -5.53 4.09
C LYS B 6 4.01 -5.29 2.59
N THR B 7 4.76 -6.18 1.94
CA THR B 7 4.98 -6.09 0.51
C THR B 7 3.96 -6.93 -0.24
N LEU B 8 3.59 -6.50 -1.45
CA LEU B 8 2.62 -7.23 -2.25
C LEU B 8 2.99 -8.71 -2.35
N THR B 9 4.28 -8.98 -2.48
CA THR B 9 4.76 -10.36 -2.60
C THR B 9 4.40 -11.18 -1.38
N GLY B 10 4.84 -10.73 -0.20
CA GLY B 10 4.56 -11.44 1.02
C GLY B 10 5.66 -11.30 2.05
N LYS B 11 6.05 -10.07 2.35
CA LYS B 11 7.11 -9.82 3.32
C LYS B 11 6.77 -8.64 4.23
N THR B 12 6.82 -8.87 5.53
CA THR B 12 6.52 -7.83 6.51
C THR B 12 7.79 -7.28 7.13
N ILE B 13 7.83 -5.95 7.30
CA ILE B 13 8.98 -5.29 7.90
C ILE B 13 8.54 -4.24 8.90
N THR B 14 8.45 -4.66 10.16
CA THR B 14 8.02 -3.76 11.23
C THR B 14 9.11 -2.75 11.57
N LEU B 15 8.69 -1.53 11.89
CA LEU B 15 9.61 -0.46 12.24
C LEU B 15 9.00 0.44 13.30
N GLU B 16 9.79 0.81 14.30
CA GLU B 16 9.32 1.66 15.39
C GLU B 16 9.21 3.11 14.94
N VAL B 17 8.07 3.73 15.24
CA VAL B 17 7.83 5.12 14.87
C VAL B 17 6.86 5.80 15.85
N GLU B 18 7.21 7.01 16.24
CA GLU B 18 6.38 7.79 17.16
C GLU B 18 5.09 8.23 16.48
N SER B 19 4.02 8.36 17.26
CA SER B 19 2.73 8.79 16.74
C SER B 19 2.88 10.11 15.98
N SER B 20 3.68 11.01 16.54
CA SER B 20 3.91 12.31 15.92
C SER B 20 4.98 12.23 14.83
N ASP B 21 4.82 11.27 13.92
CA ASP B 21 5.75 11.08 12.83
C ASP B 21 5.05 11.23 11.50
N THR B 22 5.55 12.13 10.67
CA THR B 22 4.96 12.39 9.36
C THR B 22 5.20 11.24 8.40
N ILE B 23 4.21 10.97 7.55
CA ILE B 23 4.30 9.89 6.57
C ILE B 23 5.58 10.03 5.75
N ASP B 24 5.90 11.26 5.37
CA ASP B 24 7.10 11.54 4.58
C ASP B 24 8.34 10.98 5.28
N ASN B 25 8.43 11.22 6.58
CA ASN B 25 9.56 10.73 7.36
C ASN B 25 9.66 9.22 7.24
N VAL B 26 8.50 8.57 7.32
CA VAL B 26 8.43 7.12 7.20
C VAL B 26 8.99 6.68 5.85
N LYS B 27 8.68 7.46 4.82
CA LYS B 27 9.16 7.18 3.47
C LYS B 27 10.68 7.17 3.45
N SER B 28 11.28 8.16 4.10
CA SER B 28 12.73 8.28 4.16
C SER B 28 13.33 7.04 4.82
N LYS B 29 12.75 6.63 5.94
CA LYS B 29 13.24 5.45 6.66
C LYS B 29 13.17 4.22 5.77
N ILE B 30 12.06 4.06 5.04
CA ILE B 30 11.91 2.93 4.14
C ILE B 30 13.03 2.93 3.12
N GLN B 31 13.38 4.12 2.62
CA GLN B 31 14.45 4.25 1.65
C GLN B 31 15.75 3.71 2.24
N ASP B 32 16.03 4.11 3.47
CA ASP B 32 17.23 3.66 4.16
C ASP B 32 17.22 2.15 4.36
N LYS B 33 16.03 1.61 4.61
CA LYS B 33 15.87 0.17 4.85
C LYS B 33 16.12 -0.65 3.59
N GLU B 34 15.18 -0.59 2.65
CA GLU B 34 15.27 -1.35 1.40
C GLU B 34 16.18 -0.68 0.37
N GLY B 35 16.11 0.64 0.29
CA GLY B 35 16.93 1.36 -0.68
C GLY B 35 16.26 1.41 -2.04
N ILE B 36 14.93 1.57 -2.04
CA ILE B 36 14.17 1.63 -3.28
C ILE B 36 13.80 3.07 -3.62
N PRO B 37 14.00 3.49 -4.89
CA PRO B 37 13.68 4.85 -5.34
C PRO B 37 12.25 5.26 -4.98
N PRO B 38 12.05 6.52 -4.58
CA PRO B 38 10.73 7.04 -4.21
C PRO B 38 9.69 6.86 -5.30
N ASP B 39 10.07 7.14 -6.55
CA ASP B 39 9.17 7.01 -7.68
C ASP B 39 8.67 5.57 -7.81
N GLN B 40 9.59 4.62 -7.67
CA GLN B 40 9.25 3.20 -7.77
C GLN B 40 8.37 2.75 -6.61
N GLN B 41 8.86 2.92 -5.39
CA GLN B 41 8.11 2.52 -4.20
C GLN B 41 6.89 3.40 -3.97
N ARG B 42 5.78 2.78 -3.57
CA ARG B 42 4.55 3.49 -3.29
C ARG B 42 3.80 2.85 -2.14
N LEU B 43 3.76 3.55 -1.01
CA LEU B 43 3.09 3.03 0.19
C LEU B 43 1.59 3.32 0.15
N ILE B 44 0.81 2.26 -0.02
CA ILE B 44 -0.65 2.36 -0.07
C ILE B 44 -1.26 2.03 1.28
N PHE B 45 -2.32 2.75 1.64
CA PHE B 45 -3.01 2.53 2.90
C PHE B 45 -4.40 3.18 2.87
N ALA B 46 -5.35 2.55 3.56
CA ALA B 46 -6.72 3.03 3.63
C ALA B 46 -7.44 2.88 2.29
N GLY B 47 -6.69 3.00 1.20
CA GLY B 47 -7.27 2.87 -0.12
C GLY B 47 -6.36 3.43 -1.20
N LYS B 48 -5.37 4.23 -0.80
CA LYS B 48 -4.44 4.83 -1.74
C LYS B 48 -3.15 5.26 -1.04
N GLN B 49 -2.12 5.52 -1.85
CA GLN B 49 -0.83 5.95 -1.32
C GLN B 49 -0.97 7.13 -0.38
N LEU B 50 -0.29 7.07 0.76
CA LEU B 50 -0.35 8.14 1.75
C LEU B 50 0.38 9.38 1.26
N GLU B 51 -0.24 10.54 1.47
CA GLU B 51 0.35 11.80 1.05
C GLU B 51 1.55 12.15 1.93
N ASP B 52 2.65 12.53 1.30
CA ASP B 52 3.86 12.89 2.03
C ASP B 52 3.65 14.17 2.83
N GLY B 53 4.24 14.21 4.02
CA GLY B 53 4.11 15.38 4.87
C GLY B 53 2.97 15.27 5.87
N ARG B 54 1.92 14.56 5.48
CA ARG B 54 0.75 14.39 6.36
C ARG B 54 1.12 13.59 7.60
N THR B 55 0.65 14.06 8.76
CA THR B 55 0.92 13.40 10.02
C THR B 55 0.05 12.15 10.20
N LEU B 56 0.56 11.18 10.95
CA LEU B 56 -0.18 9.94 11.20
C LEU B 56 -1.57 10.22 11.74
N SER B 57 -1.66 11.21 12.63
CA SER B 57 -2.94 11.60 13.22
C SER B 57 -3.98 11.92 12.16
N ASP B 58 -3.52 12.47 11.04
CA ASP B 58 -4.41 12.84 9.94
C ASP B 58 -5.24 11.65 9.47
N TYR B 59 -4.57 10.55 9.14
CA TYR B 59 -5.26 9.35 8.67
C TYR B 59 -5.75 8.51 9.86
N ASN B 60 -5.78 9.13 11.04
CA ASN B 60 -6.23 8.44 12.25
C ASN B 60 -5.52 7.10 12.40
N ILE B 61 -4.25 7.05 11.98
CA ILE B 61 -3.47 5.83 12.06
C ILE B 61 -3.09 5.52 13.51
N GLN B 62 -3.46 4.34 13.99
CA GLN B 62 -3.16 3.93 15.35
C GLN B 62 -1.74 3.35 15.43
N LYS B 63 -1.51 2.51 16.44
CA LYS B 63 -0.21 1.89 16.64
C LYS B 63 -0.17 0.48 16.05
N GLU B 64 1.01 0.10 15.58
CA GLU B 64 1.22 -1.22 14.99
C GLU B 64 0.33 -1.43 13.76
N SER B 65 0.23 -0.39 12.93
CA SER B 65 -0.58 -0.46 11.72
C SER B 65 0.09 -1.33 10.66
N THR B 66 -0.21 -1.06 9.40
CA THR B 66 0.38 -1.82 8.29
C THR B 66 0.24 -1.07 6.97
N LEU B 67 1.33 -0.98 6.23
CA LEU B 67 1.35 -0.29 4.94
C LEU B 67 1.77 -1.25 3.83
N HIS B 68 1.03 -1.24 2.72
CA HIS B 68 1.35 -2.11 1.60
C HIS B 68 2.24 -1.42 0.58
N LEU B 69 3.50 -1.85 0.51
CA LEU B 69 4.45 -1.29 -0.43
C LEU B 69 4.17 -1.81 -1.83
N VAL B 70 4.24 -0.92 -2.82
CA VAL B 70 3.99 -1.30 -4.20
C VAL B 70 4.94 -0.60 -5.17
N LEU B 71 5.57 -1.38 -6.04
CA LEU B 71 6.51 -0.85 -7.01
C LEU B 71 5.79 -0.38 -8.27
N ARG B 72 6.25 0.73 -8.83
CA ARG B 72 5.64 1.29 -10.03
C ARG B 72 5.78 0.32 -11.20
N LEU B 73 7.00 0.20 -11.71
CA LEU B 73 7.29 -0.70 -12.82
C LEU B 73 7.49 -2.12 -12.32
N ARG B 74 6.92 -3.09 -13.04
CA ARG B 74 7.04 -4.49 -12.67
C ARG B 74 6.49 -4.73 -11.26
N GLY B 75 7.37 -5.07 -10.32
CA GLY B 75 6.93 -5.32 -8.96
C GLY B 75 6.07 -6.56 -8.84
N GLY B 76 6.49 -7.63 -9.49
CA GLY B 76 5.75 -8.87 -9.45
C GLY B 76 6.38 -9.96 -10.30
N ASN A 1 -0.68 -24.56 -10.76
CA ASN A 1 -1.19 -23.65 -11.79
C ASN A 1 -2.05 -22.56 -11.16
N ASP A 2 -1.87 -21.33 -11.64
CA ASP A 2 -2.62 -20.18 -11.13
C ASP A 2 -2.29 -19.90 -9.67
N ASP A 3 -2.17 -18.62 -9.33
CA ASP A 3 -1.85 -18.22 -7.97
C ASP A 3 -2.07 -16.73 -7.77
N HIS A 4 -3.15 -16.22 -8.33
CA HIS A 4 -3.48 -14.81 -8.21
C HIS A 4 -4.16 -14.54 -6.87
N GLU A 5 -4.77 -15.59 -6.30
CA GLU A 5 -5.48 -15.49 -5.04
C GLU A 5 -4.61 -14.79 -3.99
N SER A 6 -3.31 -15.03 -4.05
CA SER A 6 -2.39 -14.37 -3.12
C SER A 6 -2.53 -12.87 -3.26
N LYS A 7 -2.47 -12.41 -4.51
CA LYS A 7 -2.63 -11.00 -4.82
C LYS A 7 -3.99 -10.52 -4.32
N LEU A 8 -4.99 -11.38 -4.49
CA LEU A 8 -6.34 -11.08 -4.05
C LEU A 8 -6.35 -10.86 -2.54
N SER A 9 -5.57 -11.67 -1.83
CA SER A 9 -5.46 -11.55 -0.39
C SER A 9 -4.98 -10.16 -0.02
N ILE A 10 -3.91 -9.72 -0.69
CA ILE A 10 -3.37 -8.39 -0.45
C ILE A 10 -4.45 -7.32 -0.68
N LEU A 11 -5.25 -7.53 -1.72
CA LEU A 11 -6.32 -6.58 -2.04
C LEU A 11 -7.32 -6.48 -0.89
N MET A 12 -7.65 -7.62 -0.30
CA MET A 12 -8.60 -7.66 0.82
C MET A 12 -8.08 -6.88 2.01
N ASP A 13 -6.85 -7.15 2.43
CA ASP A 13 -6.25 -6.48 3.57
C ASP A 13 -6.00 -4.99 3.29
N MET A 14 -5.47 -4.70 2.10
CA MET A 14 -5.17 -3.32 1.72
C MET A 14 -6.44 -2.47 1.74
N PHE A 15 -7.49 -2.95 1.08
CA PHE A 15 -8.76 -2.22 1.02
C PHE A 15 -9.76 -2.82 2.01
N PRO A 16 -9.90 -2.22 3.20
CA PRO A 16 -10.83 -2.71 4.23
C PRO A 16 -12.27 -2.28 3.98
N ALA A 17 -12.77 -2.51 2.77
CA ALA A 17 -14.13 -2.14 2.43
C ALA A 17 -14.58 -2.79 1.11
N ILE A 18 -13.70 -2.77 0.11
CA ILE A 18 -14.01 -3.35 -1.19
C ILE A 18 -14.35 -4.83 -1.08
N SER A 19 -15.43 -5.24 -1.74
CA SER A 19 -15.85 -6.63 -1.72
C SER A 19 -14.84 -7.53 -2.41
N LYS A 20 -14.68 -8.75 -1.88
CA LYS A 20 -13.73 -9.71 -2.45
C LYS A 20 -14.01 -9.94 -3.93
N SER A 21 -15.29 -10.12 -4.26
CA SER A 21 -15.69 -10.35 -5.65
C SER A 21 -15.22 -9.23 -6.56
N LYS A 22 -15.39 -7.99 -6.11
CA LYS A 22 -14.98 -6.84 -6.90
C LYS A 22 -13.47 -6.85 -7.15
N LEU A 23 -12.70 -7.06 -6.09
CA LEU A 23 -11.24 -7.11 -6.20
C LEU A 23 -10.80 -8.17 -7.21
N GLN A 24 -11.46 -9.32 -7.17
CA GLN A 24 -11.15 -10.41 -8.08
C GLN A 24 -11.41 -10.00 -9.53
N VAL A 25 -12.53 -9.33 -9.75
CA VAL A 25 -12.91 -8.87 -11.08
C VAL A 25 -11.85 -7.96 -11.68
N HIS A 26 -11.46 -6.93 -10.92
CA HIS A 26 -10.45 -5.98 -11.37
C HIS A 26 -9.13 -6.68 -11.62
N LEU A 27 -8.78 -7.60 -10.74
CA LEU A 27 -7.53 -8.34 -10.86
C LEU A 27 -7.49 -9.13 -12.16
N LEU A 28 -8.60 -9.79 -12.49
CA LEU A 28 -8.68 -10.59 -13.72
C LEU A 28 -8.52 -9.72 -14.96
N GLU A 29 -9.24 -8.61 -15.00
CA GLU A 29 -9.20 -7.70 -16.15
C GLU A 29 -7.82 -7.06 -16.31
N ASN A 30 -7.23 -6.62 -15.19
CA ASN A 30 -5.93 -5.97 -15.23
C ASN A 30 -4.78 -6.96 -15.38
N ASN A 31 -5.03 -8.04 -16.12
CA ASN A 31 -4.00 -9.06 -16.36
C ASN A 31 -3.28 -9.46 -15.07
N ASN A 32 -4.02 -9.52 -13.98
CA ASN A 32 -3.46 -9.89 -12.68
C ASN A 32 -2.32 -8.95 -12.26
N ASP A 33 -2.51 -7.65 -12.46
CA ASP A 33 -1.50 -6.66 -12.08
C ASP A 33 -1.89 -5.95 -10.79
N LEU A 34 -0.98 -5.92 -9.83
CA LEU A 34 -1.22 -5.28 -8.54
C LEU A 34 -1.06 -3.77 -8.64
N ASP A 35 0.05 -3.33 -9.23
CA ASP A 35 0.33 -1.90 -9.36
C ASP A 35 -0.72 -1.19 -10.20
N LEU A 36 -1.19 -1.85 -11.27
CA LEU A 36 -2.19 -1.26 -12.15
C LEU A 36 -3.56 -1.21 -11.48
N THR A 37 -4.04 -2.37 -11.01
CA THR A 37 -5.34 -2.45 -10.36
C THR A 37 -5.39 -1.53 -9.13
N ILE A 38 -4.49 -1.77 -8.19
CA ILE A 38 -4.44 -0.98 -6.98
C ILE A 38 -4.17 0.49 -7.28
N GLY A 39 -3.26 0.74 -8.22
CA GLY A 39 -2.94 2.10 -8.59
C GLY A 39 -4.18 2.91 -8.93
N LEU A 40 -5.06 2.30 -9.72
CA LEU A 40 -6.30 2.96 -10.11
C LEU A 40 -7.22 3.10 -8.90
N LEU A 41 -7.26 2.07 -8.07
CA LEU A 41 -8.09 2.06 -6.87
C LEU A 41 -7.69 3.18 -5.91
N LEU A 42 -6.43 3.57 -5.92
CA LEU A 42 -5.95 4.62 -5.03
C LEU A 42 -6.62 5.96 -5.33
N LYS A 43 -6.69 6.31 -6.62
CA LYS A 43 -7.29 7.57 -7.05
C LYS A 43 -8.82 7.52 -7.03
N GLU A 44 -9.39 6.72 -6.14
CA GLU A 44 -10.84 6.61 -6.02
C GLU A 44 -11.38 7.67 -5.09
N ASN A 45 -10.70 7.87 -3.96
CA ASN A 45 -11.11 8.86 -2.98
C ASN A 45 -10.67 10.27 -3.41
N ASP A 46 -10.91 10.59 -4.68
CA ASP A 46 -10.55 11.89 -5.21
C ASP A 46 -11.17 13.02 -4.39
N ASP A 47 -10.40 14.07 -4.16
CA ASP A 47 -10.88 15.22 -3.38
C ASP A 47 -11.79 16.11 -4.22
N LYS A 48 -12.70 15.49 -4.97
CA LYS A 48 -13.63 16.23 -5.81
C LYS A 48 -14.56 17.11 -4.96
N SER A 49 -14.74 18.35 -5.40
CA SER A 49 -15.60 19.29 -4.68
C SER A 49 -17.04 18.77 -4.63
N MET B 1 5.73 3.91 19.54
CA MET B 1 4.76 3.66 18.44
C MET B 1 5.48 3.11 17.20
N GLN B 2 4.93 2.04 16.64
CA GLN B 2 5.51 1.41 15.47
C GLN B 2 4.48 1.30 14.35
N ILE B 3 4.95 1.00 13.15
CA ILE B 3 4.08 0.86 12.00
C ILE B 3 4.56 -0.26 11.08
N PHE B 4 3.63 -1.12 10.68
CA PHE B 4 3.93 -2.25 9.82
C PHE B 4 3.98 -1.85 8.35
N VAL B 5 4.80 -2.56 7.59
CA VAL B 5 4.96 -2.28 6.15
C VAL B 5 4.98 -3.58 5.36
N LYS B 6 3.81 -4.15 5.13
CA LYS B 6 3.68 -5.40 4.38
C LYS B 6 3.77 -5.19 2.88
N THR B 7 4.80 -5.75 2.26
CA THR B 7 4.98 -5.62 0.82
C THR B 7 4.08 -6.61 0.08
N LEU B 8 3.54 -6.18 -1.05
CA LEU B 8 2.64 -7.02 -1.85
C LEU B 8 3.23 -8.41 -2.10
N THR B 9 4.56 -8.47 -2.25
CA THR B 9 5.24 -9.74 -2.51
C THR B 9 4.84 -10.81 -1.50
N GLY B 10 5.01 -10.49 -0.21
CA GLY B 10 4.66 -11.44 0.84
C GLY B 10 5.60 -11.39 2.02
N LYS B 11 5.76 -10.20 2.60
CA LYS B 11 6.64 -10.04 3.76
C LYS B 11 6.35 -8.74 4.49
N THR B 12 5.94 -8.86 5.75
CA THR B 12 5.62 -7.70 6.56
C THR B 12 6.88 -7.14 7.22
N ILE B 13 7.06 -5.83 7.17
CA ILE B 13 8.22 -5.19 7.76
C ILE B 13 7.82 -4.11 8.77
N THR B 14 8.06 -4.40 10.05
CA THR B 14 7.74 -3.44 11.10
C THR B 14 8.85 -2.42 11.26
N LEU B 15 8.49 -1.18 11.60
CA LEU B 15 9.47 -0.12 11.77
C LEU B 15 9.07 0.85 12.86
N GLU B 16 10.06 1.35 13.60
CA GLU B 16 9.81 2.32 14.66
C GLU B 16 9.50 3.68 14.05
N VAL B 17 8.36 4.24 14.42
CA VAL B 17 7.93 5.53 13.88
C VAL B 17 7.08 6.32 14.87
N GLU B 18 7.40 7.59 15.04
CA GLU B 18 6.68 8.46 15.95
C GLU B 18 5.25 8.69 15.46
N SER B 19 4.32 8.74 16.41
CA SER B 19 2.92 8.97 16.08
C SER B 19 2.79 10.31 15.37
N SER B 20 3.67 11.25 15.72
CA SER B 20 3.66 12.58 15.11
C SER B 20 4.75 12.70 14.06
N ASP B 21 5.07 11.59 13.41
CA ASP B 21 6.10 11.57 12.37
C ASP B 21 5.54 12.12 11.05
N THR B 22 5.72 11.37 9.96
CA THR B 22 5.24 11.78 8.66
C THR B 22 5.48 10.68 7.62
N ILE B 23 4.51 10.49 6.73
CA ILE B 23 4.61 9.47 5.70
C ILE B 23 5.93 9.60 4.93
N ASP B 24 6.34 10.85 4.69
CA ASP B 24 7.58 11.12 3.96
C ASP B 24 8.77 10.48 4.67
N ASN B 25 8.86 10.67 5.98
CA ASN B 25 9.95 10.10 6.76
C ASN B 25 9.97 8.58 6.64
N VAL B 26 8.80 7.96 6.71
CA VAL B 26 8.68 6.52 6.60
C VAL B 26 9.26 6.02 5.29
N LYS B 27 8.89 6.67 4.19
CA LYS B 27 9.38 6.30 2.87
C LYS B 27 10.89 6.44 2.82
N SER B 28 11.41 7.51 3.40
CA SER B 28 12.84 7.77 3.43
C SER B 28 13.58 6.61 4.09
N LYS B 29 13.04 6.16 5.22
CA LYS B 29 13.64 5.05 5.96
C LYS B 29 13.63 3.79 5.11
N ILE B 30 12.53 3.57 4.40
CA ILE B 30 12.41 2.40 3.53
C ILE B 30 13.49 2.39 2.47
N GLN B 31 13.74 3.56 1.89
CA GLN B 31 14.77 3.71 0.87
C GLN B 31 16.14 3.37 1.44
N ASP B 32 16.48 3.98 2.56
CA ASP B 32 17.76 3.75 3.21
C ASP B 32 17.93 2.30 3.62
N LYS B 33 16.84 1.69 4.08
CA LYS B 33 16.84 0.31 4.52
C LYS B 33 16.91 -0.67 3.35
N GLU B 34 15.78 -0.86 2.68
CA GLU B 34 15.70 -1.80 1.55
C GLU B 34 16.49 -1.31 0.34
N GLY B 35 16.51 -0.01 0.10
CA GLY B 35 17.23 0.53 -1.04
C GLY B 35 16.47 0.33 -2.33
N ILE B 36 15.15 0.48 -2.25
CA ILE B 36 14.28 0.33 -3.43
C ILE B 36 14.06 1.67 -4.11
N PRO B 37 14.17 1.73 -5.44
CA PRO B 37 13.98 2.96 -6.21
C PRO B 37 12.67 3.65 -5.85
N PRO B 38 12.69 4.98 -5.62
CA PRO B 38 11.49 5.74 -5.28
C PRO B 38 10.40 5.58 -6.33
N ASP B 39 10.81 5.59 -7.60
CA ASP B 39 9.88 5.44 -8.71
C ASP B 39 9.50 3.98 -8.91
N GLN B 40 9.43 3.23 -7.81
CA GLN B 40 9.07 1.82 -7.88
C GLN B 40 8.61 1.31 -6.51
N GLN B 41 7.99 2.21 -5.74
CA GLN B 41 7.50 1.85 -4.40
C GLN B 41 6.55 2.92 -3.88
N ARG B 42 5.48 2.49 -3.23
CA ARG B 42 4.49 3.41 -2.69
C ARG B 42 3.74 2.79 -1.51
N LEU B 43 3.59 3.56 -0.44
CA LEU B 43 2.88 3.12 0.75
C LEU B 43 1.39 3.37 0.62
N ILE B 44 0.60 2.32 0.81
CA ILE B 44 -0.85 2.43 0.71
C ILE B 44 -1.53 2.08 2.04
N PHE B 45 -2.57 2.84 2.35
CA PHE B 45 -3.33 2.64 3.57
C PHE B 45 -4.72 3.23 3.42
N ALA B 46 -5.69 2.66 4.11
CA ALA B 46 -7.07 3.14 4.03
C ALA B 46 -7.55 3.13 2.59
N GLY B 47 -7.03 2.18 1.82
CA GLY B 47 -7.41 2.04 0.43
C GLY B 47 -6.92 3.19 -0.45
N LYS B 48 -5.76 3.75 -0.12
CA LYS B 48 -5.21 4.85 -0.91
C LYS B 48 -3.80 5.23 -0.45
N GLN B 49 -2.94 5.56 -1.41
CA GLN B 49 -1.56 5.95 -1.13
C GLN B 49 -1.53 7.14 -0.17
N LEU B 50 -0.71 7.02 0.87
CA LEU B 50 -0.59 8.09 1.86
C LEU B 50 0.37 9.17 1.38
N GLU B 51 -0.07 10.43 1.45
CA GLU B 51 0.75 11.55 1.03
C GLU B 51 1.96 11.71 1.95
N ASP B 52 3.14 11.88 1.34
CA ASP B 52 4.36 12.04 2.12
C ASP B 52 4.29 13.27 3.02
N GLY B 53 3.75 14.36 2.49
CA GLY B 53 3.64 15.59 3.28
C GLY B 53 2.46 15.58 4.22
N ARG B 54 2.24 14.45 4.91
CA ARG B 54 1.13 14.32 5.84
C ARG B 54 1.50 13.42 7.01
N THR B 55 1.19 13.88 8.23
CA THR B 55 1.48 13.11 9.43
C THR B 55 0.51 11.95 9.59
N LEU B 56 0.94 10.91 10.30
CA LEU B 56 0.10 9.73 10.52
C LEU B 56 -1.26 10.13 11.09
N SER B 57 -1.25 11.08 12.02
CA SER B 57 -2.47 11.57 12.64
C SER B 57 -3.45 12.11 11.61
N ASP B 58 -2.92 12.68 10.52
CA ASP B 58 -3.76 13.24 9.47
C ASP B 58 -4.81 12.26 8.99
N TYR B 59 -4.36 11.08 8.55
CA TYR B 59 -5.29 10.05 8.08
C TYR B 59 -5.86 9.25 9.24
N ASN B 60 -5.92 9.87 10.42
CA ASN B 60 -6.45 9.22 11.60
C ASN B 60 -5.81 7.84 11.78
N ILE B 61 -4.55 7.72 11.38
CA ILE B 61 -3.83 6.46 11.49
C ILE B 61 -3.60 6.09 12.95
N GLN B 62 -4.01 4.88 13.32
CA GLN B 62 -3.85 4.40 14.68
C GLN B 62 -2.39 4.01 14.95
N LYS B 63 -2.19 2.90 15.65
CA LYS B 63 -0.85 2.43 15.97
C LYS B 63 -0.61 1.04 15.39
N GLU B 64 0.61 0.80 14.91
CA GLU B 64 0.96 -0.48 14.33
C GLU B 64 0.09 -0.78 13.10
N SER B 65 -0.15 0.25 12.31
CA SER B 65 -0.97 0.12 11.10
C SER B 65 -0.24 -0.71 10.05
N THR B 66 -0.99 -1.58 9.37
CA THR B 66 -0.43 -2.44 8.34
C THR B 66 -0.46 -1.76 6.97
N LEU B 67 0.59 -0.99 6.67
CA LEU B 67 0.68 -0.30 5.39
C LEU B 67 1.30 -1.22 4.34
N HIS B 68 0.69 -1.27 3.16
CA HIS B 68 1.19 -2.12 2.09
C HIS B 68 2.23 -1.41 1.22
N LEU B 69 3.43 -1.98 1.19
CA LEU B 69 4.53 -1.44 0.39
C LEU B 69 4.43 -1.92 -1.06
N VAL B 70 3.59 -1.25 -1.83
CA VAL B 70 3.39 -1.62 -3.23
C VAL B 70 4.61 -1.26 -4.09
N LEU B 71 5.17 -2.27 -4.74
CA LEU B 71 6.33 -2.07 -5.61
C LEU B 71 5.90 -2.01 -7.07
N ARG B 72 6.47 -1.07 -7.81
CA ARG B 72 6.15 -0.90 -9.23
C ARG B 72 6.65 -2.11 -10.03
N LEU B 73 7.73 -1.92 -10.79
CA LEU B 73 8.29 -2.99 -11.59
C LEU B 73 8.76 -4.13 -10.69
N ARG B 74 8.40 -5.35 -11.05
CA ARG B 74 8.78 -6.54 -10.27
C ARG B 74 10.28 -6.79 -10.35
N GLY B 75 10.67 -8.05 -10.57
CA GLY B 75 12.08 -8.38 -10.66
C GLY B 75 12.82 -8.16 -9.35
N GLY B 76 13.99 -7.55 -9.44
CA GLY B 76 14.77 -7.30 -8.24
C GLY B 76 16.08 -6.59 -8.54
N ASN A 1 3.06 -19.13 -12.63
CA ASN A 1 2.52 -17.96 -13.32
C ASN A 1 1.24 -17.48 -12.64
N ASP A 2 0.36 -18.43 -12.29
CA ASP A 2 -0.90 -18.11 -11.64
C ASP A 2 -0.64 -17.62 -10.21
N ASP A 3 -1.27 -18.27 -9.23
CA ASP A 3 -1.10 -17.90 -7.82
C ASP A 3 -1.52 -16.45 -7.59
N HIS A 4 -2.55 -16.01 -8.30
CA HIS A 4 -3.05 -14.65 -8.15
C HIS A 4 -3.71 -14.47 -6.79
N GLU A 5 -4.16 -15.59 -6.21
CA GLU A 5 -4.84 -15.55 -4.92
C GLU A 5 -4.04 -14.76 -3.90
N SER A 6 -2.70 -14.88 -3.97
CA SER A 6 -1.83 -14.14 -3.06
C SER A 6 -2.06 -12.65 -3.28
N LYS A 7 -2.11 -12.26 -4.55
CA LYS A 7 -2.35 -10.87 -4.93
C LYS A 7 -3.69 -10.45 -4.36
N LEU A 8 -4.66 -11.36 -4.41
CA LEU A 8 -6.00 -11.12 -3.91
C LEU A 8 -5.93 -10.82 -2.42
N SER A 9 -5.07 -11.55 -1.71
CA SER A 9 -4.90 -11.35 -0.27
C SER A 9 -4.46 -9.92 -0.01
N ILE A 10 -3.47 -9.46 -0.78
CA ILE A 10 -2.98 -8.10 -0.65
C ILE A 10 -4.12 -7.11 -0.87
N LEU A 11 -4.98 -7.40 -1.84
CA LEU A 11 -6.12 -6.54 -2.16
C LEU A 11 -7.05 -6.41 -0.96
N MET A 12 -7.30 -7.53 -0.28
CA MET A 12 -8.19 -7.55 0.89
C MET A 12 -7.64 -6.67 2.01
N ASP A 13 -6.40 -6.94 2.41
CA ASP A 13 -5.78 -6.18 3.49
C ASP A 13 -5.57 -4.72 3.11
N MET A 14 -5.09 -4.49 1.89
CA MET A 14 -4.84 -3.13 1.40
C MET A 14 -6.12 -2.31 1.38
N PHE A 15 -7.20 -2.91 0.87
CA PHE A 15 -8.49 -2.22 0.80
C PHE A 15 -9.46 -2.77 1.85
N PRO A 16 -9.47 -2.18 3.06
CA PRO A 16 -10.35 -2.63 4.14
C PRO A 16 -11.78 -2.11 3.97
N ALA A 17 -12.36 -2.34 2.79
CA ALA A 17 -13.72 -1.89 2.50
C ALA A 17 -14.26 -2.56 1.25
N ILE A 18 -13.42 -2.71 0.23
CA ILE A 18 -13.83 -3.32 -1.03
C ILE A 18 -14.24 -4.78 -0.82
N SER A 19 -15.38 -5.14 -1.39
CA SER A 19 -15.89 -6.51 -1.28
C SER A 19 -14.96 -7.50 -1.97
N LYS A 20 -14.86 -8.70 -1.41
CA LYS A 20 -14.02 -9.75 -1.97
C LYS A 20 -14.32 -9.97 -3.44
N SER A 21 -15.61 -9.98 -3.77
CA SER A 21 -16.05 -10.18 -5.14
C SER A 21 -15.48 -9.11 -6.07
N LYS A 22 -15.60 -7.85 -5.66
CA LYS A 22 -15.11 -6.73 -6.46
C LYS A 22 -13.61 -6.87 -6.72
N LEU A 23 -12.85 -7.26 -5.70
CA LEU A 23 -11.42 -7.43 -5.83
C LEU A 23 -11.09 -8.49 -6.88
N GLN A 24 -11.78 -9.62 -6.81
CA GLN A 24 -11.56 -10.71 -7.77
C GLN A 24 -11.94 -10.27 -9.19
N VAL A 25 -13.03 -9.52 -9.30
CA VAL A 25 -13.51 -9.05 -10.60
C VAL A 25 -12.52 -8.11 -11.28
N HIS A 26 -12.15 -7.02 -10.61
CA HIS A 26 -11.23 -6.06 -11.21
C HIS A 26 -9.88 -6.70 -11.51
N LEU A 27 -9.40 -7.52 -10.59
CA LEU A 27 -8.11 -8.19 -10.77
C LEU A 27 -8.10 -9.04 -12.04
N LEU A 28 -9.13 -9.85 -12.22
CA LEU A 28 -9.23 -10.72 -13.39
C LEU A 28 -9.43 -9.93 -14.68
N GLU A 29 -10.37 -8.98 -14.65
CA GLU A 29 -10.68 -8.17 -15.83
C GLU A 29 -9.43 -7.50 -16.40
N ASN A 30 -8.62 -6.91 -15.52
CA ASN A 30 -7.40 -6.24 -15.95
C ASN A 30 -6.42 -7.21 -16.57
N ASN A 31 -5.74 -7.99 -15.72
CA ASN A 31 -4.76 -8.98 -16.17
C ASN A 31 -4.01 -9.55 -14.98
N ASN A 32 -4.71 -9.71 -13.86
CA ASN A 32 -4.12 -10.24 -12.64
C ASN A 32 -2.90 -9.43 -12.22
N ASP A 33 -2.97 -8.12 -12.39
CA ASP A 33 -1.88 -7.23 -12.02
C ASP A 33 -2.25 -6.37 -10.81
N LEU A 34 -1.31 -6.21 -9.89
CA LEU A 34 -1.56 -5.43 -8.68
C LEU A 34 -1.30 -3.93 -8.89
N ASP A 35 -0.10 -3.58 -9.33
CA ASP A 35 0.26 -2.19 -9.54
C ASP A 35 -0.73 -1.46 -10.46
N LEU A 36 -1.13 -2.12 -11.54
CA LEU A 36 -2.05 -1.52 -12.51
C LEU A 36 -3.46 -1.36 -11.92
N THR A 37 -4.06 -2.49 -11.53
CA THR A 37 -5.41 -2.48 -10.98
C THR A 37 -5.49 -1.58 -9.74
N ILE A 38 -4.63 -1.86 -8.76
CA ILE A 38 -4.59 -1.08 -7.54
C ILE A 38 -4.35 0.40 -7.85
N GLY A 39 -3.43 0.66 -8.78
CA GLY A 39 -3.12 2.03 -9.15
C GLY A 39 -4.38 2.80 -9.52
N LEU A 40 -5.21 2.19 -10.35
CA LEU A 40 -6.46 2.81 -10.78
C LEU A 40 -7.42 2.94 -9.60
N LEU A 41 -7.44 1.91 -8.75
CA LEU A 41 -8.31 1.88 -7.58
C LEU A 41 -8.03 3.04 -6.62
N LEU A 42 -6.75 3.39 -6.46
CA LEU A 42 -6.36 4.47 -5.55
C LEU A 42 -7.20 5.72 -5.79
N LYS A 43 -7.34 6.10 -7.06
CA LYS A 43 -8.11 7.27 -7.43
C LYS A 43 -9.61 7.07 -7.19
N GLU A 44 -10.09 5.86 -7.49
CA GLU A 44 -11.51 5.54 -7.32
C GLU A 44 -11.97 5.85 -5.90
N ASN A 45 -11.22 5.34 -4.92
CA ASN A 45 -11.58 5.56 -3.52
C ASN A 45 -11.42 7.04 -3.16
N ASP A 46 -12.48 7.64 -2.62
CA ASP A 46 -12.47 9.04 -2.22
C ASP A 46 -13.79 9.42 -1.58
N ASP A 47 -13.71 10.03 -0.40
CA ASP A 47 -14.91 10.46 0.33
C ASP A 47 -15.39 11.82 -0.18
N LYS A 48 -15.36 11.99 -1.50
CA LYS A 48 -15.79 13.25 -2.12
C LYS A 48 -14.99 14.43 -1.56
N SER A 49 -15.68 15.40 -0.96
CA SER A 49 -15.01 16.57 -0.39
C SER A 49 -15.93 17.27 0.61
N MET B 1 5.78 3.75 18.87
CA MET B 1 4.62 3.50 17.97
C MET B 1 5.04 2.81 16.68
N GLN B 2 5.18 1.49 16.75
CA GLN B 2 5.59 0.69 15.60
C GLN B 2 4.49 0.65 14.54
N ILE B 3 4.88 0.35 13.30
CA ILE B 3 3.94 0.27 12.19
C ILE B 3 4.41 -0.77 11.18
N PHE B 4 3.50 -1.66 10.79
CA PHE B 4 3.83 -2.71 9.82
C PHE B 4 3.86 -2.16 8.41
N VAL B 5 4.81 -2.66 7.62
CA VAL B 5 4.95 -2.25 6.23
C VAL B 5 5.03 -3.47 5.32
N LYS B 6 3.86 -4.04 5.02
CA LYS B 6 3.79 -5.23 4.17
C LYS B 6 4.00 -4.89 2.70
N THR B 7 4.80 -5.70 2.03
CA THR B 7 5.07 -5.50 0.61
C THR B 7 4.25 -6.47 -0.23
N LEU B 8 3.66 -5.99 -1.32
CA LEU B 8 2.86 -6.84 -2.19
C LEU B 8 3.62 -8.09 -2.59
N THR B 9 4.93 -7.95 -2.77
CA THR B 9 5.76 -9.08 -3.15
C THR B 9 5.66 -10.20 -2.12
N GLY B 10 5.90 -9.87 -0.86
CA GLY B 10 5.83 -10.87 0.20
C GLY B 10 6.85 -10.63 1.30
N LYS B 11 6.80 -9.45 1.91
CA LYS B 11 7.74 -9.12 2.99
C LYS B 11 7.21 -7.96 3.84
N THR B 12 7.07 -8.20 5.14
CA THR B 12 6.59 -7.19 6.06
C THR B 12 7.75 -6.59 6.86
N ILE B 13 7.72 -5.28 7.05
CA ILE B 13 8.77 -4.60 7.80
C ILE B 13 8.19 -3.65 8.84
N THR B 14 8.61 -3.82 10.09
CA THR B 14 8.13 -2.99 11.19
C THR B 14 9.06 -1.81 11.44
N LEU B 15 8.48 -0.62 11.60
CA LEU B 15 9.24 0.60 11.85
C LEU B 15 8.63 1.40 12.97
N GLU B 16 9.47 2.00 13.79
CA GLU B 16 9.02 2.82 14.91
C GLU B 16 8.95 4.29 14.50
N VAL B 17 7.82 4.94 14.77
CA VAL B 17 7.63 6.34 14.43
C VAL B 17 6.69 7.02 15.41
N GLU B 18 7.04 8.23 15.83
CA GLU B 18 6.23 8.98 16.78
C GLU B 18 4.89 9.36 16.15
N SER B 19 3.86 9.50 16.97
CA SER B 19 2.54 9.87 16.50
C SER B 19 2.61 11.16 15.68
N SER B 20 3.42 12.11 16.13
CA SER B 20 3.57 13.38 15.45
C SER B 20 4.71 13.34 14.42
N ASP B 21 4.91 12.17 13.82
CA ASP B 21 5.96 12.01 12.81
C ASP B 21 5.44 12.48 11.45
N THR B 22 5.81 11.76 10.38
CA THR B 22 5.36 12.13 9.04
C THR B 22 5.61 11.00 8.05
N ILE B 23 4.69 10.84 7.10
CA ILE B 23 4.80 9.79 6.09
C ILE B 23 6.17 9.81 5.42
N ASP B 24 6.68 11.02 5.15
CA ASP B 24 7.98 11.16 4.51
C ASP B 24 9.06 10.45 5.33
N ASN B 25 9.00 10.63 6.65
CA ASN B 25 9.95 10.00 7.56
C ASN B 25 9.90 8.48 7.42
N VAL B 26 8.70 7.93 7.38
CA VAL B 26 8.53 6.49 7.24
C VAL B 26 9.17 5.99 5.96
N LYS B 27 8.94 6.71 4.86
CA LYS B 27 9.51 6.34 3.57
C LYS B 27 11.02 6.37 3.63
N SER B 28 11.58 7.34 4.34
CA SER B 28 13.03 7.47 4.47
C SER B 28 13.60 6.20 5.12
N LYS B 29 12.95 5.76 6.19
CA LYS B 29 13.37 4.56 6.91
C LYS B 29 13.37 3.35 5.97
N ILE B 30 12.27 3.19 5.23
CA ILE B 30 12.14 2.09 4.28
C ILE B 30 13.21 2.20 3.20
N GLN B 31 13.52 3.42 2.80
CA GLN B 31 14.52 3.68 1.77
C GLN B 31 15.88 3.14 2.19
N ASP B 32 16.25 3.39 3.44
CA ASP B 32 17.55 2.93 3.95
C ASP B 32 17.59 1.41 4.09
N LYS B 33 16.51 0.84 4.63
CA LYS B 33 16.44 -0.61 4.83
C LYS B 33 16.43 -1.38 3.52
N GLU B 34 15.40 -1.14 2.72
CA GLU B 34 15.25 -1.84 1.43
C GLU B 34 16.20 -1.30 0.38
N GLY B 35 16.37 0.02 0.33
CA GLY B 35 17.24 0.63 -0.65
C GLY B 35 16.57 0.74 -2.01
N ILE B 36 15.28 1.04 -2.00
CA ILE B 36 14.50 1.18 -3.22
C ILE B 36 14.11 2.64 -3.47
N PRO B 37 14.28 3.13 -4.71
CA PRO B 37 13.94 4.52 -5.07
C PRO B 37 12.50 4.87 -4.70
N PRO B 38 12.26 6.12 -4.27
CA PRO B 38 10.92 6.57 -3.88
C PRO B 38 9.88 6.31 -4.96
N ASP B 39 10.26 6.54 -6.21
CA ASP B 39 9.35 6.34 -7.33
C ASP B 39 9.02 4.84 -7.49
N GLN B 40 10.03 4.00 -7.33
CA GLN B 40 9.84 2.55 -7.47
C GLN B 40 9.22 1.95 -6.20
N GLN B 41 8.33 2.71 -5.57
CA GLN B 41 7.67 2.26 -4.35
C GLN B 41 6.47 3.15 -4.02
N ARG B 42 5.43 2.55 -3.45
CA ARG B 42 4.22 3.29 -3.09
C ARG B 42 3.61 2.76 -1.79
N LEU B 43 3.44 3.66 -0.82
CA LEU B 43 2.87 3.28 0.46
C LEU B 43 1.35 3.45 0.47
N ILE B 44 0.64 2.45 -0.04
CA ILE B 44 -0.82 2.49 -0.09
C ILE B 44 -1.40 2.08 1.26
N PHE B 45 -2.43 2.81 1.70
CA PHE B 45 -3.08 2.53 2.97
C PHE B 45 -4.46 3.18 3.01
N ALA B 46 -5.40 2.50 3.67
CA ALA B 46 -6.77 2.98 3.82
C ALA B 46 -7.53 2.99 2.49
N GLY B 47 -6.80 3.21 1.39
CA GLY B 47 -7.42 3.25 0.09
C GLY B 47 -6.43 3.65 -1.00
N LYS B 48 -5.38 4.36 -0.60
CA LYS B 48 -4.37 4.82 -1.56
C LYS B 48 -3.10 5.29 -0.86
N GLN B 49 -2.04 5.48 -1.64
CA GLN B 49 -0.76 5.93 -1.12
C GLN B 49 -0.92 7.20 -0.29
N LEU B 50 -0.36 7.18 0.90
CA LEU B 50 -0.43 8.33 1.80
C LEU B 50 0.55 9.42 1.35
N GLU B 51 0.11 10.68 1.43
CA GLU B 51 0.95 11.79 1.03
C GLU B 51 2.27 11.78 1.80
N ASP B 52 3.36 11.99 1.07
CA ASP B 52 4.70 11.99 1.67
C ASP B 52 4.97 13.29 2.45
N GLY B 53 4.01 13.71 3.26
CA GLY B 53 4.16 14.92 4.04
C GLY B 53 2.96 15.21 4.92
N ARG B 54 2.52 14.19 5.65
CA ARG B 54 1.37 14.32 6.54
C ARG B 54 1.55 13.46 7.79
N THR B 55 1.29 14.06 8.96
CA THR B 55 1.41 13.35 10.23
C THR B 55 0.41 12.19 10.32
N LEU B 56 0.80 11.14 11.04
CA LEU B 56 -0.05 9.97 11.20
C LEU B 56 -1.45 10.36 11.69
N SER B 57 -1.50 11.37 12.56
CA SER B 57 -2.76 11.85 13.11
C SER B 57 -3.76 12.23 12.02
N ASP B 58 -3.25 12.80 10.93
CA ASP B 58 -4.11 13.23 9.82
C ASP B 58 -5.00 12.09 9.34
N TYR B 59 -4.40 10.97 8.95
CA TYR B 59 -5.17 9.83 8.47
C TYR B 59 -5.69 8.99 9.63
N ASN B 60 -5.60 9.53 10.84
CA ASN B 60 -6.06 8.84 12.03
C ASN B 60 -5.50 7.42 12.08
N ILE B 61 -4.25 7.28 11.67
CA ILE B 61 -3.58 5.97 11.66
C ILE B 61 -3.45 5.41 13.06
N GLN B 62 -3.90 4.16 13.23
CA GLN B 62 -3.81 3.48 14.52
C GLN B 62 -2.42 2.93 14.75
N LYS B 63 -2.00 2.89 16.01
CA LYS B 63 -0.68 2.38 16.36
C LYS B 63 -0.55 0.90 16.00
N GLU B 64 0.61 0.54 15.45
CA GLU B 64 0.88 -0.85 15.05
C GLU B 64 -0.04 -1.31 13.92
N SER B 65 -0.31 -0.41 12.97
CA SER B 65 -1.16 -0.76 11.83
C SER B 65 -0.37 -1.53 10.78
N THR B 66 -0.73 -1.36 9.52
CA THR B 66 -0.05 -2.04 8.42
C THR B 66 -0.31 -1.34 7.09
N LEU B 67 0.76 -1.09 6.35
CA LEU B 67 0.66 -0.43 5.05
C LEU B 67 1.28 -1.30 3.96
N HIS B 68 0.69 -1.27 2.77
CA HIS B 68 1.21 -2.05 1.64
C HIS B 68 2.09 -1.20 0.74
N LEU B 69 3.29 -1.70 0.46
CA LEU B 69 4.24 -0.99 -0.39
C LEU B 69 4.28 -1.60 -1.79
N VAL B 70 3.54 -1.01 -2.71
CA VAL B 70 3.50 -1.48 -4.09
C VAL B 70 4.78 -1.11 -4.82
N LEU B 71 5.35 -2.07 -5.55
CA LEU B 71 6.59 -1.85 -6.29
C LEU B 71 6.36 -0.96 -7.51
N ARG B 72 7.13 0.13 -7.59
CA ARG B 72 7.04 1.08 -8.70
C ARG B 72 5.63 1.63 -8.88
N LEU B 73 5.53 2.68 -9.69
CA LEU B 73 4.25 3.33 -9.96
C LEU B 73 3.41 2.47 -10.92
N ARG B 74 2.61 3.12 -11.76
CA ARG B 74 1.77 2.41 -12.72
C ARG B 74 2.62 1.57 -13.66
N GLY B 75 2.17 0.33 -13.91
CA GLY B 75 2.90 -0.55 -14.79
C GLY B 75 2.86 -0.11 -16.24
N GLY B 76 2.68 -1.06 -17.15
CA GLY B 76 2.62 -0.74 -18.56
C GLY B 76 2.43 -1.97 -19.43
N ASN A 1 -0.89 -23.46 -12.56
CA ASN A 1 -1.57 -22.65 -11.55
C ASN A 1 -1.07 -21.21 -11.57
N ASP A 2 -2.01 -20.27 -11.64
CA ASP A 2 -1.68 -18.85 -11.68
C ASP A 2 -1.33 -18.32 -10.27
N ASP A 3 -2.10 -18.77 -9.28
CA ASP A 3 -1.88 -18.34 -7.90
C ASP A 3 -2.19 -16.86 -7.72
N HIS A 4 -3.23 -16.38 -8.40
CA HIS A 4 -3.62 -14.99 -8.29
C HIS A 4 -4.23 -14.72 -6.93
N GLU A 5 -4.74 -15.79 -6.30
CA GLU A 5 -5.37 -15.69 -4.99
C GLU A 5 -4.48 -14.94 -4.01
N SER A 6 -3.17 -15.12 -4.14
CA SER A 6 -2.23 -14.42 -3.27
C SER A 6 -2.40 -12.91 -3.46
N LYS A 7 -2.44 -12.49 -4.72
CA LYS A 7 -2.64 -11.09 -5.04
C LYS A 7 -3.97 -10.62 -4.44
N LEU A 8 -4.96 -11.49 -4.54
CA LEU A 8 -6.29 -11.21 -4.02
C LEU A 8 -6.24 -11.02 -2.50
N SER A 9 -5.45 -11.85 -1.82
CA SER A 9 -5.33 -11.74 -0.37
C SER A 9 -4.82 -10.36 0.01
N ILE A 10 -3.78 -9.91 -0.70
CA ILE A 10 -3.24 -8.58 -0.45
C ILE A 10 -4.33 -7.54 -0.64
N LEU A 11 -5.13 -7.72 -1.68
CA LEU A 11 -6.22 -6.81 -1.98
C LEU A 11 -7.22 -6.74 -0.82
N MET A 12 -7.52 -7.89 -0.23
CA MET A 12 -8.45 -7.96 0.88
C MET A 12 -7.97 -7.15 2.08
N ASP A 13 -6.76 -7.46 2.54
CA ASP A 13 -6.17 -6.77 3.69
C ASP A 13 -5.91 -5.30 3.39
N MET A 14 -5.39 -5.04 2.19
CA MET A 14 -5.07 -3.67 1.78
C MET A 14 -6.33 -2.80 1.78
N PHE A 15 -7.44 -3.35 1.29
CA PHE A 15 -8.70 -2.63 1.23
C PHE A 15 -9.74 -3.24 2.17
N PRO A 16 -9.62 -3.00 3.49
CA PRO A 16 -10.56 -3.53 4.48
C PRO A 16 -11.92 -2.82 4.47
N ALA A 17 -12.51 -2.72 3.28
CA ALA A 17 -13.81 -2.06 3.13
C ALA A 17 -14.44 -2.39 1.78
N ILE A 18 -13.62 -2.37 0.73
CA ILE A 18 -14.11 -2.68 -0.62
C ILE A 18 -14.59 -4.12 -0.71
N SER A 19 -15.74 -4.32 -1.35
CA SER A 19 -16.31 -5.65 -1.52
C SER A 19 -15.36 -6.55 -2.30
N LYS A 20 -15.26 -7.81 -1.88
CA LYS A 20 -14.39 -8.77 -2.53
C LYS A 20 -14.72 -8.89 -4.01
N SER A 21 -16.00 -8.76 -4.34
CA SER A 21 -16.45 -8.86 -5.73
C SER A 21 -15.68 -7.93 -6.64
N LYS A 22 -15.58 -6.66 -6.24
CA LYS A 22 -14.86 -5.67 -7.02
C LYS A 22 -13.39 -6.04 -7.19
N LEU A 23 -12.77 -6.47 -6.10
CA LEU A 23 -11.36 -6.86 -6.12
C LEU A 23 -11.13 -8.02 -7.09
N GLN A 24 -11.99 -9.02 -7.06
CA GLN A 24 -11.87 -10.17 -7.94
C GLN A 24 -12.07 -9.77 -9.40
N VAL A 25 -13.05 -8.90 -9.64
CA VAL A 25 -13.35 -8.44 -11.00
C VAL A 25 -12.17 -7.72 -11.64
N HIS A 26 -11.68 -6.67 -10.99
CA HIS A 26 -10.56 -5.90 -11.53
C HIS A 26 -9.31 -6.76 -11.66
N LEU A 27 -9.05 -7.57 -10.65
CA LEU A 27 -7.87 -8.43 -10.65
C LEU A 27 -7.88 -9.37 -11.85
N LEU A 28 -9.02 -10.01 -12.10
CA LEU A 28 -9.14 -10.95 -13.23
C LEU A 28 -8.94 -10.27 -14.58
N GLU A 29 -9.62 -9.15 -14.78
CA GLU A 29 -9.54 -8.41 -16.04
C GLU A 29 -8.17 -7.77 -16.27
N ASN A 30 -7.66 -7.09 -15.25
CA ASN A 30 -6.36 -6.41 -15.35
C ASN A 30 -5.17 -7.36 -15.25
N ASN A 31 -5.28 -8.53 -15.88
CA ASN A 31 -4.20 -9.52 -15.88
C ASN A 31 -3.57 -9.68 -14.50
N ASN A 32 -4.42 -9.82 -13.49
CA ASN A 32 -3.97 -9.99 -12.09
C ASN A 32 -2.80 -9.08 -11.73
N ASP A 33 -2.83 -7.84 -12.21
CA ASP A 33 -1.78 -6.87 -11.91
C ASP A 33 -2.03 -6.20 -10.56
N LEU A 34 -0.96 -5.98 -9.80
CA LEU A 34 -1.08 -5.36 -8.48
C LEU A 34 -0.77 -3.87 -8.53
N ASP A 35 0.40 -3.52 -9.03
CA ASP A 35 0.82 -2.11 -9.11
C ASP A 35 -0.11 -1.28 -9.99
N LEU A 36 -0.42 -1.80 -11.18
CA LEU A 36 -1.27 -1.09 -12.12
C LEU A 36 -2.73 -1.02 -11.63
N THR A 37 -3.31 -2.18 -11.37
CA THR A 37 -4.69 -2.25 -10.92
C THR A 37 -4.91 -1.42 -9.65
N ILE A 38 -4.13 -1.71 -8.63
CA ILE A 38 -4.24 -0.99 -7.36
C ILE A 38 -3.88 0.47 -7.54
N GLY A 39 -2.85 0.75 -8.32
CA GLY A 39 -2.43 2.13 -8.56
C GLY A 39 -3.60 3.00 -8.96
N LEU A 40 -4.38 2.52 -9.92
CA LEU A 40 -5.56 3.24 -10.38
C LEU A 40 -6.61 3.27 -9.28
N LEU A 41 -6.73 2.14 -8.61
CA LEU A 41 -7.69 1.97 -7.52
C LEU A 41 -7.49 3.01 -6.42
N LEU A 42 -6.23 3.33 -6.12
CA LEU A 42 -5.93 4.31 -5.09
C LEU A 42 -6.50 5.67 -5.47
N LYS A 43 -6.27 6.07 -6.72
CA LYS A 43 -6.77 7.34 -7.24
C LYS A 43 -8.23 7.23 -7.66
N GLU A 44 -9.03 6.54 -6.84
CA GLU A 44 -10.44 6.36 -7.12
C GLU A 44 -11.24 7.62 -6.83
N ASN A 45 -11.14 8.11 -5.59
CA ASN A 45 -11.86 9.30 -5.17
C ASN A 45 -11.11 10.58 -5.55
N ASP A 46 -9.83 10.64 -5.19
CA ASP A 46 -8.99 11.81 -5.49
C ASP A 46 -9.49 13.04 -4.72
N ASP A 47 -8.55 13.74 -4.08
CA ASP A 47 -8.88 14.93 -3.31
C ASP A 47 -9.55 15.99 -4.19
N LYS A 48 -9.00 16.20 -5.38
CA LYS A 48 -9.53 17.18 -6.32
C LYS A 48 -10.95 16.79 -6.75
N SER A 49 -11.84 17.79 -6.80
CA SER A 49 -13.23 17.56 -7.19
C SER A 49 -13.96 18.89 -7.36
N MET B 1 5.82 3.49 19.14
CA MET B 1 4.81 3.70 18.07
C MET B 1 5.28 3.09 16.75
N GLN B 2 5.52 1.78 16.78
CA GLN B 2 5.96 1.06 15.59
C GLN B 2 4.85 0.98 14.56
N ILE B 3 5.21 0.57 13.34
CA ILE B 3 4.24 0.45 12.26
C ILE B 3 4.65 -0.66 11.29
N PHE B 4 3.67 -1.49 10.91
CA PHE B 4 3.93 -2.60 10.00
C PHE B 4 3.92 -2.16 8.54
N VAL B 5 4.78 -2.77 7.73
CA VAL B 5 4.88 -2.45 6.32
C VAL B 5 4.91 -3.76 5.51
N LYS B 6 3.73 -4.35 5.33
CA LYS B 6 3.62 -5.60 4.58
C LYS B 6 3.78 -5.40 3.08
N THR B 7 4.70 -6.14 2.49
CA THR B 7 4.94 -6.07 1.05
C THR B 7 3.96 -6.97 0.32
N LEU B 8 3.55 -6.56 -0.87
CA LEU B 8 2.60 -7.34 -1.65
C LEU B 8 3.06 -8.80 -1.76
N THR B 9 4.37 -9.00 -1.87
CA THR B 9 4.94 -10.33 -1.97
C THR B 9 4.64 -11.14 -0.71
N GLY B 10 5.01 -10.60 0.45
CA GLY B 10 4.77 -11.29 1.70
C GLY B 10 5.60 -10.75 2.85
N LYS B 11 6.86 -10.43 2.58
CA LYS B 11 7.76 -9.92 3.60
C LYS B 11 7.19 -8.67 4.28
N THR B 12 7.20 -8.67 5.61
CA THR B 12 6.70 -7.55 6.38
C THR B 12 7.83 -6.85 7.14
N ILE B 13 7.86 -5.53 7.08
CA ILE B 13 8.89 -4.75 7.76
C ILE B 13 8.30 -3.85 8.84
N THR B 14 8.87 -3.95 10.05
CA THR B 14 8.42 -3.15 11.17
C THR B 14 9.36 -1.96 11.38
N LEU B 15 8.78 -0.78 11.61
CA LEU B 15 9.58 0.42 11.82
C LEU B 15 8.93 1.34 12.85
N GLU B 16 9.77 1.91 13.71
CA GLU B 16 9.30 2.80 14.76
C GLU B 16 9.19 4.24 14.25
N VAL B 17 8.08 4.90 14.56
CA VAL B 17 7.87 6.28 14.15
C VAL B 17 6.98 7.02 15.15
N GLU B 18 7.38 8.23 15.52
CA GLU B 18 6.62 9.04 16.45
C GLU B 18 5.29 9.47 15.85
N SER B 19 4.26 9.56 16.69
CA SER B 19 2.94 9.95 16.24
C SER B 19 2.85 11.47 16.01
N SER B 20 3.90 12.02 15.41
CA SER B 20 3.95 13.46 15.14
C SER B 20 4.97 13.77 14.05
N ASP B 21 5.02 12.91 13.03
CA ASP B 21 5.94 13.09 11.93
C ASP B 21 5.19 13.20 10.60
N THR B 22 5.49 12.30 9.66
CA THR B 22 4.83 12.32 8.36
C THR B 22 5.10 11.04 7.59
N ILE B 23 4.12 10.60 6.81
CA ILE B 23 4.25 9.38 6.01
C ILE B 23 5.52 9.42 5.18
N ASP B 24 5.86 10.60 4.67
CA ASP B 24 7.04 10.78 3.86
C ASP B 24 8.30 10.32 4.60
N ASN B 25 8.37 10.64 5.89
CA ASN B 25 9.50 10.24 6.71
C ASN B 25 9.68 8.73 6.68
N VAL B 26 8.57 8.01 6.83
CA VAL B 26 8.58 6.56 6.82
C VAL B 26 9.12 6.05 5.49
N LYS B 27 8.63 6.62 4.40
CA LYS B 27 9.07 6.24 3.07
C LYS B 27 10.58 6.41 2.93
N SER B 28 11.08 7.55 3.42
CA SER B 28 12.51 7.84 3.36
C SER B 28 13.30 6.76 4.07
N LYS B 29 12.82 6.34 5.25
CA LYS B 29 13.49 5.30 6.03
C LYS B 29 13.57 4.02 5.23
N ILE B 30 12.49 3.69 4.53
CA ILE B 30 12.43 2.48 3.71
C ILE B 30 13.51 2.52 2.62
N GLN B 31 13.66 3.67 1.98
CA GLN B 31 14.65 3.85 0.94
C GLN B 31 16.04 3.55 1.45
N ASP B 32 16.38 4.25 2.53
CA ASP B 32 17.67 4.09 3.16
C ASP B 32 17.89 2.64 3.60
N LYS B 33 16.83 2.02 4.09
CA LYS B 33 16.89 0.64 4.56
C LYS B 33 17.00 -0.36 3.41
N GLU B 34 15.87 -0.61 2.74
CA GLU B 34 15.84 -1.55 1.62
C GLU B 34 16.70 -1.08 0.45
N GLY B 35 16.63 0.20 0.15
CA GLY B 35 17.40 0.74 -0.96
C GLY B 35 16.60 0.83 -2.24
N ILE B 36 15.48 1.55 -2.19
CA ILE B 36 14.63 1.69 -3.36
C ILE B 36 14.02 3.09 -3.44
N PRO B 37 14.12 3.76 -4.60
CA PRO B 37 13.58 5.10 -4.80
C PRO B 37 12.07 5.16 -4.55
N PRO B 38 11.59 6.27 -3.96
CA PRO B 38 10.17 6.45 -3.66
C PRO B 38 9.29 6.42 -4.90
N ASP B 39 9.84 6.90 -6.01
CA ASP B 39 9.10 6.94 -7.28
C ASP B 39 8.56 5.57 -7.67
N GLN B 40 9.42 4.55 -7.60
CA GLN B 40 9.02 3.19 -7.96
C GLN B 40 8.44 2.41 -6.78
N GLN B 41 7.68 3.10 -5.93
CA GLN B 41 7.08 2.45 -4.77
C GLN B 41 6.03 3.36 -4.14
N ARG B 42 4.90 2.77 -3.75
CA ARG B 42 3.82 3.54 -3.14
C ARG B 42 3.26 2.81 -1.91
N LEU B 43 3.25 3.51 -0.78
CA LEU B 43 2.74 2.95 0.47
C LEU B 43 1.22 3.13 0.53
N ILE B 44 0.51 2.02 0.65
CA ILE B 44 -0.96 2.05 0.71
C ILE B 44 -1.48 1.72 2.09
N PHE B 45 -2.54 2.42 2.48
CA PHE B 45 -3.18 2.21 3.78
C PHE B 45 -4.66 2.58 3.71
N ALA B 46 -5.47 1.86 4.47
CA ALA B 46 -6.92 2.09 4.51
C ALA B 46 -7.56 1.68 3.18
N GLY B 47 -7.21 2.39 2.11
CA GLY B 47 -7.75 2.09 0.81
C GLY B 47 -7.09 2.89 -0.30
N LYS B 48 -5.93 3.47 -0.01
CA LYS B 48 -5.20 4.25 -1.01
C LYS B 48 -3.84 4.67 -0.47
N GLN B 49 -2.93 4.96 -1.39
CA GLN B 49 -1.58 5.37 -1.04
C GLN B 49 -1.60 6.64 -0.17
N LEU B 50 -0.96 6.58 0.98
CA LEU B 50 -0.90 7.71 1.89
C LEU B 50 -0.04 8.84 1.33
N GLU B 51 -0.52 10.07 1.45
CA GLU B 51 0.21 11.23 0.95
C GLU B 51 1.59 11.34 1.61
N ASP B 52 2.58 11.70 0.81
CA ASP B 52 3.95 11.83 1.30
C ASP B 52 4.15 13.15 2.06
N GLY B 53 3.21 13.46 2.95
CA GLY B 53 3.29 14.69 3.72
C GLY B 53 2.14 14.85 4.68
N ARG B 54 1.86 13.82 5.47
CA ARG B 54 0.77 13.85 6.43
C ARG B 54 1.12 13.07 7.70
N THR B 55 0.81 13.66 8.84
CA THR B 55 1.07 13.03 10.14
C THR B 55 0.24 11.76 10.32
N LEU B 56 0.74 10.84 11.13
CA LEU B 56 0.04 9.58 11.41
C LEU B 56 -1.37 9.85 11.93
N SER B 57 -1.47 10.84 12.82
CA SER B 57 -2.76 11.20 13.41
C SER B 57 -3.77 11.61 12.34
N ASP B 58 -3.29 12.16 11.23
CA ASP B 58 -4.16 12.60 10.15
C ASP B 58 -5.13 11.51 9.71
N TYR B 59 -4.60 10.36 9.32
CA TYR B 59 -5.44 9.25 8.87
C TYR B 59 -5.90 8.40 10.06
N ASN B 60 -5.87 8.99 11.26
CA ASN B 60 -6.28 8.29 12.46
C ASN B 60 -5.58 6.93 12.55
N ILE B 61 -4.31 6.90 12.13
CA ILE B 61 -3.53 5.67 12.13
C ILE B 61 -3.35 5.12 13.55
N GLN B 62 -3.69 3.84 13.70
CA GLN B 62 -3.55 3.16 14.99
C GLN B 62 -2.14 2.64 15.17
N LYS B 63 -1.73 2.44 16.41
CA LYS B 63 -0.39 1.93 16.70
C LYS B 63 -0.12 0.64 15.94
N GLU B 64 1.14 0.45 15.55
CA GLU B 64 1.58 -0.73 14.81
C GLU B 64 0.61 -1.07 13.66
N SER B 65 0.13 -0.04 12.97
CA SER B 65 -0.79 -0.22 11.86
C SER B 65 -0.06 -0.83 10.66
N THR B 66 -0.71 -1.78 9.99
CA THR B 66 -0.12 -2.44 8.83
C THR B 66 -0.37 -1.67 7.54
N LEU B 67 0.70 -1.45 6.79
CA LEU B 67 0.62 -0.75 5.51
C LEU B 67 1.18 -1.63 4.40
N HIS B 68 0.48 -1.67 3.27
CA HIS B 68 0.92 -2.50 2.14
C HIS B 68 1.80 -1.71 1.17
N LEU B 69 3.05 -2.13 1.06
CA LEU B 69 4.01 -1.49 0.16
C LEU B 69 3.87 -2.07 -1.25
N VAL B 70 3.71 -1.19 -2.23
CA VAL B 70 3.57 -1.62 -3.62
C VAL B 70 4.74 -1.17 -4.47
N LEU B 71 5.45 -2.14 -5.04
CA LEU B 71 6.61 -1.86 -5.89
C LEU B 71 6.18 -1.70 -7.34
N ARG B 72 6.58 -0.59 -7.96
CA ARG B 72 6.23 -0.33 -9.35
C ARG B 72 7.14 -1.10 -10.30
N LEU B 73 6.53 -1.83 -11.23
CA LEU B 73 7.27 -2.61 -12.22
C LEU B 73 7.78 -1.72 -13.34
N ARG B 74 8.98 -2.01 -13.82
CA ARG B 74 9.58 -1.23 -14.90
C ARG B 74 8.67 -1.19 -16.11
N GLY B 75 8.17 -2.36 -16.50
CA GLY B 75 7.27 -2.44 -17.65
C GLY B 75 5.91 -1.85 -17.37
N GLY B 76 4.86 -2.55 -17.79
CA GLY B 76 3.51 -2.08 -17.58
C GLY B 76 2.47 -3.01 -18.16
N ASN A 1 -2.84 -24.47 -11.54
CA ASN A 1 -2.07 -23.61 -12.43
C ASN A 1 -2.22 -22.15 -12.03
N ASP A 2 -3.45 -21.71 -11.82
CA ASP A 2 -3.74 -20.33 -11.44
C ASP A 2 -3.15 -20.02 -10.06
N ASP A 3 -2.73 -18.77 -9.88
CA ASP A 3 -2.15 -18.34 -8.62
C ASP A 3 -2.30 -16.84 -8.42
N HIS A 4 -3.41 -16.29 -8.89
CA HIS A 4 -3.68 -14.87 -8.74
C HIS A 4 -4.20 -14.58 -7.34
N GLU A 5 -4.76 -15.60 -6.71
CA GLU A 5 -5.32 -15.47 -5.37
C GLU A 5 -4.33 -14.82 -4.41
N SER A 6 -3.04 -15.11 -4.59
CA SER A 6 -2.01 -14.51 -3.74
C SER A 6 -2.09 -12.99 -3.87
N LYS A 7 -2.11 -12.52 -5.11
CA LYS A 7 -2.21 -11.09 -5.37
C LYS A 7 -3.55 -10.57 -4.84
N LEU A 8 -4.57 -11.40 -4.99
CA LEU A 8 -5.91 -11.05 -4.53
C LEU A 8 -5.90 -10.83 -3.02
N SER A 9 -5.19 -11.69 -2.30
CA SER A 9 -5.08 -11.56 -0.85
C SER A 9 -4.45 -10.22 -0.53
N ILE A 10 -3.40 -9.87 -1.29
CA ILE A 10 -2.74 -8.59 -1.08
C ILE A 10 -3.77 -7.48 -1.18
N LEU A 11 -4.66 -7.61 -2.16
CA LEU A 11 -5.72 -6.63 -2.38
C LEU A 11 -6.65 -6.55 -1.18
N MET A 12 -7.00 -7.71 -0.61
CA MET A 12 -7.88 -7.75 0.55
C MET A 12 -7.31 -6.89 1.66
N ASP A 13 -6.05 -7.12 1.99
CA ASP A 13 -5.37 -6.35 3.02
C ASP A 13 -5.09 -4.94 2.52
N MET A 14 -4.93 -4.82 1.21
CA MET A 14 -4.65 -3.53 0.57
C MET A 14 -5.82 -2.58 0.76
N PHE A 15 -7.04 -3.12 0.65
CA PHE A 15 -8.24 -2.32 0.82
C PHE A 15 -9.21 -3.00 1.80
N PRO A 16 -9.41 -2.40 2.98
CA PRO A 16 -10.31 -2.96 4.00
C PRO A 16 -11.78 -2.77 3.64
N ALA A 17 -12.11 -1.58 3.14
CA ALA A 17 -13.48 -1.25 2.76
C ALA A 17 -13.96 -2.10 1.59
N ILE A 18 -13.14 -2.22 0.56
CA ILE A 18 -13.51 -2.99 -0.63
C ILE A 18 -13.69 -4.46 -0.30
N SER A 19 -14.80 -5.02 -0.78
CA SER A 19 -15.12 -6.42 -0.56
C SER A 19 -14.19 -7.32 -1.38
N LYS A 20 -13.87 -8.49 -0.85
CA LYS A 20 -12.99 -9.45 -1.53
C LYS A 20 -13.50 -9.73 -2.94
N SER A 21 -14.82 -9.86 -3.07
CA SER A 21 -15.43 -10.15 -4.37
C SER A 21 -15.10 -9.06 -5.39
N LYS A 22 -15.25 -7.80 -4.98
CA LYS A 22 -14.96 -6.67 -5.87
C LYS A 22 -13.51 -6.70 -6.33
N LEU A 23 -12.59 -6.88 -5.39
CA LEU A 23 -11.17 -6.94 -5.71
C LEU A 23 -10.88 -8.05 -6.71
N GLN A 24 -11.56 -9.19 -6.53
CA GLN A 24 -11.39 -10.33 -7.43
C GLN A 24 -11.82 -9.96 -8.85
N VAL A 25 -12.93 -9.22 -8.95
CA VAL A 25 -13.45 -8.79 -10.24
C VAL A 25 -12.43 -7.93 -10.99
N HIS A 26 -11.88 -6.93 -10.30
CA HIS A 26 -10.90 -6.03 -10.91
C HIS A 26 -9.68 -6.80 -11.38
N LEU A 27 -9.19 -7.71 -10.54
CA LEU A 27 -8.02 -8.51 -10.88
C LEU A 27 -8.27 -9.32 -12.14
N LEU A 28 -9.48 -9.84 -12.27
CA LEU A 28 -9.86 -10.64 -13.43
C LEU A 28 -10.01 -9.79 -14.69
N GLU A 29 -10.60 -8.61 -14.54
CA GLU A 29 -10.83 -7.71 -15.67
C GLU A 29 -9.56 -7.48 -16.48
N ASN A 30 -8.55 -6.88 -15.86
CA ASN A 30 -7.29 -6.60 -16.53
C ASN A 30 -6.62 -7.91 -16.96
N ASN A 31 -6.25 -8.70 -15.95
CA ASN A 31 -5.61 -10.00 -16.18
C ASN A 31 -5.14 -10.59 -14.86
N ASN A 32 -4.21 -9.88 -14.21
CA ASN A 32 -3.66 -10.30 -12.92
C ASN A 32 -2.51 -9.39 -12.51
N ASP A 33 -2.60 -8.12 -12.89
CA ASP A 33 -1.56 -7.15 -12.57
C ASP A 33 -1.90 -6.40 -11.29
N LEU A 34 -0.89 -6.16 -10.45
CA LEU A 34 -1.09 -5.46 -9.19
C LEU A 34 -0.91 -3.95 -9.31
N ASP A 35 0.20 -3.51 -9.90
CA ASP A 35 0.46 -2.08 -10.04
C ASP A 35 -0.63 -1.38 -10.86
N LEU A 36 -1.08 -2.04 -11.91
CA LEU A 36 -2.12 -1.48 -12.78
C LEU A 36 -3.48 -1.45 -12.08
N THR A 37 -3.94 -2.61 -11.65
CA THR A 37 -5.23 -2.73 -10.97
C THR A 37 -5.29 -1.81 -9.74
N ILE A 38 -4.30 -1.95 -8.88
CA ILE A 38 -4.25 -1.13 -7.67
C ILE A 38 -4.13 0.34 -8.02
N GLY A 39 -3.31 0.65 -9.02
CA GLY A 39 -3.15 2.03 -9.44
C GLY A 39 -4.49 2.68 -9.70
N LEU A 40 -5.36 1.94 -10.37
CA LEU A 40 -6.71 2.43 -10.68
C LEU A 40 -7.52 2.61 -9.41
N LEU A 41 -7.48 1.61 -8.55
CA LEU A 41 -8.24 1.62 -7.30
C LEU A 41 -7.81 2.78 -6.39
N LEU A 42 -6.51 2.98 -6.24
CA LEU A 42 -5.99 4.06 -5.39
C LEU A 42 -6.60 5.39 -5.84
N LYS A 43 -6.67 5.58 -7.15
CA LYS A 43 -7.22 6.79 -7.72
C LYS A 43 -8.76 6.71 -7.76
N GLU A 44 -9.34 6.17 -6.70
CA GLU A 44 -10.79 6.03 -6.61
C GLU A 44 -11.45 7.38 -6.40
N ASN A 45 -10.96 8.12 -5.41
CA ASN A 45 -11.50 9.44 -5.08
C ASN A 45 -11.01 10.50 -6.08
N ASP A 46 -11.44 10.38 -7.33
CA ASP A 46 -11.05 11.31 -8.38
C ASP A 46 -11.98 11.23 -9.58
N ASP A 47 -12.31 10.01 -9.98
CA ASP A 47 -13.20 9.79 -11.11
C ASP A 47 -14.57 10.41 -10.88
N LYS A 48 -15.08 10.25 -9.66
CA LYS A 48 -16.38 10.80 -9.30
C LYS A 48 -16.40 12.31 -9.46
N SER A 49 -17.52 12.83 -9.96
CA SER A 49 -17.68 14.27 -10.17
C SER A 49 -17.48 15.03 -8.86
N MET B 1 5.76 5.15 18.17
CA MET B 1 4.99 3.89 18.09
C MET B 1 5.38 3.09 16.85
N GLN B 2 5.48 1.78 17.01
CA GLN B 2 5.85 0.89 15.92
C GLN B 2 4.66 0.65 14.99
N ILE B 3 4.95 0.48 13.70
CA ILE B 3 3.93 0.24 12.70
C ILE B 3 4.36 -0.85 11.72
N PHE B 4 3.42 -1.73 11.39
CA PHE B 4 3.71 -2.83 10.46
C PHE B 4 3.70 -2.36 9.02
N VAL B 5 4.56 -2.93 8.20
CA VAL B 5 4.64 -2.56 6.79
C VAL B 5 4.64 -3.81 5.90
N LYS B 6 3.47 -4.15 5.39
CA LYS B 6 3.31 -5.31 4.52
C LYS B 6 3.78 -5.02 3.11
N THR B 7 4.47 -6.00 2.52
CA THR B 7 4.97 -5.86 1.16
C THR B 7 3.97 -6.44 0.16
N LEU B 8 3.90 -5.84 -1.02
CA LEU B 8 2.97 -6.30 -2.05
C LEU B 8 3.12 -7.80 -2.29
N THR B 9 4.35 -8.29 -2.18
CA THR B 9 4.63 -9.71 -2.39
C THR B 9 4.06 -10.55 -1.23
N GLY B 10 4.56 -10.32 -0.03
CA GLY B 10 4.08 -11.07 1.13
C GLY B 10 5.09 -11.10 2.27
N LYS B 11 5.35 -9.94 2.86
CA LYS B 11 6.30 -9.86 3.97
C LYS B 11 6.07 -8.60 4.80
N THR B 12 5.88 -8.78 6.10
CA THR B 12 5.66 -7.67 7.02
C THR B 12 6.98 -7.11 7.54
N ILE B 13 7.04 -5.80 7.70
CA ILE B 13 8.25 -5.15 8.20
C ILE B 13 7.89 -4.16 9.30
N THR B 14 8.42 -4.39 10.50
CA THR B 14 8.15 -3.53 11.64
C THR B 14 9.08 -2.32 11.66
N LEU B 15 8.51 -1.14 11.85
CA LEU B 15 9.28 0.10 11.91
C LEU B 15 8.89 0.93 13.13
N GLU B 16 9.82 1.74 13.61
CA GLU B 16 9.56 2.58 14.77
C GLU B 16 9.43 4.05 14.35
N VAL B 17 8.30 4.67 14.70
CA VAL B 17 8.05 6.06 14.35
C VAL B 17 7.17 6.76 15.37
N GLU B 18 7.58 7.95 15.79
CA GLU B 18 6.81 8.73 16.75
C GLU B 18 5.49 9.19 16.14
N SER B 19 4.48 9.37 16.98
CA SER B 19 3.17 9.80 16.52
C SER B 19 3.16 11.30 16.22
N SER B 20 4.23 11.80 15.60
CA SER B 20 4.32 13.21 15.27
C SER B 20 5.42 13.46 14.23
N ASP B 21 5.60 12.49 13.35
CA ASP B 21 6.62 12.60 12.29
C ASP B 21 5.98 13.05 10.97
N THR B 22 6.14 12.24 9.92
CA THR B 22 5.59 12.58 8.61
C THR B 22 5.68 11.37 7.67
N ILE B 23 4.71 11.26 6.76
CA ILE B 23 4.68 10.16 5.81
C ILE B 23 6.03 10.04 5.08
N ASP B 24 6.56 11.18 4.67
CA ASP B 24 7.85 11.20 3.97
C ASP B 24 8.92 10.51 4.81
N ASN B 25 8.87 10.74 6.12
CA ASN B 25 9.83 10.12 7.04
C ASN B 25 9.79 8.60 6.89
N VAL B 26 8.57 8.07 6.84
CA VAL B 26 8.38 6.63 6.68
C VAL B 26 9.02 6.16 5.37
N LYS B 27 8.86 6.99 4.33
CA LYS B 27 9.41 6.68 3.02
C LYS B 27 10.93 6.50 3.11
N SER B 28 11.59 7.42 3.79
CA SER B 28 13.05 7.38 3.95
C SER B 28 13.49 6.15 4.72
N LYS B 29 12.79 5.82 5.78
CA LYS B 29 13.13 4.67 6.61
C LYS B 29 13.04 3.37 5.82
N ILE B 30 11.96 3.23 5.05
CA ILE B 30 11.74 2.03 4.24
C ILE B 30 12.81 1.85 3.17
N GLN B 31 13.04 2.90 2.39
CA GLN B 31 14.03 2.85 1.32
C GLN B 31 15.43 2.55 1.86
N ASP B 32 15.88 3.38 2.80
CA ASP B 32 17.20 3.21 3.40
C ASP B 32 17.36 1.81 3.96
N LYS B 33 16.31 1.30 4.60
CA LYS B 33 16.36 -0.03 5.20
C LYS B 33 16.37 -1.14 4.14
N GLU B 34 15.26 -1.31 3.44
CA GLU B 34 15.14 -2.34 2.41
C GLU B 34 16.01 -2.03 1.18
N GLY B 35 15.83 -0.85 0.61
CA GLY B 35 16.59 -0.46 -0.55
C GLY B 35 15.72 -0.26 -1.78
N ILE B 36 14.81 0.71 -1.71
CA ILE B 36 13.91 0.97 -2.83
C ILE B 36 13.75 2.48 -3.07
N PRO B 37 13.87 2.93 -4.33
CA PRO B 37 13.73 4.35 -4.67
C PRO B 37 12.44 4.95 -4.12
N PRO B 38 12.51 6.17 -3.56
CA PRO B 38 11.35 6.85 -2.98
C PRO B 38 10.23 7.08 -4.01
N ASP B 39 10.61 7.53 -5.20
CA ASP B 39 9.63 7.79 -6.25
C ASP B 39 8.92 6.52 -6.70
N GLN B 40 9.66 5.42 -6.81
CA GLN B 40 9.10 4.14 -7.24
C GLN B 40 8.23 3.52 -6.14
N GLN B 41 8.74 3.49 -4.92
CA GLN B 41 8.00 2.91 -3.80
C GLN B 41 6.72 3.70 -3.54
N ARG B 42 5.62 2.99 -3.35
CA ARG B 42 4.33 3.63 -3.09
C ARG B 42 3.62 2.94 -1.93
N LEU B 43 3.45 3.68 -0.83
CA LEU B 43 2.78 3.15 0.34
C LEU B 43 1.28 3.35 0.29
N ILE B 44 0.54 2.25 0.32
CA ILE B 44 -0.91 2.30 0.28
C ILE B 44 -1.50 2.12 1.68
N PHE B 45 -2.58 2.85 1.94
CA PHE B 45 -3.25 2.79 3.23
C PHE B 45 -4.64 3.40 3.11
N ALA B 46 -5.61 2.81 3.78
CA ALA B 46 -6.98 3.29 3.72
C ALA B 46 -7.47 3.34 2.28
N GLY B 47 -7.00 2.37 1.49
CA GLY B 47 -7.38 2.29 0.09
C GLY B 47 -6.80 3.39 -0.78
N LYS B 48 -5.65 3.93 -0.39
CA LYS B 48 -5.00 4.98 -1.18
C LYS B 48 -3.62 5.34 -0.63
N GLN B 49 -2.69 5.65 -1.55
CA GLN B 49 -1.33 6.01 -1.16
C GLN B 49 -1.33 7.22 -0.23
N LEU B 50 -0.50 7.15 0.81
CA LEU B 50 -0.40 8.23 1.78
C LEU B 50 0.40 9.40 1.19
N GLU B 51 -0.16 10.61 1.31
CA GLU B 51 0.50 11.80 0.80
C GLU B 51 1.78 12.11 1.57
N ASP B 52 2.83 12.46 0.84
CA ASP B 52 4.11 12.79 1.44
C ASP B 52 4.00 14.08 2.26
N GLY B 53 4.63 14.08 3.44
CA GLY B 53 4.59 15.25 4.28
C GLY B 53 3.29 15.39 5.04
N ARG B 54 2.77 14.28 5.55
CA ARG B 54 1.53 14.29 6.31
C ARG B 54 1.71 13.60 7.66
N THR B 55 1.22 14.25 8.72
CA THR B 55 1.32 13.71 10.08
C THR B 55 0.45 12.47 10.24
N LEU B 56 0.93 11.52 11.05
CA LEU B 56 0.20 10.29 11.32
C LEU B 56 -1.22 10.60 11.81
N SER B 57 -1.32 11.60 12.67
CA SER B 57 -2.60 12.00 13.25
C SER B 57 -3.59 12.43 12.16
N ASP B 58 -3.05 13.01 11.08
CA ASP B 58 -3.89 13.48 9.97
C ASP B 58 -4.79 12.36 9.45
N TYR B 59 -4.19 11.23 9.08
CA TYR B 59 -4.96 10.09 8.57
C TYR B 59 -5.53 9.27 9.72
N ASN B 60 -5.62 9.89 10.90
CA ASN B 60 -6.15 9.21 12.08
C ASN B 60 -5.47 7.86 12.28
N ILE B 61 -4.19 7.79 11.93
CA ILE B 61 -3.42 6.57 12.07
C ILE B 61 -3.17 6.23 13.54
N GLN B 62 -3.54 5.01 13.93
CA GLN B 62 -3.36 4.57 15.30
C GLN B 62 -1.95 4.02 15.51
N LYS B 63 -1.81 3.14 16.50
CA LYS B 63 -0.52 2.53 16.81
C LYS B 63 -0.45 1.11 16.27
N GLU B 64 0.73 0.70 15.81
CA GLU B 64 0.91 -0.64 15.26
C GLU B 64 0.01 -0.85 14.05
N SER B 65 -0.09 0.18 13.22
CA SER B 65 -0.93 0.11 12.02
C SER B 65 -0.32 -0.84 10.99
N THR B 66 -0.59 -0.58 9.71
CA THR B 66 -0.07 -1.41 8.64
C THR B 66 -0.06 -0.65 7.31
N LEU B 67 1.09 -0.66 6.65
CA LEU B 67 1.24 0.02 5.37
C LEU B 67 1.71 -0.96 4.29
N HIS B 68 1.09 -0.88 3.12
CA HIS B 68 1.46 -1.77 2.01
C HIS B 68 2.43 -1.09 1.05
N LEU B 69 3.54 -1.78 0.79
CA LEU B 69 4.55 -1.26 -0.13
C LEU B 69 4.32 -1.84 -1.52
N VAL B 70 4.23 -0.97 -2.52
CA VAL B 70 4.01 -1.41 -3.90
C VAL B 70 4.82 -0.59 -4.88
N LEU B 71 5.48 -1.28 -5.80
CA LEU B 71 6.31 -0.63 -6.82
C LEU B 71 5.46 0.01 -7.91
N ARG B 72 5.78 1.26 -8.26
CA ARG B 72 5.06 1.98 -9.30
C ARG B 72 5.42 1.46 -10.68
N LEU B 73 5.68 2.36 -11.62
CA LEU B 73 6.04 1.99 -12.98
C LEU B 73 7.36 1.21 -13.00
N ARG B 74 7.40 0.16 -13.82
CA ARG B 74 8.60 -0.68 -13.93
C ARG B 74 8.46 -1.61 -15.13
N GLY B 75 8.06 -1.05 -16.26
CA GLY B 75 7.89 -1.84 -17.47
C GLY B 75 9.19 -2.45 -17.96
N GLY B 76 9.12 -3.71 -18.36
CA GLY B 76 10.31 -4.40 -18.84
C GLY B 76 11.38 -4.53 -17.79
N ASN A 1 -5.88 -22.16 -11.41
CA ASN A 1 -4.46 -22.41 -11.68
C ASN A 1 -3.61 -21.21 -11.27
N ASP A 2 -4.00 -20.03 -11.71
CA ASP A 2 -3.27 -18.81 -11.40
C ASP A 2 -3.38 -18.48 -9.91
N ASP A 3 -2.24 -18.20 -9.28
CA ASP A 3 -2.20 -17.88 -7.86
C ASP A 3 -2.55 -16.42 -7.63
N HIS A 4 -3.55 -15.91 -8.35
CA HIS A 4 -3.96 -14.53 -8.20
C HIS A 4 -4.65 -14.31 -6.86
N GLU A 5 -5.18 -15.40 -6.30
CA GLU A 5 -5.87 -15.33 -5.02
C GLU A 5 -5.02 -14.62 -3.97
N SER A 6 -3.72 -14.87 -4.01
CA SER A 6 -2.79 -14.23 -3.08
C SER A 6 -2.90 -12.71 -3.25
N LYS A 7 -2.86 -12.28 -4.50
CA LYS A 7 -2.98 -10.86 -4.82
C LYS A 7 -4.33 -10.35 -4.35
N LEU A 8 -5.35 -11.20 -4.49
CA LEU A 8 -6.70 -10.87 -4.05
C LEU A 8 -6.69 -10.60 -2.56
N SER A 9 -5.91 -11.41 -1.83
CA SER A 9 -5.80 -11.25 -0.40
C SER A 9 -5.26 -9.87 -0.07
N ILE A 10 -4.22 -9.46 -0.80
CA ILE A 10 -3.64 -8.14 -0.61
C ILE A 10 -4.73 -7.09 -0.80
N LEU A 11 -5.55 -7.30 -1.83
CA LEU A 11 -6.64 -6.39 -2.15
C LEU A 11 -7.61 -6.25 -0.99
N MET A 12 -7.92 -7.37 -0.34
CA MET A 12 -8.85 -7.34 0.80
C MET A 12 -8.31 -6.48 1.93
N ASP A 13 -7.06 -6.74 2.33
CA ASP A 13 -6.43 -5.98 3.39
C ASP A 13 -6.17 -4.54 2.95
N MET A 14 -5.83 -4.38 1.67
CA MET A 14 -5.56 -3.08 1.08
C MET A 14 -6.83 -2.24 0.97
N PHE A 15 -7.96 -2.91 0.73
CA PHE A 15 -9.24 -2.23 0.60
C PHE A 15 -10.34 -2.98 1.36
N PRO A 16 -10.22 -3.04 2.70
CA PRO A 16 -11.20 -3.74 3.54
C PRO A 16 -12.64 -3.35 3.23
N ALA A 17 -12.85 -2.05 3.03
CA ALA A 17 -14.18 -1.53 2.72
C ALA A 17 -14.72 -2.14 1.43
N ILE A 18 -13.87 -2.19 0.41
CA ILE A 18 -14.25 -2.75 -0.88
C ILE A 18 -14.46 -4.26 -0.78
N SER A 19 -15.56 -4.73 -1.37
CA SER A 19 -15.88 -6.16 -1.36
C SER A 19 -14.85 -6.96 -2.15
N LYS A 20 -14.50 -8.14 -1.65
CA LYS A 20 -13.53 -9.00 -2.30
C LYS A 20 -13.94 -9.31 -3.74
N SER A 21 -15.24 -9.49 -3.95
CA SER A 21 -15.77 -9.80 -5.28
C SER A 21 -15.35 -8.75 -6.29
N LYS A 22 -15.53 -7.48 -5.94
CA LYS A 22 -15.16 -6.37 -6.82
C LYS A 22 -13.67 -6.40 -7.13
N LEU A 23 -12.86 -6.56 -6.08
CA LEU A 23 -11.41 -6.61 -6.22
C LEU A 23 -11.01 -7.74 -7.18
N GLN A 24 -11.69 -8.87 -7.06
CA GLN A 24 -11.41 -10.03 -7.92
C GLN A 24 -11.69 -9.69 -9.38
N VAL A 25 -12.80 -9.00 -9.61
CA VAL A 25 -13.18 -8.60 -10.96
C VAL A 25 -12.11 -7.74 -11.62
N HIS A 26 -11.65 -6.72 -10.90
CA HIS A 26 -10.62 -5.83 -11.41
C HIS A 26 -9.34 -6.60 -11.71
N LEU A 27 -8.99 -7.52 -10.82
CA LEU A 27 -7.79 -8.33 -10.98
C LEU A 27 -7.87 -9.16 -12.26
N LEU A 28 -9.03 -9.74 -12.52
CA LEU A 28 -9.24 -10.56 -13.70
C LEU A 28 -9.07 -9.74 -14.97
N GLU A 29 -9.66 -8.55 -14.99
CA GLU A 29 -9.58 -7.67 -16.15
C GLU A 29 -8.13 -7.35 -16.51
N ASN A 30 -7.38 -6.83 -15.53
CA ASN A 30 -5.97 -6.49 -15.75
C ASN A 30 -5.08 -7.73 -15.65
N ASN A 31 -5.60 -8.85 -16.13
CA ASN A 31 -4.87 -10.13 -16.11
C ASN A 31 -4.63 -10.61 -14.69
N ASN A 32 -3.71 -9.94 -14.00
CA ASN A 32 -3.37 -10.28 -12.62
C ASN A 32 -2.24 -9.40 -12.11
N ASP A 33 -2.22 -8.14 -12.52
CA ASP A 33 -1.18 -7.20 -12.10
C ASP A 33 -1.67 -6.35 -10.92
N LEU A 34 -0.84 -6.28 -9.87
CA LEU A 34 -1.19 -5.50 -8.68
C LEU A 34 -0.92 -4.02 -8.88
N ASP A 35 0.22 -3.69 -9.48
CA ASP A 35 0.59 -2.29 -9.71
C ASP A 35 -0.49 -1.54 -10.47
N LEU A 36 -0.93 -2.11 -11.59
CA LEU A 36 -1.95 -1.49 -12.42
C LEU A 36 -3.32 -1.49 -11.74
N THR A 37 -3.80 -2.67 -11.39
CA THR A 37 -5.10 -2.81 -10.74
C THR A 37 -5.18 -1.96 -9.48
N ILE A 38 -4.33 -2.27 -8.50
CA ILE A 38 -4.32 -1.53 -7.24
C ILE A 38 -4.08 -0.05 -7.48
N GLY A 39 -3.19 0.28 -8.41
CA GLY A 39 -2.90 1.67 -8.71
C GLY A 39 -4.16 2.45 -9.00
N LEU A 40 -5.04 1.88 -9.83
CA LEU A 40 -6.30 2.53 -10.16
C LEU A 40 -7.24 2.55 -8.96
N LEU A 41 -7.24 1.46 -8.20
CA LEU A 41 -8.09 1.35 -7.01
C LEU A 41 -7.83 2.49 -6.03
N LEU A 42 -6.57 2.88 -5.87
CA LEU A 42 -6.22 3.95 -4.94
C LEU A 42 -7.02 5.22 -5.25
N LYS A 43 -7.02 5.61 -6.52
CA LYS A 43 -7.74 6.80 -6.96
C LYS A 43 -9.21 6.49 -7.21
N GLU A 44 -9.82 5.72 -6.31
CA GLU A 44 -11.23 5.36 -6.44
C GLU A 44 -12.14 6.55 -6.20
N ASN A 45 -11.87 7.29 -5.12
CA ASN A 45 -12.69 8.45 -4.76
C ASN A 45 -12.65 9.51 -5.86
N ASP A 46 -11.45 9.88 -6.28
CA ASP A 46 -11.28 10.89 -7.32
C ASP A 46 -11.87 10.43 -8.64
N ASP A 47 -12.67 11.30 -9.25
CA ASP A 47 -13.31 10.99 -10.54
C ASP A 47 -14.11 12.19 -11.04
N LYS A 48 -15.02 12.68 -10.19
CA LYS A 48 -15.84 13.82 -10.56
C LYS A 48 -15.04 15.12 -10.52
N SER A 49 -15.70 16.22 -10.16
CA SER A 49 -15.03 17.52 -10.07
C SER A 49 -13.99 17.52 -8.96
N MET B 1 6.54 5.08 17.19
CA MET B 1 5.61 3.92 17.22
C MET B 1 5.91 2.94 16.09
N GLN B 2 6.01 1.66 16.42
CA GLN B 2 6.30 0.62 15.44
C GLN B 2 5.15 0.44 14.45
N ILE B 3 5.51 0.22 13.19
CA ILE B 3 4.51 0.02 12.14
C ILE B 3 5.00 -1.04 11.14
N PHE B 4 4.11 -1.97 10.81
CA PHE B 4 4.46 -3.04 9.88
C PHE B 4 4.30 -2.61 8.42
N VAL B 5 5.29 -2.94 7.60
CA VAL B 5 5.26 -2.60 6.19
C VAL B 5 5.23 -3.86 5.34
N LYS B 6 4.03 -4.37 5.12
CA LYS B 6 3.84 -5.60 4.34
C LYS B 6 4.01 -5.33 2.85
N THR B 7 4.73 -6.21 2.17
CA THR B 7 4.97 -6.08 0.74
C THR B 7 4.13 -7.08 -0.05
N LEU B 8 3.82 -6.74 -1.30
CA LEU B 8 3.02 -7.61 -2.15
C LEU B 8 3.58 -9.04 -2.15
N THR B 9 4.90 -9.14 -2.22
CA THR B 9 5.56 -10.45 -2.23
C THR B 9 5.33 -11.20 -0.92
N GLY B 10 5.79 -10.62 0.18
CA GLY B 10 5.61 -11.25 1.48
C GLY B 10 6.65 -10.81 2.49
N LYS B 11 6.71 -9.51 2.75
CA LYS B 11 7.69 -8.97 3.69
C LYS B 11 7.08 -7.85 4.53
N THR B 12 7.12 -8.01 5.85
CA THR B 12 6.57 -7.01 6.77
C THR B 12 7.69 -6.26 7.48
N ILE B 13 8.33 -5.33 6.77
CA ILE B 13 9.41 -4.55 7.35
C ILE B 13 8.87 -3.56 8.40
N THR B 14 9.40 -3.67 9.62
CA THR B 14 8.97 -2.80 10.71
C THR B 14 9.79 -1.52 10.81
N LEU B 15 9.12 -0.40 10.98
CA LEU B 15 9.78 0.90 11.11
C LEU B 15 9.20 1.69 12.28
N GLU B 16 10.05 2.44 12.96
CA GLU B 16 9.63 3.25 14.09
C GLU B 16 9.39 4.69 13.67
N VAL B 17 8.21 5.22 13.98
CA VAL B 17 7.85 6.59 13.64
C VAL B 17 6.82 7.15 14.61
N GLU B 18 6.98 8.42 14.97
CA GLU B 18 6.07 9.07 15.91
C GLU B 18 4.68 9.21 15.31
N SER B 19 3.66 9.08 16.15
CA SER B 19 2.28 9.19 15.72
C SER B 19 2.03 10.54 15.05
N SER B 20 2.57 11.60 15.65
CA SER B 20 2.41 12.95 15.11
C SER B 20 3.58 13.31 14.19
N ASP B 21 4.12 12.31 13.50
CA ASP B 21 5.24 12.53 12.59
C ASP B 21 4.73 12.84 11.17
N THR B 22 5.16 12.07 10.18
CA THR B 22 4.73 12.28 8.81
C THR B 22 5.08 11.08 7.93
N ILE B 23 4.18 10.75 7.00
CA ILE B 23 4.38 9.62 6.10
C ILE B 23 5.73 9.70 5.39
N ASP B 24 6.09 10.91 4.96
CA ASP B 24 7.36 11.12 4.27
C ASP B 24 8.52 10.55 5.07
N ASN B 25 8.49 10.77 6.39
CA ASN B 25 9.53 10.27 7.27
C ASN B 25 9.59 8.75 7.23
N VAL B 26 8.41 8.11 7.23
CA VAL B 26 8.32 6.66 7.20
C VAL B 26 9.03 6.10 5.98
N LYS B 27 8.71 6.64 4.81
CA LYS B 27 9.34 6.20 3.56
C LYS B 27 10.84 6.44 3.61
N SER B 28 11.24 7.55 4.23
CA SER B 28 12.65 7.89 4.34
C SER B 28 13.42 6.80 5.07
N LYS B 29 12.88 6.35 6.20
CA LYS B 29 13.50 5.30 6.99
C LYS B 29 13.59 4.00 6.20
N ILE B 30 12.50 3.64 5.53
CA ILE B 30 12.46 2.42 4.74
C ILE B 30 13.53 2.47 3.64
N GLN B 31 13.68 3.63 3.02
CA GLN B 31 14.66 3.82 1.97
C GLN B 31 16.08 3.61 2.50
N ASP B 32 16.37 4.24 3.63
CA ASP B 32 17.68 4.13 4.25
C ASP B 32 17.99 2.69 4.65
N LYS B 33 16.97 1.98 5.13
CA LYS B 33 17.13 0.59 5.56
C LYS B 33 17.36 -0.35 4.39
N GLU B 34 16.30 -0.60 3.62
CA GLU B 34 16.36 -1.52 2.48
C GLU B 34 17.12 -0.92 1.28
N GLY B 35 16.90 0.36 1.04
CA GLY B 35 17.55 1.02 -0.08
C GLY B 35 16.74 0.92 -1.37
N ILE B 36 15.42 0.94 -1.22
CA ILE B 36 14.51 0.84 -2.36
C ILE B 36 14.15 2.23 -2.88
N PRO B 37 14.22 2.44 -4.22
CA PRO B 37 13.89 3.73 -4.83
C PRO B 37 12.49 4.21 -4.44
N PRO B 38 12.35 5.49 -4.05
CA PRO B 38 11.06 6.05 -3.65
C PRO B 38 10.02 5.96 -4.77
N ASP B 39 10.45 6.19 -6.00
CA ASP B 39 9.56 6.13 -7.15
C ASP B 39 9.08 4.70 -7.40
N GLN B 40 10.00 3.74 -7.30
CA GLN B 40 9.67 2.34 -7.53
C GLN B 40 8.98 1.72 -6.33
N GLN B 41 8.17 2.51 -5.62
CA GLN B 41 7.45 2.03 -4.46
C GLN B 41 6.30 2.97 -4.12
N ARG B 42 5.14 2.41 -3.80
CA ARG B 42 3.96 3.20 -3.46
C ARG B 42 3.33 2.71 -2.17
N LEU B 43 3.19 3.61 -1.20
CA LEU B 43 2.59 3.27 0.09
C LEU B 43 1.07 3.22 -0.02
N ILE B 44 0.48 2.13 0.43
CA ILE B 44 -0.97 1.97 0.38
C ILE B 44 -1.53 1.50 1.72
N PHE B 45 -2.63 2.12 2.13
CA PHE B 45 -3.28 1.80 3.39
C PHE B 45 -4.74 2.22 3.36
N ALA B 46 -5.57 1.51 4.14
CA ALA B 46 -7.01 1.78 4.20
C ALA B 46 -7.69 1.40 2.88
N GLY B 47 -7.34 2.13 1.82
CA GLY B 47 -7.90 1.86 0.52
C GLY B 47 -7.35 2.78 -0.55
N LYS B 48 -6.17 3.33 -0.30
CA LYS B 48 -5.54 4.24 -1.27
C LYS B 48 -4.12 4.60 -0.84
N GLN B 49 -3.34 5.15 -1.77
CA GLN B 49 -1.97 5.54 -1.51
C GLN B 49 -1.92 6.68 -0.49
N LEU B 50 -1.12 6.51 0.55
CA LEU B 50 -0.99 7.53 1.60
C LEU B 50 -0.11 8.69 1.13
N GLU B 51 -0.56 9.91 1.41
CA GLU B 51 0.17 11.11 1.02
C GLU B 51 1.51 11.19 1.75
N ASP B 52 2.56 11.59 1.02
CA ASP B 52 3.90 11.72 1.59
C ASP B 52 4.05 13.01 2.39
N GLY B 53 3.11 13.26 3.29
CA GLY B 53 3.16 14.47 4.10
C GLY B 53 1.97 14.60 5.03
N ARG B 54 1.69 13.55 5.78
CA ARG B 54 0.56 13.53 6.71
C ARG B 54 0.85 12.69 7.94
N THR B 55 0.46 13.19 9.11
CA THR B 55 0.68 12.49 10.37
C THR B 55 -0.07 11.17 10.43
N LEU B 56 0.47 10.22 11.18
CA LEU B 56 -0.15 8.90 11.34
C LEU B 56 -1.57 9.02 11.89
N SER B 57 -1.73 9.87 12.91
CA SER B 57 -3.02 10.08 13.56
C SER B 57 -4.07 10.56 12.56
N ASP B 58 -3.63 11.26 11.51
CA ASP B 58 -4.55 11.78 10.51
C ASP B 58 -5.43 10.66 9.93
N TYR B 59 -4.80 9.59 9.46
CA TYR B 59 -5.55 8.46 8.90
C TYR B 59 -6.01 7.53 9.99
N ASN B 60 -6.01 8.01 11.24
CA ASN B 60 -6.43 7.20 12.37
C ASN B 60 -5.67 5.87 12.38
N ILE B 61 -4.40 5.93 11.98
CA ILE B 61 -3.55 4.75 11.93
C ILE B 61 -3.33 4.16 13.32
N GLN B 62 -3.62 2.86 13.45
CA GLN B 62 -3.47 2.16 14.71
C GLN B 62 -2.05 1.62 14.86
N LYS B 63 -1.54 1.59 16.09
CA LYS B 63 -0.19 1.09 16.36
C LYS B 63 0.04 -0.26 15.69
N GLU B 64 1.25 -0.46 15.17
CA GLU B 64 1.60 -1.70 14.50
C GLU B 64 0.70 -1.94 13.29
N SER B 65 0.39 -0.86 12.58
CA SER B 65 -0.47 -0.93 11.40
C SER B 65 0.24 -1.65 10.26
N THR B 66 -0.51 -2.45 9.51
CA THR B 66 0.04 -3.20 8.40
C THR B 66 -0.15 -2.48 7.05
N LEU B 67 0.79 -1.60 6.72
CA LEU B 67 0.73 -0.85 5.46
C LEU B 67 1.34 -1.67 4.34
N HIS B 68 0.66 -1.73 3.20
CA HIS B 68 1.15 -2.49 2.06
C HIS B 68 1.89 -1.60 1.07
N LEU B 69 3.09 -2.04 0.69
CA LEU B 69 3.92 -1.30 -0.26
C LEU B 69 4.01 -2.02 -1.60
N VAL B 70 3.57 -1.36 -2.65
CA VAL B 70 3.61 -1.94 -3.99
C VAL B 70 4.85 -1.48 -4.76
N LEU B 71 5.70 -2.43 -5.13
CA LEU B 71 6.93 -2.12 -5.87
C LEU B 71 6.64 -1.96 -7.35
N ARG B 72 7.23 -0.94 -7.96
CA ARG B 72 7.04 -0.67 -9.38
C ARG B 72 7.70 -1.76 -10.23
N LEU B 73 8.98 -2.02 -9.97
CA LEU B 73 9.73 -3.03 -10.71
C LEU B 73 9.22 -4.44 -10.40
N ARG B 74 9.03 -5.24 -11.44
CA ARG B 74 8.55 -6.60 -11.28
C ARG B 74 9.57 -7.44 -10.52
N GLY B 75 9.08 -8.25 -9.58
CA GLY B 75 9.96 -9.09 -8.79
C GLY B 75 9.20 -9.96 -7.81
N GLY B 76 8.12 -10.57 -8.27
CA GLY B 76 7.32 -11.43 -7.42
C GLY B 76 6.17 -12.08 -8.16
N ASN A 1 -2.06 -16.58 -17.12
CA ASN A 1 -2.42 -16.21 -15.75
C ASN A 1 -2.55 -17.46 -14.88
N ASP A 2 -2.08 -17.36 -13.64
CA ASP A 2 -2.14 -18.47 -12.71
C ASP A 2 -1.81 -18.02 -11.29
N ASP A 3 -2.54 -18.56 -10.33
CA ASP A 3 -2.34 -18.23 -8.91
C ASP A 3 -2.62 -16.76 -8.67
N HIS A 4 -3.66 -16.23 -9.29
CA HIS A 4 -4.03 -14.83 -9.12
C HIS A 4 -4.68 -14.61 -7.76
N GLU A 5 -5.24 -15.69 -7.20
CA GLU A 5 -5.91 -15.63 -5.91
C GLU A 5 -5.01 -14.98 -4.86
N SER A 6 -3.71 -15.23 -4.95
CA SER A 6 -2.77 -14.63 -4.01
C SER A 6 -2.85 -13.11 -4.09
N LYS A 7 -2.87 -12.61 -5.32
CA LYS A 7 -2.98 -11.18 -5.55
C LYS A 7 -4.32 -10.70 -5.02
N LEU A 8 -5.35 -11.52 -5.25
CA LEU A 8 -6.69 -11.22 -4.78
C LEU A 8 -6.67 -11.09 -3.27
N SER A 9 -5.86 -11.94 -2.63
CA SER A 9 -5.71 -11.93 -1.19
C SER A 9 -5.18 -10.57 -0.75
N ILE A 10 -4.18 -10.07 -1.46
CA ILE A 10 -3.62 -8.77 -1.14
C ILE A 10 -4.70 -7.70 -1.25
N LEU A 11 -5.56 -7.84 -2.25
CA LEU A 11 -6.65 -6.89 -2.46
C LEU A 11 -7.58 -6.82 -1.26
N MET A 12 -7.94 -7.99 -0.72
CA MET A 12 -8.83 -8.06 0.43
C MET A 12 -8.21 -7.41 1.67
N ASP A 13 -6.97 -7.78 1.97
CA ASP A 13 -6.28 -7.24 3.15
C ASP A 13 -5.96 -5.76 2.96
N MET A 14 -5.40 -5.42 1.80
CA MET A 14 -5.03 -4.04 1.50
C MET A 14 -6.24 -3.11 1.58
N PHE A 15 -7.35 -3.56 0.99
CA PHE A 15 -8.58 -2.77 0.99
C PHE A 15 -9.58 -3.33 1.98
N PRO A 16 -9.56 -2.86 3.24
CA PRO A 16 -10.49 -3.33 4.28
C PRO A 16 -11.88 -2.71 4.15
N ALA A 17 -12.40 -2.67 2.92
CA ALA A 17 -13.72 -2.10 2.67
C ALA A 17 -14.17 -2.37 1.24
N ILE A 18 -13.93 -3.59 0.77
CA ILE A 18 -14.32 -3.98 -0.59
C ILE A 18 -14.64 -5.47 -0.64
N SER A 19 -15.77 -5.81 -1.27
CA SER A 19 -16.19 -7.19 -1.40
C SER A 19 -15.18 -8.00 -2.21
N LYS A 20 -14.91 -9.23 -1.76
CA LYS A 20 -13.96 -10.10 -2.44
C LYS A 20 -14.35 -10.31 -3.89
N SER A 21 -15.65 -10.50 -4.14
CA SER A 21 -16.15 -10.72 -5.49
C SER A 21 -15.74 -9.57 -6.40
N LYS A 22 -15.94 -8.34 -5.94
CA LYS A 22 -15.58 -7.17 -6.72
C LYS A 22 -14.10 -7.16 -7.06
N LEU A 23 -13.27 -7.45 -6.07
CA LEU A 23 -11.82 -7.49 -6.25
C LEU A 23 -11.44 -8.49 -7.34
N GLN A 24 -12.09 -9.66 -7.32
CA GLN A 24 -11.83 -10.69 -8.32
C GLN A 24 -12.17 -10.19 -9.71
N VAL A 25 -13.31 -9.51 -9.83
CA VAL A 25 -13.76 -8.98 -11.11
C VAL A 25 -12.72 -8.04 -11.71
N HIS A 26 -12.28 -7.06 -10.93
CA HIS A 26 -11.29 -6.10 -11.40
C HIS A 26 -9.98 -6.78 -11.77
N LEU A 27 -9.56 -7.72 -10.92
CA LEU A 27 -8.32 -8.46 -11.14
C LEU A 27 -8.30 -9.14 -12.51
N LEU A 28 -9.39 -9.83 -12.85
CA LEU A 28 -9.50 -10.53 -14.13
C LEU A 28 -9.59 -9.56 -15.30
N GLU A 29 -10.48 -8.58 -15.18
CA GLU A 29 -10.68 -7.59 -16.25
C GLU A 29 -9.37 -6.96 -16.69
N ASN A 30 -8.56 -6.55 -15.73
CA ASN A 30 -7.28 -5.92 -16.04
C ASN A 30 -6.34 -6.90 -16.73
N ASN A 31 -5.72 -7.79 -15.95
CA ASN A 31 -4.79 -8.77 -16.49
C ASN A 31 -3.99 -9.45 -15.38
N ASN A 32 -4.66 -9.71 -14.25
CA ASN A 32 -4.01 -10.36 -13.11
C ASN A 32 -2.79 -9.54 -12.64
N ASP A 33 -3.00 -8.25 -12.44
CA ASP A 33 -1.92 -7.37 -11.99
C ASP A 33 -2.39 -6.48 -10.84
N LEU A 34 -1.62 -6.47 -9.75
CA LEU A 34 -1.95 -5.67 -8.59
C LEU A 34 -1.62 -4.19 -8.79
N ASP A 35 -0.46 -3.92 -9.38
CA ASP A 35 -0.03 -2.55 -9.62
C ASP A 35 -1.09 -1.76 -10.40
N LEU A 36 -1.59 -2.37 -11.47
CA LEU A 36 -2.60 -1.73 -12.32
C LEU A 36 -3.92 -1.58 -11.56
N THR A 37 -4.48 -2.70 -11.12
CA THR A 37 -5.74 -2.71 -10.39
C THR A 37 -5.67 -1.81 -9.16
N ILE A 38 -4.81 -2.16 -8.22
CA ILE A 38 -4.65 -1.39 -7.00
C ILE A 38 -4.40 0.08 -7.33
N GLY A 39 -3.56 0.33 -8.32
CA GLY A 39 -3.27 1.70 -8.71
C GLY A 39 -4.55 2.46 -8.98
N LEU A 40 -5.50 1.79 -9.63
CA LEU A 40 -6.80 2.37 -9.93
C LEU A 40 -7.59 2.60 -8.65
N LEU A 41 -7.56 1.60 -7.76
CA LEU A 41 -8.27 1.67 -6.48
C LEU A 41 -7.85 2.91 -5.69
N LEU A 42 -6.53 3.17 -5.63
CA LEU A 42 -6.02 4.32 -4.91
C LEU A 42 -6.64 5.60 -5.48
N LYS A 43 -6.63 5.70 -6.79
CA LYS A 43 -7.20 6.85 -7.48
C LYS A 43 -8.69 6.65 -7.75
N GLU A 44 -9.40 6.11 -6.76
CA GLU A 44 -10.83 5.86 -6.90
C GLU A 44 -11.59 7.17 -7.10
N ASN A 45 -11.33 8.14 -6.23
CA ASN A 45 -11.99 9.44 -6.32
C ASN A 45 -11.55 10.20 -7.56
N ASP A 46 -10.24 10.20 -7.81
CA ASP A 46 -9.68 10.89 -8.96
C ASP A 46 -10.06 12.38 -8.93
N ASP A 47 -9.86 12.99 -7.77
CA ASP A 47 -10.17 14.41 -7.57
C ASP A 47 -9.75 14.85 -6.18
N LYS A 48 -9.15 16.04 -6.09
CA LYS A 48 -8.71 16.58 -4.82
C LYS A 48 -9.86 16.66 -3.82
N SER A 49 -9.60 16.21 -2.60
CA SER A 49 -10.62 16.23 -1.56
C SER A 49 -11.05 17.66 -1.24
N MET B 1 6.27 5.48 18.29
CA MET B 1 5.35 4.37 17.90
C MET B 1 5.84 3.67 16.63
N GLN B 2 5.88 2.35 16.67
CA GLN B 2 6.31 1.56 15.52
C GLN B 2 5.16 1.30 14.56
N ILE B 3 5.48 1.28 13.25
CA ILE B 3 4.48 1.06 12.25
C ILE B 3 4.91 -0.05 11.29
N PHE B 4 3.96 -0.90 10.91
CA PHE B 4 4.24 -2.02 10.02
C PHE B 4 4.21 -1.59 8.55
N VAL B 5 5.06 -2.22 7.75
CA VAL B 5 5.14 -1.92 6.32
C VAL B 5 5.35 -3.21 5.54
N LYS B 6 4.24 -3.82 5.11
CA LYS B 6 4.32 -5.08 4.35
C LYS B 6 4.33 -4.83 2.85
N THR B 7 5.23 -5.52 2.17
CA THR B 7 5.35 -5.40 0.72
C THR B 7 4.20 -6.13 0.02
N LEU B 8 3.79 -5.62 -1.13
CA LEU B 8 2.70 -6.22 -1.90
C LEU B 8 2.91 -7.73 -2.04
N THR B 9 4.17 -8.13 -2.15
CA THR B 9 4.50 -9.55 -2.29
C THR B 9 4.16 -10.34 -1.02
N GLY B 10 4.75 -9.93 0.10
CA GLY B 10 4.50 -10.62 1.36
C GLY B 10 5.64 -10.52 2.35
N LYS B 11 5.93 -9.31 2.81
CA LYS B 11 7.01 -9.10 3.77
C LYS B 11 6.78 -7.85 4.63
N THR B 12 6.48 -8.05 5.90
CA THR B 12 6.24 -6.95 6.82
C THR B 12 7.54 -6.35 7.34
N ILE B 13 7.57 -5.03 7.50
CA ILE B 13 8.75 -4.34 7.99
C ILE B 13 8.36 -3.32 9.07
N THR B 14 8.89 -3.51 10.28
CA THR B 14 8.59 -2.61 11.38
C THR B 14 9.58 -1.45 11.46
N LEU B 15 9.07 -0.25 11.64
CA LEU B 15 9.90 0.95 11.75
C LEU B 15 9.45 1.82 12.91
N GLU B 16 10.41 2.52 13.53
CA GLU B 16 10.10 3.40 14.66
C GLU B 16 9.93 4.84 14.17
N VAL B 17 8.76 5.43 14.43
CA VAL B 17 8.48 6.80 14.00
C VAL B 17 7.47 7.47 14.92
N GLU B 18 7.72 8.74 15.23
CA GLU B 18 6.82 9.52 16.09
C GLU B 18 5.48 9.75 15.42
N SER B 19 4.42 9.79 16.21
CA SER B 19 3.09 10.03 15.68
C SER B 19 3.02 11.38 14.98
N SER B 20 3.66 12.38 15.57
CA SER B 20 3.68 13.73 15.01
C SER B 20 4.82 13.90 14.03
N ASP B 21 5.21 12.81 13.38
CA ASP B 21 6.31 12.85 12.41
C ASP B 21 5.74 13.11 11.01
N THR B 22 6.21 12.36 10.01
CA THR B 22 5.73 12.53 8.64
C THR B 22 6.05 11.32 7.78
N ILE B 23 5.17 11.01 6.84
CA ILE B 23 5.35 9.87 5.94
C ILE B 23 6.74 9.88 5.31
N ASP B 24 7.20 11.06 4.93
CA ASP B 24 8.51 11.20 4.31
C ASP B 24 9.60 10.66 5.23
N ASN B 25 9.50 10.98 6.51
CA ASN B 25 10.46 10.53 7.50
C ASN B 25 10.41 9.01 7.68
N VAL B 26 9.20 8.46 7.78
CA VAL B 26 9.04 7.02 7.94
C VAL B 26 9.68 6.26 6.79
N LYS B 27 9.30 6.63 5.57
CA LYS B 27 9.85 6.01 4.38
C LYS B 27 11.33 6.27 4.27
N SER B 28 11.78 7.40 4.82
CA SER B 28 13.19 7.74 4.79
C SER B 28 13.99 6.68 5.53
N LYS B 29 13.52 6.34 6.73
CA LYS B 29 14.17 5.31 7.54
C LYS B 29 14.13 3.99 6.79
N ILE B 30 12.99 3.69 6.18
CA ILE B 30 12.83 2.47 5.41
C ILE B 30 13.80 2.45 4.23
N GLN B 31 14.05 3.64 3.68
CA GLN B 31 14.96 3.79 2.55
C GLN B 31 16.37 3.35 2.94
N ASP B 32 16.85 3.85 4.07
CA ASP B 32 18.18 3.50 4.55
C ASP B 32 18.25 2.03 4.92
N LYS B 33 17.16 1.51 5.47
CA LYS B 33 17.08 0.12 5.89
C LYS B 33 17.14 -0.85 4.69
N GLU B 34 16.09 -0.86 3.88
CA GLU B 34 16.01 -1.74 2.73
C GLU B 34 16.80 -1.21 1.53
N GLY B 35 16.71 0.09 1.29
CA GLY B 35 17.40 0.68 0.15
C GLY B 35 16.61 0.56 -1.13
N ILE B 36 15.29 0.69 -1.01
CA ILE B 36 14.39 0.60 -2.16
C ILE B 36 14.08 1.98 -2.72
N PRO B 37 14.19 2.16 -4.05
CA PRO B 37 13.92 3.46 -4.69
C PRO B 37 12.56 4.02 -4.31
N PRO B 38 12.48 5.34 -4.05
CA PRO B 38 11.23 6.00 -3.67
C PRO B 38 10.17 5.98 -4.77
N ASP B 39 10.59 6.28 -5.99
CA ASP B 39 9.68 6.30 -7.13
C ASP B 39 9.04 4.93 -7.36
N GLN B 40 9.85 3.88 -7.30
CA GLN B 40 9.37 2.52 -7.51
C GLN B 40 8.39 2.11 -6.42
N GLN B 41 8.77 2.32 -5.16
CA GLN B 41 7.91 1.95 -4.04
C GLN B 41 6.64 2.80 -4.01
N ARG B 42 5.49 2.14 -3.86
CA ARG B 42 4.21 2.84 -3.82
C ARG B 42 3.54 2.65 -2.46
N LEU B 43 3.32 3.77 -1.77
CA LEU B 43 2.69 3.75 -0.46
C LEU B 43 1.18 3.54 -0.58
N ILE B 44 0.66 2.52 0.11
CA ILE B 44 -0.76 2.23 0.06
C ILE B 44 -1.33 1.92 1.44
N PHE B 45 -2.47 2.53 1.73
CA PHE B 45 -3.15 2.34 3.00
C PHE B 45 -4.55 2.94 2.90
N ALA B 46 -5.53 2.30 3.53
CA ALA B 46 -6.90 2.76 3.48
C ALA B 46 -7.38 2.83 2.03
N GLY B 47 -6.89 1.91 1.22
CA GLY B 47 -7.25 1.87 -0.18
C GLY B 47 -6.92 3.18 -0.89
N LYS B 48 -5.85 3.82 -0.46
CA LYS B 48 -5.42 5.09 -1.04
C LYS B 48 -3.91 5.28 -0.89
N GLN B 49 -3.27 5.80 -1.94
CA GLN B 49 -1.83 6.05 -1.91
C GLN B 49 -1.50 7.11 -0.87
N LEU B 50 -0.57 6.80 0.03
CA LEU B 50 -0.19 7.74 1.07
C LEU B 50 0.87 8.72 0.57
N GLU B 51 0.64 10.01 0.81
CA GLU B 51 1.57 11.05 0.39
C GLU B 51 2.71 11.17 1.39
N ASP B 52 3.93 11.33 0.87
CA ASP B 52 5.11 11.46 1.72
C ASP B 52 4.99 12.69 2.62
N GLY B 53 4.65 13.83 2.03
CA GLY B 53 4.50 15.05 2.80
C GLY B 53 3.17 15.13 3.51
N ARG B 54 2.90 14.19 4.41
CA ARG B 54 1.64 14.19 5.15
C ARG B 54 1.81 13.53 6.52
N THR B 55 1.22 14.14 7.54
CA THR B 55 1.31 13.64 8.91
C THR B 55 0.43 12.42 9.13
N LEU B 56 0.87 11.54 10.04
CA LEU B 56 0.13 10.32 10.37
C LEU B 56 -1.28 10.65 10.84
N SER B 57 -1.40 11.71 11.62
CA SER B 57 -2.69 12.14 12.16
C SER B 57 -3.76 12.28 11.08
N ASP B 58 -3.37 12.76 9.91
CA ASP B 58 -4.32 12.96 8.81
C ASP B 58 -5.07 11.68 8.47
N TYR B 59 -4.33 10.62 8.13
CA TYR B 59 -4.95 9.34 7.78
C TYR B 59 -5.41 8.58 9.02
N ASN B 60 -5.44 9.27 10.16
CA ASN B 60 -5.87 8.65 11.41
C ASN B 60 -5.16 7.32 11.64
N ILE B 61 -3.90 7.25 11.21
CA ILE B 61 -3.12 6.03 11.36
C ILE B 61 -2.87 5.73 12.84
N GLN B 62 -3.29 4.54 13.27
CA GLN B 62 -3.12 4.12 14.65
C GLN B 62 -1.69 3.65 14.90
N LYS B 63 -1.51 2.83 15.93
CA LYS B 63 -0.20 2.29 16.27
C LYS B 63 0.01 0.93 15.61
N GLU B 64 1.23 0.68 15.15
CA GLU B 64 1.57 -0.59 14.50
C GLU B 64 0.69 -0.83 13.28
N SER B 65 0.37 0.23 12.56
CA SER B 65 -0.46 0.14 11.37
C SER B 65 0.32 -0.49 10.22
N THR B 66 -0.31 -1.41 9.50
CA THR B 66 0.34 -2.08 8.38
C THR B 66 0.14 -1.30 7.09
N LEU B 67 1.24 -1.02 6.40
CA LEU B 67 1.19 -0.28 5.14
C LEU B 67 1.71 -1.15 4.00
N HIS B 68 0.97 -1.20 2.91
CA HIS B 68 1.37 -2.00 1.75
C HIS B 68 2.22 -1.18 0.79
N LEU B 69 3.36 -1.74 0.42
CA LEU B 69 4.28 -1.09 -0.50
C LEU B 69 4.36 -1.87 -1.81
N VAL B 70 3.77 -1.31 -2.86
CA VAL B 70 3.78 -1.97 -4.17
C VAL B 70 4.95 -1.46 -5.02
N LEU B 71 5.78 -2.39 -5.47
CA LEU B 71 6.94 -2.04 -6.30
C LEU B 71 6.50 -1.73 -7.73
N ARG B 72 7.06 -0.66 -8.28
CA ARG B 72 6.74 -0.24 -9.64
C ARG B 72 7.14 -1.32 -10.63
N LEU B 73 8.36 -1.83 -10.49
CA LEU B 73 8.88 -2.87 -11.38
C LEU B 73 8.05 -4.13 -11.27
N ARG B 74 7.77 -4.76 -12.41
CA ARG B 74 6.99 -5.99 -12.46
C ARG B 74 7.84 -7.19 -12.07
N GLY B 75 8.61 -7.06 -11.01
CA GLY B 75 9.47 -8.14 -10.55
C GLY B 75 10.60 -8.43 -11.53
N GLY B 76 11.81 -8.58 -11.00
CA GLY B 76 12.95 -8.86 -11.83
C GLY B 76 13.26 -7.72 -12.79
N ASN A 1 0.95 -17.43 -14.73
CA ASN A 1 0.44 -17.02 -13.42
C ASN A 1 -0.93 -17.61 -13.14
N ASP A 2 -1.11 -18.11 -11.92
CA ASP A 2 -2.38 -18.70 -11.51
C ASP A 2 -2.65 -18.41 -10.04
N ASP A 3 -1.58 -18.36 -9.25
CA ASP A 3 -1.70 -18.08 -7.81
C ASP A 3 -1.98 -16.61 -7.54
N HIS A 4 -2.82 -16.00 -8.38
CA HIS A 4 -3.16 -14.60 -8.21
C HIS A 4 -3.95 -14.40 -6.93
N GLU A 5 -4.60 -15.45 -6.46
CA GLU A 5 -5.40 -15.40 -5.24
C GLU A 5 -4.58 -14.81 -4.10
N SER A 6 -3.30 -15.13 -4.07
CA SER A 6 -2.40 -14.58 -3.05
C SER A 6 -2.43 -13.07 -3.13
N LYS A 7 -2.29 -12.55 -4.34
CA LYS A 7 -2.33 -11.12 -4.58
C LYS A 7 -3.70 -10.59 -4.19
N LEU A 8 -4.73 -11.38 -4.50
CA LEU A 8 -6.09 -11.02 -4.16
C LEU A 8 -6.21 -10.82 -2.65
N SER A 9 -5.52 -11.69 -1.91
CA SER A 9 -5.51 -11.59 -0.46
C SER A 9 -4.93 -10.24 -0.06
N ILE A 10 -3.83 -9.88 -0.71
CA ILE A 10 -3.19 -8.59 -0.43
C ILE A 10 -4.19 -7.48 -0.66
N LEU A 11 -5.01 -7.64 -1.71
CA LEU A 11 -6.04 -6.66 -2.05
C LEU A 11 -7.05 -6.52 -0.92
N MET A 12 -7.50 -7.65 -0.39
CA MET A 12 -8.48 -7.65 0.70
C MET A 12 -7.97 -6.81 1.86
N ASP A 13 -6.75 -7.11 2.30
CA ASP A 13 -6.14 -6.38 3.40
C ASP A 13 -5.75 -4.97 2.95
N MET A 14 -5.44 -4.84 1.66
CA MET A 14 -5.05 -3.56 1.08
C MET A 14 -6.19 -2.55 1.20
N PHE A 15 -7.41 -2.99 0.90
CA PHE A 15 -8.57 -2.12 0.98
C PHE A 15 -9.60 -2.69 1.97
N PRO A 16 -9.77 -2.02 3.13
CA PRO A 16 -10.70 -2.46 4.16
C PRO A 16 -12.15 -2.07 3.87
N ALA A 17 -12.63 -2.40 2.67
CA ALA A 17 -14.00 -2.07 2.29
C ALA A 17 -14.42 -2.79 1.01
N ILE A 18 -13.54 -2.78 0.01
CA ILE A 18 -13.85 -3.42 -1.26
C ILE A 18 -14.03 -4.93 -1.09
N SER A 19 -15.10 -5.46 -1.70
CA SER A 19 -15.40 -6.88 -1.63
C SER A 19 -14.30 -7.69 -2.32
N LYS A 20 -13.97 -8.84 -1.75
CA LYS A 20 -12.95 -9.71 -2.33
C LYS A 20 -13.28 -10.07 -3.77
N SER A 21 -14.54 -10.36 -4.05
CA SER A 21 -14.98 -10.71 -5.39
C SER A 21 -14.70 -9.57 -6.36
N LYS A 22 -15.04 -8.36 -5.94
CA LYS A 22 -14.83 -7.18 -6.76
C LYS A 22 -13.34 -7.02 -7.10
N LEU A 23 -12.50 -7.16 -6.08
CA LEU A 23 -11.06 -7.06 -6.26
C LEU A 23 -10.57 -8.08 -7.29
N GLN A 24 -11.12 -9.28 -7.24
CA GLN A 24 -10.75 -10.33 -8.19
C GLN A 24 -11.07 -9.91 -9.62
N VAL A 25 -12.26 -9.34 -9.80
CA VAL A 25 -12.69 -8.87 -11.13
C VAL A 25 -11.71 -7.84 -11.68
N HIS A 26 -11.36 -6.86 -10.86
CA HIS A 26 -10.43 -5.81 -11.26
C HIS A 26 -9.07 -6.42 -11.61
N LEU A 27 -8.66 -7.40 -10.83
CA LEU A 27 -7.38 -8.07 -11.03
C LEU A 27 -7.33 -8.72 -12.42
N LEU A 28 -8.37 -9.49 -12.74
CA LEU A 28 -8.44 -10.17 -14.03
C LEU A 28 -8.39 -9.17 -15.19
N GLU A 29 -9.16 -8.10 -15.06
CA GLU A 29 -9.23 -7.08 -16.09
C GLU A 29 -7.88 -6.40 -16.31
N ASN A 30 -7.22 -6.01 -15.22
CA ASN A 30 -5.93 -5.33 -15.31
C ASN A 30 -4.78 -6.32 -15.56
N ASN A 31 -5.03 -7.32 -16.39
CA ASN A 31 -4.01 -8.32 -16.74
C ASN A 31 -3.31 -8.87 -15.50
N ASN A 32 -4.09 -9.13 -14.45
CA ASN A 32 -3.54 -9.67 -13.20
C ASN A 32 -2.40 -8.81 -12.68
N ASP A 33 -2.58 -7.50 -12.70
CA ASP A 33 -1.55 -6.58 -12.21
C ASP A 33 -2.04 -5.83 -10.98
N LEU A 34 -1.28 -5.92 -9.89
CA LEU A 34 -1.64 -5.24 -8.65
C LEU A 34 -1.35 -3.75 -8.73
N ASP A 35 -0.22 -3.39 -9.33
CA ASP A 35 0.15 -1.99 -9.47
C ASP A 35 -0.90 -1.19 -10.22
N LEU A 36 -1.42 -1.76 -11.31
CA LEU A 36 -2.44 -1.10 -12.12
C LEU A 36 -3.80 -1.11 -11.41
N THR A 37 -4.24 -2.30 -11.01
CA THR A 37 -5.53 -2.44 -10.33
C THR A 37 -5.59 -1.56 -9.10
N ILE A 38 -4.63 -1.73 -8.21
CA ILE A 38 -4.57 -0.94 -6.98
C ILE A 38 -4.43 0.54 -7.29
N GLY A 39 -3.52 0.86 -8.21
CA GLY A 39 -3.31 2.26 -8.58
C GLY A 39 -4.62 2.95 -8.88
N LEU A 40 -5.50 2.24 -9.58
CA LEU A 40 -6.82 2.76 -9.93
C LEU A 40 -7.68 2.91 -8.68
N LEU A 41 -7.65 1.88 -7.85
CA LEU A 41 -8.44 1.84 -6.61
C LEU A 41 -8.04 2.96 -5.64
N LEU A 42 -6.75 3.26 -5.54
CA LEU A 42 -6.28 4.31 -4.64
C LEU A 42 -7.08 5.59 -4.85
N LYS A 43 -7.28 5.95 -6.11
CA LYS A 43 -8.04 7.15 -6.46
C LYS A 43 -9.53 6.85 -6.47
N GLU A 44 -9.99 6.11 -5.46
CA GLU A 44 -11.40 5.75 -5.35
C GLU A 44 -12.29 6.98 -5.14
N ASN A 45 -11.87 7.86 -4.24
CA ASN A 45 -12.63 9.06 -3.95
C ASN A 45 -11.83 10.03 -3.06
N ASP A 46 -10.65 10.39 -3.51
CA ASP A 46 -9.78 11.30 -2.76
C ASP A 46 -10.42 12.69 -2.64
N ASP A 47 -9.61 13.74 -2.82
CA ASP A 47 -10.10 15.12 -2.72
C ASP A 47 -11.20 15.39 -3.73
N LYS A 48 -11.01 14.90 -4.96
CA LYS A 48 -12.00 15.10 -6.01
C LYS A 48 -13.37 14.57 -5.60
N SER A 49 -14.42 15.25 -6.04
CA SER A 49 -15.78 14.85 -5.72
C SER A 49 -16.09 13.46 -6.29
N MET B 1 5.60 5.56 17.77
CA MET B 1 5.09 4.17 17.86
C MET B 1 5.43 3.37 16.61
N GLN B 2 5.52 2.05 16.78
CA GLN B 2 5.85 1.15 15.68
C GLN B 2 4.73 1.13 14.64
N ILE B 3 5.11 0.91 13.38
CA ILE B 3 4.14 0.87 12.28
C ILE B 3 4.46 -0.30 11.34
N PHE B 4 3.43 -1.04 10.97
CA PHE B 4 3.59 -2.18 10.08
C PHE B 4 3.69 -1.74 8.62
N VAL B 5 4.55 -2.42 7.87
CA VAL B 5 4.75 -2.13 6.45
C VAL B 5 4.82 -3.42 5.65
N LYS B 6 3.66 -4.03 5.41
CA LYS B 6 3.59 -5.28 4.68
C LYS B 6 3.79 -5.04 3.18
N THR B 7 4.77 -5.75 2.61
CA THR B 7 5.06 -5.63 1.19
C THR B 7 4.01 -6.35 0.36
N LEU B 8 3.77 -5.83 -0.85
CA LEU B 8 2.79 -6.42 -1.76
C LEU B 8 3.03 -7.92 -1.91
N THR B 9 4.31 -8.30 -1.95
CA THR B 9 4.68 -9.71 -2.09
C THR B 9 4.28 -10.52 -0.86
N GLY B 10 4.77 -10.10 0.31
CA GLY B 10 4.45 -10.81 1.53
C GLY B 10 5.31 -10.38 2.71
N LYS B 11 6.60 -10.20 2.46
CA LYS B 11 7.55 -9.80 3.51
C LYS B 11 7.05 -8.57 4.27
N THR B 12 6.99 -8.68 5.60
CA THR B 12 6.54 -7.57 6.43
C THR B 12 7.72 -6.84 7.06
N ILE B 13 7.64 -5.52 7.09
CA ILE B 13 8.70 -4.70 7.67
C ILE B 13 8.13 -3.70 8.67
N THR B 14 8.72 -3.65 9.87
CA THR B 14 8.25 -2.74 10.91
C THR B 14 9.21 -1.57 11.11
N LEU B 15 8.67 -0.37 11.21
CA LEU B 15 9.49 0.83 11.40
C LEU B 15 8.94 1.68 12.54
N GLU B 16 9.85 2.31 13.28
CA GLU B 16 9.48 3.16 14.41
C GLU B 16 9.30 4.61 13.97
N VAL B 17 8.16 5.22 14.31
CA VAL B 17 7.89 6.60 13.96
C VAL B 17 6.94 7.26 14.96
N GLU B 18 7.29 8.47 15.38
CA GLU B 18 6.46 9.22 16.34
C GLU B 18 5.12 9.58 15.72
N SER B 19 4.11 9.78 16.56
CA SER B 19 2.78 10.15 16.08
C SER B 19 2.85 11.34 15.15
N SER B 20 3.67 12.33 15.52
CA SER B 20 3.83 13.53 14.72
C SER B 20 4.96 13.38 13.70
N ASP B 21 5.12 12.17 13.17
CA ASP B 21 6.17 11.91 12.19
C ASP B 21 5.74 12.41 10.82
N THR B 22 5.88 11.57 9.79
CA THR B 22 5.50 11.96 8.43
C THR B 22 5.69 10.78 7.47
N ILE B 23 4.74 10.63 6.55
CA ILE B 23 4.79 9.55 5.57
C ILE B 23 6.12 9.55 4.82
N ASP B 24 6.60 10.75 4.48
CA ASP B 24 7.86 10.89 3.77
C ASP B 24 8.98 10.15 4.52
N ASN B 25 9.01 10.35 5.83
CA ASN B 25 10.03 9.71 6.67
C ASN B 25 9.90 8.20 6.58
N VAL B 26 8.66 7.71 6.56
CA VAL B 26 8.41 6.28 6.46
C VAL B 26 9.08 5.69 5.23
N LYS B 27 8.86 6.33 4.09
CA LYS B 27 9.45 5.88 2.83
C LYS B 27 10.97 5.93 2.91
N SER B 28 11.50 6.95 3.58
CA SER B 28 12.94 7.11 3.72
C SER B 28 13.55 5.88 4.40
N LYS B 29 12.97 5.48 5.52
CA LYS B 29 13.47 4.33 6.27
C LYS B 29 13.37 3.07 5.41
N ILE B 30 12.24 2.90 4.75
CA ILE B 30 12.02 1.74 3.89
C ILE B 30 13.09 1.68 2.80
N GLN B 31 13.44 2.85 2.28
CA GLN B 31 14.47 2.96 1.25
C GLN B 31 15.82 2.48 1.76
N ASP B 32 16.15 2.87 2.98
CA ASP B 32 17.42 2.49 3.58
C ASP B 32 17.51 0.97 3.77
N LYS B 33 16.43 0.37 4.26
CA LYS B 33 16.41 -1.07 4.50
C LYS B 33 16.42 -1.88 3.21
N GLU B 34 15.34 -1.79 2.45
CA GLU B 34 15.21 -2.54 1.19
C GLU B 34 16.15 -2.02 0.11
N GLY B 35 16.25 -0.69 0.00
CA GLY B 35 17.11 -0.10 -1.02
C GLY B 35 16.38 0.07 -2.33
N ILE B 36 15.12 0.50 -2.27
CA ILE B 36 14.31 0.71 -3.44
C ILE B 36 13.98 2.19 -3.63
N PRO B 37 14.12 2.71 -4.86
CA PRO B 37 13.83 4.12 -5.15
C PRO B 37 12.46 4.54 -4.65
N PRO B 38 12.34 5.76 -4.09
CA PRO B 38 11.08 6.28 -3.55
C PRO B 38 9.99 6.39 -4.61
N ASP B 39 10.38 6.80 -5.81
CA ASP B 39 9.44 6.96 -6.91
C ASP B 39 8.69 5.66 -7.20
N GLN B 40 9.42 4.55 -7.27
CA GLN B 40 8.83 3.25 -7.55
C GLN B 40 7.91 2.79 -6.41
N GLN B 41 8.48 2.70 -5.21
CA GLN B 41 7.72 2.27 -4.04
C GLN B 41 6.59 3.24 -3.74
N ARG B 42 5.44 2.69 -3.31
CA ARG B 42 4.28 3.52 -2.99
C ARG B 42 3.54 2.96 -1.78
N LEU B 43 3.32 3.83 -0.79
CA LEU B 43 2.62 3.44 0.44
C LEU B 43 1.11 3.51 0.25
N ILE B 44 0.41 2.49 0.77
CA ILE B 44 -1.05 2.44 0.67
C ILE B 44 -1.68 2.22 2.04
N PHE B 45 -2.81 2.88 2.25
CA PHE B 45 -3.54 2.79 3.51
C PHE B 45 -4.95 3.34 3.33
N ALA B 46 -5.90 2.81 4.10
CA ALA B 46 -7.27 3.25 4.01
C ALA B 46 -7.79 3.16 2.58
N GLY B 47 -7.30 2.15 1.86
CA GLY B 47 -7.72 1.94 0.48
C GLY B 47 -7.24 3.03 -0.47
N LYS B 48 -6.07 3.61 -0.20
CA LYS B 48 -5.53 4.65 -1.08
C LYS B 48 -4.11 5.03 -0.67
N GLN B 49 -3.27 5.36 -1.66
CA GLN B 49 -1.88 5.73 -1.40
C GLN B 49 -1.80 6.94 -0.47
N LEU B 50 -0.98 6.83 0.56
CA LEU B 50 -0.79 7.91 1.53
C LEU B 50 0.10 9.01 0.94
N GLU B 51 -0.32 10.26 1.13
CA GLU B 51 0.43 11.41 0.63
C GLU B 51 1.74 11.58 1.41
N ASP B 52 2.82 11.80 0.69
CA ASP B 52 4.13 11.98 1.30
C ASP B 52 4.20 13.28 2.08
N GLY B 53 4.92 13.27 3.21
CA GLY B 53 5.04 14.46 4.03
C GLY B 53 3.89 14.62 5.01
N ARG B 54 2.74 14.07 4.67
CA ARG B 54 1.57 14.16 5.53
C ARG B 54 1.79 13.42 6.84
N THR B 55 1.46 14.07 7.96
CA THR B 55 1.64 13.46 9.28
C THR B 55 0.68 12.30 9.53
N LEU B 56 1.13 11.34 10.33
CA LEU B 56 0.33 10.17 10.67
C LEU B 56 -1.01 10.57 11.30
N SER B 57 -0.95 11.53 12.22
CA SER B 57 -2.13 12.00 12.94
C SER B 57 -3.25 12.42 11.98
N ASP B 58 -2.88 13.00 10.85
CA ASP B 58 -3.85 13.45 9.86
C ASP B 58 -4.79 12.32 9.43
N TYR B 59 -4.22 11.20 9.02
CA TYR B 59 -5.03 10.06 8.60
C TYR B 59 -5.55 9.28 9.80
N ASN B 60 -5.43 9.88 10.99
CA ASN B 60 -5.88 9.23 12.22
C ASN B 60 -5.30 7.82 12.31
N ILE B 61 -4.07 7.68 11.85
CA ILE B 61 -3.39 6.39 11.85
C ILE B 61 -3.19 5.85 13.26
N GLN B 62 -3.68 4.63 13.48
CA GLN B 62 -3.56 3.97 14.78
C GLN B 62 -2.22 3.28 14.90
N LYS B 63 -1.70 3.21 16.12
CA LYS B 63 -0.42 2.57 16.38
C LYS B 63 -0.36 1.19 15.75
N GLU B 64 0.80 0.83 15.20
CA GLU B 64 1.00 -0.46 14.56
C GLU B 64 0.06 -0.62 13.36
N SER B 65 -0.09 0.45 12.60
CA SER B 65 -0.95 0.43 11.42
C SER B 65 -0.36 -0.46 10.33
N THR B 66 -1.22 -1.28 9.72
CA THR B 66 -0.79 -2.17 8.66
C THR B 66 -0.69 -1.45 7.32
N LEU B 67 0.45 -0.78 7.10
CA LEU B 67 0.68 -0.06 5.86
C LEU B 67 1.22 -1.00 4.79
N HIS B 68 0.62 -0.95 3.61
CA HIS B 68 1.04 -1.83 2.52
C HIS B 68 1.93 -1.10 1.52
N LEU B 69 3.09 -1.70 1.24
CA LEU B 69 4.03 -1.13 0.29
C LEU B 69 3.92 -1.84 -1.05
N VAL B 70 3.87 -1.09 -2.13
CA VAL B 70 3.77 -1.67 -3.46
C VAL B 70 4.70 -0.98 -4.45
N LEU B 71 5.49 -1.78 -5.15
CA LEU B 71 6.44 -1.27 -6.12
C LEU B 71 5.77 -0.96 -7.45
N ARG B 72 6.16 0.15 -8.07
CA ARG B 72 5.61 0.57 -9.34
C ARG B 72 6.06 -0.38 -10.46
N LEU B 73 7.37 -0.63 -10.50
CA LEU B 73 7.94 -1.51 -11.51
C LEU B 73 7.45 -2.94 -11.33
N ARG B 74 6.95 -3.55 -12.41
CA ARG B 74 6.44 -4.92 -12.36
C ARG B 74 5.44 -5.09 -11.22
N GLY B 75 5.59 -6.17 -10.45
CA GLY B 75 4.68 -6.42 -9.34
C GLY B 75 5.14 -7.56 -8.46
N GLY B 76 5.56 -8.65 -9.08
CA GLY B 76 6.03 -9.81 -8.32
C GLY B 76 6.44 -10.96 -9.21
#